data_9C6M
#
_entry.id   9C6M
#
_cell.length_a   103.401
_cell.length_b   86.048
_cell.length_c   114.311
_cell.angle_alpha   90.000
_cell.angle_beta   105.187
_cell.angle_gamma   90.000
#
_symmetry.space_group_name_H-M   'P 1 21 1'
#
loop_
_entity.id
_entity.type
_entity.pdbx_description
1 polymer 'RNA ligase1'
2 non-polymer "ADENOSINE-5'-TRIPHOSPHATE"
3 water water
#
_entity_poly.entity_id   1
_entity_poly.type   'polypeptide(L)'
_entity_poly.pdbx_seq_one_letter_code
;S(MSE)SD(MSE)NSESKSNTVSDK(MSE)CEVHDKISAILVCAHVKGTETEKAGRSGEKYLATNCLNPGLISAIQAGAR
VVPTA(MSE)TDGTCCRVFNGKIQKRRDIKPGREVPEGWIQTGSDEKSGHLIGF(MSE)DLEKGDKWHYDCHVKDPSSPS
GLDINKVLCITTNKAGDALVYEEVNIADLNGHTVEL(MSE)GPKFQSNPHGLKAHCL(MSE)RHGTVKLTDFPDLRDYVS
VDGAEPLKENALADIRNWFLNSKQGPHLEGVVLHLDNGE(MSE)YKLHRHHLDLEWSAKSARPLDQIPL
;
_entity_poly.pdbx_strand_id   A,B,C,D,E,F
#
loop_
_chem_comp.id
_chem_comp.type
_chem_comp.name
_chem_comp.formula
ATP non-polymer ADENOSINE-5'-TRIPHOSPHATE 'C10 H16 N5 O13 P3'
#
# COMPACT_ATOMS: atom_id res chain seq x y z
N LYS A 17 -16.81 -14.22 6.73
CA LYS A 17 -16.37 -13.74 8.03
C LYS A 17 -16.99 -12.39 8.37
N MSE A 18 -17.69 -11.81 7.40
CA MSE A 18 -18.35 -10.52 7.60
C MSE A 18 -19.82 -10.70 8.01
O MSE A 18 -20.37 -11.79 7.86
CB MSE A 18 -18.25 -9.66 6.34
CG MSE A 18 -16.82 -9.42 5.87
SE MSE A 18 -15.60 -8.84 7.27
CE MSE A 18 -16.05 -6.95 7.33
H MSE A 18 -17.81 -12.14 6.62
HA MSE A 18 -17.89 -10.05 8.32
HB2 MSE A 18 -18.74 -10.10 5.63
HB3 MSE A 18 -18.64 -8.79 6.53
HG2 MSE A 18 -16.47 -10.25 5.50
HG3 MSE A 18 -16.83 -8.73 5.19
HE1 MSE A 18 -15.62 -6.54 8.09
HE2 MSE A 18 -15.74 -6.54 6.51
HE3 MSE A 18 -17.01 -6.86 7.39
N CYS A 19 -20.42 -9.62 8.50
CA CYS A 19 -21.76 -9.69 9.07
C CYS A 19 -22.81 -9.72 7.95
N GLU A 20 -24.07 -9.93 8.36
CA GLU A 20 -25.21 -9.94 7.48
C GLU A 20 -26.12 -8.78 7.80
N VAL A 21 -26.63 -8.11 6.77
CA VAL A 21 -27.56 -6.99 6.95
C VAL A 21 -28.95 -7.58 7.12
N HIS A 22 -29.41 -7.68 8.37
CA HIS A 22 -30.73 -8.18 8.68
C HIS A 22 -31.58 -7.20 9.47
N ASP A 23 -31.01 -6.08 9.91
CA ASP A 23 -31.74 -5.05 10.63
C ASP A 23 -31.22 -3.69 10.20
N LYS A 24 -31.81 -2.63 10.74
CA LYS A 24 -31.27 -1.29 10.55
C LYS A 24 -29.94 -1.17 11.27
N ILE A 25 -28.99 -0.47 10.65
CA ILE A 25 -27.63 -0.36 11.17
C ILE A 25 -27.51 0.96 11.93
N SER A 26 -27.07 0.88 13.18
CA SER A 26 -26.90 2.06 14.01
C SER A 26 -25.73 2.91 13.51
N ALA A 27 -25.66 4.14 14.00
CA ALA A 27 -24.64 5.09 13.57
C ALA A 27 -23.40 4.98 14.45
N ILE A 28 -22.24 5.06 13.81
CA ILE A 28 -20.98 5.01 14.55
C ILE A 28 -20.95 6.11 15.61
N LEU A 29 -21.36 7.31 15.24
CA LEU A 29 -21.35 8.46 16.12
C LEU A 29 -22.77 8.90 16.42
N VAL A 30 -23.01 9.33 17.66
CA VAL A 30 -24.31 9.86 18.04
C VAL A 30 -24.68 10.99 17.09
N CYS A 31 -25.87 10.93 16.52
CA CYS A 31 -26.32 11.93 15.57
C CYS A 31 -27.36 12.85 16.20
N ALA A 32 -27.44 14.06 15.67
CA ALA A 32 -28.34 15.09 16.16
C ALA A 32 -29.28 15.49 15.04
N HIS A 33 -30.54 15.75 15.41
CA HIS A 33 -31.54 16.16 14.43
C HIS A 33 -31.43 17.66 14.17
N VAL A 34 -31.68 18.05 12.92
CA VAL A 34 -31.66 19.47 12.55
C VAL A 34 -32.78 19.78 11.57
N LYS A 48 -32.94 16.38 9.02
CA LYS A 48 -31.56 15.97 8.76
C LYS A 48 -30.92 15.43 10.04
N TYR A 49 -30.15 14.37 9.90
CA TYR A 49 -29.37 13.79 11.00
C TYR A 49 -27.90 14.06 10.74
N LEU A 50 -27.25 14.79 11.64
CA LEU A 50 -25.83 15.06 11.54
C LEU A 50 -25.09 14.36 12.67
N ALA A 51 -23.98 13.72 12.33
CA ALA A 51 -23.13 13.11 13.34
C ALA A 51 -22.52 14.17 14.24
N THR A 52 -22.30 13.81 15.49
CA THR A 52 -21.59 14.62 16.46
C THR A 52 -20.34 13.87 16.92
N ASN A 53 -19.57 14.50 17.79
CA ASN A 53 -18.30 13.92 18.25
C ASN A 53 -18.49 12.99 19.44
N CYS A 54 -19.52 12.15 19.41
CA CYS A 54 -19.77 11.19 20.47
C CYS A 54 -20.00 9.82 19.85
N LEU A 55 -19.28 8.82 20.35
CA LEU A 55 -19.40 7.47 19.81
C LEU A 55 -20.66 6.79 20.34
N ASN A 56 -21.20 5.89 19.53
CA ASN A 56 -22.41 5.18 19.90
C ASN A 56 -22.16 4.41 21.20
N PRO A 57 -23.03 4.55 22.21
CA PRO A 57 -22.83 3.76 23.44
C PRO A 57 -22.59 2.28 23.18
N GLY A 58 -23.36 1.68 22.26
CA GLY A 58 -23.18 0.26 21.98
C GLY A 58 -21.80 -0.04 21.41
N LEU A 59 -21.29 0.83 20.55
CA LEU A 59 -19.94 0.65 20.01
C LEU A 59 -18.90 0.80 21.11
N ILE A 60 -19.08 1.79 21.99
CA ILE A 60 -18.21 1.92 23.16
C ILE A 60 -18.21 0.62 23.96
N SER A 61 -19.41 0.13 24.30
CA SER A 61 -19.52 -1.11 25.06
C SER A 61 -18.84 -2.27 24.34
N ALA A 62 -19.08 -2.40 23.03
CA ALA A 62 -18.52 -3.52 22.29
C ALA A 62 -17.00 -3.43 22.20
N ILE A 63 -16.47 -2.21 22.04
CA ILE A 63 -15.01 -2.06 21.95
C ILE A 63 -14.37 -2.32 23.31
N GLN A 64 -15.05 -1.97 24.40
CA GLN A 64 -14.53 -2.25 25.73
C GLN A 64 -14.67 -3.71 26.10
N ALA A 65 -15.67 -4.40 25.54
CA ALA A 65 -15.88 -5.82 25.80
C ALA A 65 -14.90 -6.71 25.03
N GLY A 66 -14.04 -6.12 24.18
CA GLY A 66 -13.04 -6.89 23.48
C GLY A 66 -13.52 -7.37 22.12
N ALA A 67 -13.99 -6.45 21.29
CA ALA A 67 -14.51 -6.76 19.96
C ALA A 67 -13.59 -6.17 18.90
N ARG A 68 -13.33 -6.95 17.86
CA ARG A 68 -12.58 -6.45 16.70
C ARG A 68 -13.52 -5.64 15.82
N VAL A 69 -13.01 -4.52 15.31
CA VAL A 69 -13.77 -3.62 14.45
C VAL A 69 -13.06 -3.54 13.11
N VAL A 70 -13.77 -3.89 12.05
CA VAL A 70 -13.25 -3.92 10.69
C VAL A 70 -13.98 -2.85 9.88
N PRO A 71 -13.34 -1.76 9.49
CA PRO A 71 -14.03 -0.77 8.63
C PRO A 71 -14.17 -1.28 7.21
N THR A 72 -15.40 -1.26 6.71
CA THR A 72 -15.71 -1.65 5.34
C THR A 72 -16.29 -0.47 4.59
N ALA A 73 -16.40 -0.64 3.28
CA ALA A 73 -16.94 0.40 2.40
C ALA A 73 -18.44 0.24 2.29
N MSE A 74 -19.16 1.35 2.47
CA MSE A 74 -20.59 1.37 2.20
C MSE A 74 -20.78 1.76 0.74
O MSE A 74 -20.22 2.75 0.27
CB MSE A 74 -21.33 2.35 3.10
CG MSE A 74 -22.83 2.41 2.84
SE MSE A 74 -23.74 3.75 3.93
CE MSE A 74 -25.57 3.45 3.31
H MSE A 74 -18.84 2.10 2.75
HA MSE A 74 -20.98 0.50 2.38
HB2 MSE A 74 -21.20 2.08 4.02
HB3 MSE A 74 -20.97 3.23 2.96
HG2 MSE A 74 -22.98 2.64 1.91
HG3 MSE A 74 -23.22 1.54 3.03
HE1 MSE A 74 -26.17 4.05 3.79
HE2 MSE A 74 -25.62 3.63 2.36
HE3 MSE A 74 -25.82 2.53 3.49
N THR A 75 -21.58 0.98 0.03
CA THR A 75 -21.83 1.20 -1.39
C THR A 75 -23.33 1.34 -1.63
N ASP A 76 -23.68 2.13 -2.64
CA ASP A 76 -25.05 2.61 -2.83
C ASP A 76 -25.77 1.78 -3.89
N GLY A 77 -26.62 0.87 -3.43
CA GLY A 77 -27.52 0.14 -4.32
C GLY A 77 -28.79 -0.20 -3.60
N THR A 78 -29.30 -1.40 -3.83
CA THR A 78 -30.48 -1.91 -3.14
C THR A 78 -30.08 -3.16 -2.38
N CYS A 79 -30.52 -3.25 -1.12
CA CYS A 79 -30.13 -4.36 -0.26
C CYS A 79 -30.80 -5.64 -0.74
N CYS A 80 -29.99 -6.66 -1.00
CA CYS A 80 -30.46 -7.97 -1.42
C CYS A 80 -29.73 -9.04 -0.62
N ARG A 81 -30.05 -10.29 -0.90
CA ARG A 81 -29.31 -11.41 -0.32
C ARG A 81 -29.57 -12.64 -1.18
N VAL A 82 -28.66 -13.60 -1.08
CA VAL A 82 -28.79 -14.88 -1.78
C VAL A 82 -29.28 -15.89 -0.74
N PHE A 83 -30.58 -16.15 -0.75
CA PHE A 83 -31.19 -17.13 0.14
C PHE A 83 -31.47 -18.41 -0.67
N ASN A 84 -31.05 -19.55 -0.14
CA ASN A 84 -31.06 -20.79 -0.90
C ASN A 84 -30.17 -20.63 -2.13
N GLY A 85 -30.78 -20.47 -3.30
CA GLY A 85 -30.02 -20.25 -4.52
C GLY A 85 -30.58 -19.13 -5.35
N LYS A 86 -31.46 -18.33 -4.76
CA LYS A 86 -32.13 -17.25 -5.44
C LYS A 86 -31.73 -15.91 -4.83
N ILE A 87 -31.77 -14.87 -5.65
CA ILE A 87 -31.68 -13.51 -5.12
C ILE A 87 -32.95 -13.19 -4.37
N GLN A 88 -32.83 -12.51 -3.24
CA GLN A 88 -33.96 -12.02 -2.48
C GLN A 88 -33.80 -10.52 -2.27
N LYS A 89 -34.86 -9.77 -2.56
CA LYS A 89 -34.87 -8.34 -2.34
C LYS A 89 -35.44 -8.04 -0.96
N ARG A 90 -34.93 -6.98 -0.34
CA ARG A 90 -35.41 -6.56 0.96
C ARG A 90 -36.73 -5.82 0.79
N ARG A 91 -37.61 -6.00 1.77
CA ARG A 91 -38.83 -5.21 1.82
C ARG A 91 -39.19 -4.98 3.28
N ASP A 92 -39.38 -3.73 3.64
CA ASP A 92 -39.81 -3.35 4.99
C ASP A 92 -41.31 -3.17 5.00
N ILE A 93 -41.93 -3.50 6.13
CA ILE A 93 -43.37 -3.48 6.28
C ILE A 93 -43.73 -2.69 7.54
N LYS A 94 -44.82 -1.94 7.47
CA LYS A 94 -45.36 -1.28 8.66
C LYS A 94 -46.25 -2.25 9.42
N PRO A 95 -46.10 -2.39 10.74
CA PRO A 95 -46.79 -3.47 11.46
C PRO A 95 -48.28 -3.57 11.15
N GLY A 96 -48.92 -2.47 10.79
CA GLY A 96 -50.33 -2.51 10.46
C GLY A 96 -50.59 -2.71 8.98
N ARG A 97 -49.88 -3.65 8.36
CA ARG A 97 -49.98 -3.88 6.93
C ARG A 97 -50.02 -5.39 6.69
N GLU A 98 -49.91 -5.77 5.41
CA GLU A 98 -50.04 -7.16 4.98
C GLU A 98 -48.68 -7.70 4.57
N VAL A 99 -48.41 -8.95 4.94
CA VAL A 99 -47.14 -9.61 4.66
C VAL A 99 -47.26 -10.27 3.28
N PRO A 100 -46.37 -9.96 2.33
CA PRO A 100 -46.40 -10.65 1.04
C PRO A 100 -45.98 -12.11 1.18
N GLU A 101 -46.47 -12.94 0.27
CA GLU A 101 -46.10 -14.35 0.25
C GLU A 101 -44.59 -14.50 0.15
N GLY A 102 -44.05 -15.48 0.87
CA GLY A 102 -42.63 -15.75 0.88
C GLY A 102 -41.79 -14.75 1.66
N TRP A 103 -42.40 -13.69 2.17
CA TRP A 103 -41.65 -12.69 2.94
C TRP A 103 -41.08 -13.32 4.20
N ILE A 104 -39.85 -12.94 4.52
CA ILE A 104 -39.11 -13.49 5.66
C ILE A 104 -38.60 -12.32 6.49
N GLN A 105 -39.15 -12.15 7.69
CA GLN A 105 -38.67 -11.12 8.60
C GLN A 105 -37.25 -11.45 9.05
N THR A 106 -36.42 -10.42 9.16
CA THR A 106 -35.07 -10.55 9.67
C THR A 106 -34.72 -9.58 10.79
N GLY A 107 -35.45 -8.49 10.94
CA GLY A 107 -35.18 -7.55 12.00
C GLY A 107 -36.33 -6.59 12.18
N SER A 108 -36.10 -5.57 13.01
CA SER A 108 -37.15 -4.60 13.31
C SER A 108 -36.54 -3.27 13.69
N ASP A 109 -37.01 -2.21 13.02
CA ASP A 109 -36.61 -0.85 13.34
C ASP A 109 -37.44 -0.33 14.50
N GLU A 110 -36.83 0.57 15.28
CA GLU A 110 -37.49 1.17 16.43
C GLU A 110 -37.97 2.59 16.15
N LYS A 111 -37.09 3.45 15.61
CA LYS A 111 -37.51 4.79 15.23
C LYS A 111 -38.77 4.75 14.38
N SER A 112 -38.71 4.02 13.26
CA SER A 112 -39.84 3.91 12.36
C SER A 112 -40.79 2.78 12.73
N GLY A 113 -40.34 1.82 13.53
CA GLY A 113 -41.19 0.69 13.88
C GLY A 113 -41.50 -0.24 12.75
N HIS A 114 -40.71 -0.19 11.66
CA HIS A 114 -40.96 -1.03 10.50
C HIS A 114 -40.40 -2.43 10.70
N LEU A 115 -41.00 -3.39 10.00
CA LEU A 115 -40.51 -4.77 9.99
C LEU A 115 -39.51 -4.92 8.85
N ILE A 116 -38.32 -5.43 9.16
CA ILE A 116 -37.26 -5.62 8.18
C ILE A 116 -37.29 -7.07 7.72
N GLY A 117 -37.21 -7.28 6.41
CA GLY A 117 -37.30 -8.63 5.90
C GLY A 117 -36.85 -8.71 4.45
N PHE A 118 -37.06 -9.90 3.87
CA PHE A 118 -36.61 -10.18 2.52
C PHE A 118 -37.68 -10.96 1.77
N MSE A 119 -37.50 -11.05 0.46
CA MSE A 119 -38.53 -11.53 -0.45
C MSE A 119 -37.94 -12.19 -1.69
O MSE A 119 -36.93 -11.73 -2.19
CB MSE A 119 -39.41 -10.37 -0.90
CG MSE A 119 -40.81 -10.37 -0.39
SE MSE A 119 -41.72 -8.81 -1.14
CE MSE A 119 -42.32 -9.59 -2.83
H MSE A 119 -36.77 -10.85 0.06
HA MSE A 119 -39.06 -12.18 0.04
HB2 MSE A 119 -38.99 -9.55 -0.60
HB3 MSE A 119 -39.45 -10.39 -1.87
HG2 MSE A 119 -41.27 -11.17 -0.67
HG3 MSE A 119 -40.82 -10.30 0.58
HE1 MSE A 119 -42.90 -8.96 -3.27
HE2 MSE A 119 -41.54 -9.76 -3.39
HE3 MSE A 119 -42.79 -10.41 -2.64
N ASP A 120 -38.61 -13.22 -2.21
CA ASP A 120 -38.29 -13.69 -3.54
C ASP A 120 -38.64 -12.60 -4.56
N LEU A 121 -37.84 -12.51 -5.61
CA LEU A 121 -38.06 -11.48 -6.62
C LEU A 121 -39.41 -11.67 -7.31
N GLU A 122 -40.00 -10.57 -7.74
CA GLU A 122 -41.27 -10.59 -8.45
C GLU A 122 -41.05 -10.42 -9.95
N LYS A 123 -42.05 -10.82 -10.74
CA LYS A 123 -41.93 -10.85 -12.19
C LYS A 123 -41.53 -9.51 -12.78
N GLY A 124 -41.76 -8.41 -12.06
CA GLY A 124 -41.43 -7.10 -12.58
C GLY A 124 -40.03 -6.62 -12.28
N ASP A 125 -39.28 -7.34 -11.45
CA ASP A 125 -37.94 -6.90 -11.04
C ASP A 125 -36.93 -7.17 -12.15
N LYS A 126 -37.16 -6.51 -13.29
CA LYS A 126 -36.33 -6.73 -14.47
C LYS A 126 -34.85 -6.56 -14.16
N TRP A 127 -34.50 -5.52 -13.40
CA TRP A 127 -33.10 -5.19 -13.18
C TRP A 127 -32.47 -5.94 -12.03
N HIS A 128 -33.27 -6.50 -11.11
CA HIS A 128 -32.73 -7.47 -10.17
C HIS A 128 -32.32 -8.74 -10.90
N TYR A 129 -33.22 -9.26 -11.75
CA TYR A 129 -32.88 -10.42 -12.57
C TYR A 129 -31.73 -10.14 -13.51
N ASP A 130 -31.56 -8.87 -13.91
CA ASP A 130 -30.59 -8.54 -14.95
C ASP A 130 -29.14 -8.70 -14.50
N CYS A 131 -28.89 -8.97 -13.23
CA CYS A 131 -27.53 -9.27 -12.80
C CYS A 131 -27.17 -10.73 -13.01
N HIS A 132 -28.13 -11.57 -13.42
CA HIS A 132 -27.81 -12.93 -13.83
C HIS A 132 -27.15 -12.93 -15.20
N VAL A 133 -26.26 -13.91 -15.40
CA VAL A 133 -25.59 -14.05 -16.68
C VAL A 133 -26.60 -14.47 -17.73
N LYS A 134 -26.58 -13.81 -18.89
CA LYS A 134 -27.51 -14.16 -19.96
C LYS A 134 -27.12 -15.50 -20.56
N ASP A 135 -28.15 -16.24 -21.01
CA ASP A 135 -27.99 -17.67 -21.34
C ASP A 135 -28.90 -18.03 -22.50
N PRO A 136 -28.36 -18.05 -23.73
CA PRO A 136 -29.21 -18.40 -24.88
C PRO A 136 -29.88 -19.77 -24.75
N SER A 137 -29.36 -20.65 -23.91
CA SER A 137 -29.91 -21.99 -23.77
C SER A 137 -30.96 -22.11 -22.68
N SER A 138 -31.43 -20.99 -22.14
CA SER A 138 -32.43 -21.01 -21.08
C SER A 138 -33.77 -20.51 -21.59
N PRO A 139 -34.88 -21.16 -21.22
CA PRO A 139 -36.20 -20.69 -21.67
C PRO A 139 -36.50 -19.25 -21.29
N SER A 140 -35.69 -18.63 -20.44
CA SER A 140 -35.87 -17.23 -20.09
C SER A 140 -34.70 -16.35 -20.50
N GLY A 141 -33.64 -16.93 -21.06
CA GLY A 141 -32.46 -16.17 -21.39
C GLY A 141 -31.57 -15.82 -20.23
N LEU A 142 -31.77 -16.45 -19.06
CA LEU A 142 -30.97 -16.20 -17.88
C LEU A 142 -30.43 -17.51 -17.36
N ASP A 143 -29.13 -17.56 -17.06
CA ASP A 143 -28.58 -18.64 -16.25
C ASP A 143 -28.86 -18.27 -14.79
N ILE A 144 -29.83 -18.95 -14.18
CA ILE A 144 -30.29 -18.58 -12.85
C ILE A 144 -29.33 -19.01 -11.76
N ASN A 145 -28.28 -19.76 -12.10
CA ASN A 145 -27.25 -20.15 -11.14
C ASN A 145 -25.96 -19.36 -11.30
N LYS A 146 -26.00 -18.29 -12.10
CA LYS A 146 -24.80 -17.51 -12.42
C LYS A 146 -25.16 -16.03 -12.33
N VAL A 147 -24.43 -15.28 -11.51
CA VAL A 147 -24.64 -13.85 -11.37
C VAL A 147 -23.31 -13.12 -11.61
N LEU A 148 -23.42 -11.91 -12.13
CA LEU A 148 -22.28 -11.01 -12.18
C LEU A 148 -22.10 -10.34 -10.83
N CYS A 149 -20.87 -10.33 -10.31
CA CYS A 149 -20.58 -9.68 -9.06
C CYS A 149 -19.26 -8.93 -9.19
N ILE A 150 -19.10 -7.89 -8.37
CA ILE A 150 -17.86 -7.14 -8.28
C ILE A 150 -17.21 -7.51 -6.96
N THR A 151 -15.97 -7.98 -7.03
CA THR A 151 -15.27 -8.50 -5.87
C THR A 151 -13.81 -8.09 -5.94
N THR A 152 -13.07 -8.40 -4.88
CA THR A 152 -11.65 -8.11 -4.83
C THR A 152 -10.89 -9.16 -5.65
N ASN A 153 -9.86 -8.70 -6.36
CA ASN A 153 -9.09 -9.58 -7.24
C ASN A 153 -8.10 -10.40 -6.42
N LYS A 154 -7.38 -11.28 -7.11
CA LYS A 154 -6.47 -12.22 -6.44
C LYS A 154 -5.52 -11.49 -5.49
N ALA A 155 -4.77 -10.51 -6.03
CA ALA A 155 -3.82 -9.78 -5.20
C ALA A 155 -4.53 -9.06 -4.06
N GLY A 156 -5.63 -8.41 -4.34
CA GLY A 156 -6.31 -7.58 -3.37
C GLY A 156 -6.03 -6.10 -3.51
N ASP A 157 -5.52 -5.65 -4.66
CA ASP A 157 -5.20 -4.25 -4.89
C ASP A 157 -6.22 -3.55 -5.78
N ALA A 158 -7.24 -4.26 -6.25
CA ALA A 158 -8.23 -3.66 -7.11
C ALA A 158 -9.49 -4.52 -7.12
N LEU A 159 -10.58 -3.91 -7.56
CA LEU A 159 -11.83 -4.62 -7.77
C LEU A 159 -11.90 -5.10 -9.22
N VAL A 160 -12.56 -6.24 -9.40
CA VAL A 160 -12.80 -6.79 -10.73
C VAL A 160 -14.24 -7.30 -10.79
N TYR A 161 -14.84 -7.18 -11.98
CA TYR A 161 -16.10 -7.84 -12.26
C TYR A 161 -15.83 -9.31 -12.55
N GLU A 162 -16.73 -10.18 -12.10
CA GLU A 162 -16.53 -11.61 -12.23
C GLU A 162 -17.87 -12.32 -12.25
N GLU A 163 -18.01 -13.28 -13.19
CA GLU A 163 -19.19 -14.13 -13.24
C GLU A 163 -18.98 -15.30 -12.28
N VAL A 164 -19.86 -15.42 -11.28
CA VAL A 164 -19.70 -16.42 -10.24
C VAL A 164 -20.95 -17.29 -10.16
N ASN A 165 -20.79 -18.45 -9.54
CA ASN A 165 -21.92 -19.31 -9.24
C ASN A 165 -22.67 -18.73 -8.04
N ILE A 166 -23.96 -18.46 -8.22
CA ILE A 166 -24.73 -17.78 -7.18
C ILE A 166 -24.64 -18.53 -5.87
N ALA A 167 -24.43 -19.84 -5.91
CA ALA A 167 -24.34 -20.63 -4.68
C ALA A 167 -23.22 -20.15 -3.79
N ASP A 168 -22.16 -19.58 -4.36
CA ASP A 168 -21.06 -19.09 -3.53
C ASP A 168 -21.51 -17.95 -2.63
N LEU A 169 -22.52 -17.20 -3.07
CA LEU A 169 -23.08 -16.11 -2.28
C LEU A 169 -24.24 -16.55 -1.39
N ASN A 170 -24.66 -17.81 -1.50
CA ASN A 170 -25.80 -18.30 -0.72
C ASN A 170 -25.60 -18.01 0.76
N GLY A 171 -26.66 -17.51 1.39
CA GLY A 171 -26.65 -17.20 2.80
C GLY A 171 -26.15 -15.82 3.16
N HIS A 172 -25.67 -15.04 2.20
CA HIS A 172 -25.05 -13.75 2.46
C HIS A 172 -25.89 -12.61 1.90
N THR A 173 -25.77 -11.44 2.53
CA THR A 173 -26.42 -10.24 2.04
C THR A 173 -25.47 -9.51 1.10
N VAL A 174 -26.04 -8.97 0.02
CA VAL A 174 -25.27 -8.31 -1.02
C VAL A 174 -25.94 -6.99 -1.37
N GLU A 175 -25.16 -6.07 -1.91
CA GLU A 175 -25.67 -4.82 -2.44
C GLU A 175 -25.76 -4.96 -3.95
N LEU A 176 -26.97 -4.83 -4.48
CA LEU A 176 -27.20 -4.88 -5.93
C LEU A 176 -27.06 -3.46 -6.48
N MSE A 177 -26.21 -3.31 -7.49
CA MSE A 177 -25.88 -1.98 -8.00
C MSE A 177 -25.89 -1.93 -9.52
O MSE A 177 -26.03 -2.96 -10.17
CB MSE A 177 -24.51 -1.55 -7.48
CG MSE A 177 -24.33 -1.66 -5.99
SE MSE A 177 -22.46 -1.46 -5.49
CE MSE A 177 -21.73 -3.13 -6.20
H MSE A 177 -25.82 -3.94 -7.89
HA MSE A 177 -26.55 -1.36 -7.67
HB2 MSE A 177 -23.84 -2.12 -7.91
HB3 MSE A 177 -24.36 -0.62 -7.73
HG2 MSE A 177 -24.85 -0.97 -5.55
HG3 MSE A 177 -24.63 -2.54 -5.70
HE1 MSE A 177 -20.78 -3.17 -6.00
HE2 MSE A 177 -22.19 -3.87 -5.78
HE3 MSE A 177 -21.87 -3.15 -7.16
N GLY A 178 -25.73 -0.72 -10.07
CA GLY A 178 -25.60 -0.54 -11.49
C GLY A 178 -26.48 0.55 -12.05
N PRO A 179 -26.58 0.60 -13.39
CA PRO A 179 -27.31 1.68 -14.06
C PRO A 179 -28.66 2.05 -13.46
N LYS A 180 -29.51 1.07 -13.16
CA LYS A 180 -30.89 1.33 -12.80
C LYS A 180 -31.13 1.34 -11.29
N PHE A 181 -30.08 1.54 -10.50
CA PHE A 181 -30.20 1.59 -9.04
C PHE A 181 -29.50 2.83 -8.53
N GLN A 182 -30.29 3.77 -7.98
CA GLN A 182 -29.81 5.01 -7.40
C GLN A 182 -29.07 5.90 -8.40
N SER A 183 -29.30 5.70 -9.69
CA SER A 183 -28.69 6.50 -10.75
C SER A 183 -27.19 6.20 -10.89
N ASN A 184 -26.79 4.97 -10.58
CA ASN A 184 -25.43 4.49 -10.82
C ASN A 184 -24.39 5.51 -10.35
N PRO A 185 -24.42 5.89 -9.07
CA PRO A 185 -23.39 6.83 -8.57
C PRO A 185 -21.99 6.27 -8.65
N HIS A 186 -21.84 4.95 -8.71
CA HIS A 186 -20.53 4.31 -8.74
C HIS A 186 -20.02 4.09 -10.15
N GLY A 187 -20.76 4.52 -11.17
CA GLY A 187 -20.28 4.39 -12.53
C GLY A 187 -20.02 2.97 -12.97
N LEU A 188 -20.77 2.01 -12.42
CA LEU A 188 -20.59 0.62 -12.81
C LEU A 188 -21.06 0.40 -14.24
N LYS A 189 -20.37 -0.51 -14.93
CA LYS A 189 -20.66 -0.81 -16.33
C LYS A 189 -21.77 -1.84 -16.51
N ALA A 190 -22.36 -2.34 -15.43
CA ALA A 190 -23.39 -3.37 -15.56
C ALA A 190 -23.97 -3.65 -14.18
N HIS A 191 -25.17 -4.24 -14.17
CA HIS A 191 -25.82 -4.61 -12.92
C HIS A 191 -25.10 -5.80 -12.29
N CYS A 192 -24.66 -5.64 -11.04
CA CYS A 192 -23.85 -6.64 -10.39
C CYS A 192 -24.18 -6.67 -8.89
N LEU A 193 -23.66 -7.70 -8.23
CA LEU A 193 -23.81 -7.88 -6.80
C LEU A 193 -22.45 -7.71 -6.11
N MSE A 194 -22.48 -7.22 -4.87
CA MSE A 194 -21.27 -7.17 -4.06
C MSE A 194 -21.58 -7.66 -2.65
O MSE A 194 -22.53 -7.21 -2.03
CB MSE A 194 -20.69 -5.76 -4.01
CG MSE A 194 -19.40 -5.67 -3.20
SE MSE A 194 -18.74 -3.85 -2.93
CE MSE A 194 -17.33 -3.84 -4.27
H MSE A 194 -23.19 -6.91 -4.49
HA MSE A 194 -20.61 -7.74 -4.47
HB2 MSE A 194 -20.49 -5.47 -4.92
HB3 MSE A 194 -21.34 -5.17 -3.61
HG2 MSE A 194 -19.57 -6.06 -2.32
HG3 MSE A 194 -18.71 -6.17 -3.66
HE1 MSE A 194 -16.69 -3.15 -4.04
HE2 MSE A 194 -16.91 -4.70 -4.30
HE3 MSE A 194 -17.72 -3.64 -5.14
N ARG A 195 -20.76 -8.57 -2.16
CA ARG A 195 -20.91 -9.03 -0.78
C ARG A 195 -20.60 -7.88 0.17
N HIS A 196 -21.50 -7.65 1.13
CA HIS A 196 -21.28 -6.61 2.12
C HIS A 196 -20.02 -6.90 2.92
N GLY A 197 -19.17 -5.89 3.05
CA GLY A 197 -17.89 -6.04 3.74
C GLY A 197 -16.73 -6.42 2.86
N THR A 198 -16.94 -6.55 1.56
CA THR A 198 -15.87 -6.97 0.66
C THR A 198 -14.70 -5.99 0.70
N VAL A 199 -14.99 -4.70 0.51
CA VAL A 199 -13.96 -3.68 0.44
C VAL A 199 -13.58 -3.30 1.87
N LYS A 200 -12.44 -3.78 2.35
CA LYS A 200 -11.93 -3.39 3.65
C LYS A 200 -11.18 -2.07 3.51
N LEU A 201 -11.51 -1.12 4.37
CA LEU A 201 -10.91 0.21 4.29
C LEU A 201 -9.51 0.21 4.89
N THR A 202 -8.66 1.06 4.32
CA THR A 202 -7.30 1.27 4.81
C THR A 202 -7.18 2.70 5.31
N ASP A 203 -6.35 2.88 6.33
CA ASP A 203 -6.13 4.18 6.96
C ASP A 203 -7.42 4.79 7.50
N PHE A 204 -8.42 3.97 7.77
CA PHE A 204 -9.61 4.52 8.43
C PHE A 204 -9.41 4.56 9.94
N PRO A 205 -9.78 5.66 10.60
CA PRO A 205 -9.49 5.79 12.03
C PRO A 205 -9.89 4.53 12.82
N ASP A 206 -8.95 4.04 13.62
CA ASP A 206 -9.21 2.94 14.55
C ASP A 206 -9.99 3.49 15.72
N LEU A 207 -11.30 3.25 15.74
CA LEU A 207 -12.20 3.85 16.72
C LEU A 207 -11.98 3.33 18.13
N ARG A 208 -10.93 2.55 18.40
CA ARG A 208 -10.57 2.21 19.76
C ARG A 208 -9.78 3.33 20.43
N ASP A 209 -9.12 4.18 19.65
CA ASP A 209 -8.38 5.32 20.18
C ASP A 209 -9.30 6.43 20.67
N TYR A 210 -10.62 6.26 20.54
CA TYR A 210 -11.60 7.23 21.01
C TYR A 210 -12.47 6.66 22.13
N VAL A 211 -12.11 5.50 22.66
CA VAL A 211 -12.85 4.83 23.72
C VAL A 211 -11.99 4.79 24.98
N SER A 212 -12.63 4.98 26.13
CA SER A 212 -11.92 4.93 27.41
C SER A 212 -11.43 3.49 27.66
N VAL A 213 -10.12 3.32 27.75
CA VAL A 213 -9.51 2.01 27.88
C VAL A 213 -9.32 1.73 29.37
N ASP A 214 -10.18 0.88 29.93
CA ASP A 214 -10.07 0.43 31.31
C ASP A 214 -10.22 1.56 32.33
N GLY A 215 -10.52 2.77 31.86
CA GLY A 215 -10.76 3.87 32.78
C GLY A 215 -9.99 5.14 32.47
N ALA A 216 -9.10 5.09 31.49
CA ALA A 216 -8.21 6.20 31.18
C ALA A 216 -8.77 7.07 30.07
N GLU A 217 -8.28 8.30 30.01
CA GLU A 217 -8.67 9.20 28.93
C GLU A 217 -8.43 8.54 27.58
N PRO A 218 -9.38 8.63 26.64
CA PRO A 218 -9.11 8.10 25.30
C PRO A 218 -7.92 8.79 24.66
N LEU A 219 -7.28 8.09 23.74
CA LEU A 219 -6.05 8.59 23.13
C LEU A 219 -6.35 9.76 22.19
N LYS A 220 -7.47 9.70 21.48
CA LYS A 220 -7.86 10.72 20.51
C LYS A 220 -9.27 11.18 20.79
N GLU A 221 -9.56 12.42 20.41
CA GLU A 221 -10.76 13.13 20.85
C GLU A 221 -11.75 13.43 19.73
N ASN A 222 -11.28 13.77 18.52
CA ASN A 222 -12.18 14.22 17.46
C ASN A 222 -12.40 13.08 16.47
N ALA A 223 -13.33 12.20 16.82
CA ALA A 223 -13.71 11.14 15.90
C ALA A 223 -14.46 11.70 14.70
N LEU A 224 -15.33 12.69 14.93
CA LEU A 224 -16.08 13.28 13.83
C LEU A 224 -15.15 13.96 12.83
N ALA A 225 -14.21 14.77 13.33
CA ALA A 225 -13.31 15.50 12.44
C ALA A 225 -12.40 14.55 11.66
N ASP A 226 -11.84 13.55 12.34
CA ASP A 226 -10.91 12.64 11.67
C ASP A 226 -11.62 11.78 10.64
N ILE A 227 -12.84 11.34 10.93
CA ILE A 227 -13.60 10.54 9.98
C ILE A 227 -14.03 11.39 8.79
N ARG A 228 -14.47 12.63 9.04
CA ARG A 228 -14.82 13.52 7.94
C ARG A 228 -13.60 13.84 7.09
N ASN A 229 -12.44 14.03 7.75
CA ASN A 229 -11.21 14.27 7.01
C ASN A 229 -10.83 13.06 6.17
N TRP A 230 -11.15 11.85 6.64
CA TRP A 230 -10.85 10.65 5.86
C TRP A 230 -11.66 10.63 4.57
N PHE A 231 -12.96 10.88 4.65
CA PHE A 231 -13.79 10.82 3.46
C PHE A 231 -13.36 11.88 2.44
N LEU A 232 -12.99 13.06 2.92
CA LEU A 232 -12.63 14.13 2.00
C LEU A 232 -11.26 13.90 1.36
N ASN A 233 -10.27 13.48 2.15
CA ASN A 233 -8.88 13.50 1.70
C ASN A 233 -8.23 12.14 1.55
N SER A 234 -8.86 11.05 1.97
CA SER A 234 -8.26 9.73 1.78
C SER A 234 -8.39 9.29 0.32
N LYS A 235 -7.67 8.23 -0.03
CA LYS A 235 -7.70 7.73 -1.40
C LYS A 235 -8.91 6.86 -1.69
N GLN A 236 -9.56 6.31 -0.67
CA GLN A 236 -10.76 5.50 -0.86
C GLN A 236 -12.05 6.29 -0.64
N GLY A 237 -12.04 7.27 0.26
CA GLY A 237 -13.22 8.01 0.60
C GLY A 237 -13.98 8.55 -0.59
N PRO A 238 -13.30 9.27 -1.49
CA PRO A 238 -13.99 9.83 -2.66
C PRO A 238 -14.72 8.78 -3.50
N HIS A 239 -14.50 7.49 -3.27
CA HIS A 239 -15.20 6.45 -4.01
C HIS A 239 -16.42 5.90 -3.28
N LEU A 240 -16.64 6.29 -2.03
CA LEU A 240 -17.54 5.57 -1.14
C LEU A 240 -18.72 6.42 -0.70
N GLU A 241 -19.87 5.75 -0.55
CA GLU A 241 -21.04 6.41 0.03
C GLU A 241 -20.88 6.60 1.53
N GLY A 242 -20.10 5.76 2.19
CA GLY A 242 -19.96 5.83 3.62
C GLY A 242 -19.08 4.70 4.12
N VAL A 243 -19.16 4.46 5.43
CA VAL A 243 -18.38 3.41 6.07
C VAL A 243 -19.34 2.55 6.89
N VAL A 244 -19.04 1.26 6.97
CA VAL A 244 -19.77 0.34 7.84
C VAL A 244 -18.74 -0.48 8.62
N LEU A 245 -18.85 -0.44 9.95
CA LEU A 245 -17.99 -1.23 10.82
C LEU A 245 -18.62 -2.60 11.05
N HIS A 246 -17.84 -3.65 10.81
CA HIS A 246 -18.26 -5.03 11.04
C HIS A 246 -17.48 -5.59 12.21
N LEU A 247 -18.17 -5.97 13.27
CA LEU A 247 -17.53 -6.41 14.50
C LEU A 247 -17.66 -7.92 14.67
N ASP A 248 -16.84 -8.47 15.56
CA ASP A 248 -16.92 -9.88 15.87
C ASP A 248 -18.28 -10.26 16.46
N ASN A 249 -18.94 -9.31 17.12
CA ASN A 249 -20.23 -9.56 17.74
C ASN A 249 -21.36 -9.72 16.74
N GLY A 250 -21.09 -9.58 15.44
CA GLY A 250 -22.14 -9.46 14.46
C GLY A 250 -22.77 -8.09 14.39
N GLU A 251 -22.43 -7.20 15.32
CA GLU A 251 -22.95 -5.84 15.30
C GLU A 251 -22.37 -5.06 14.13
N MSE A 252 -23.10 -4.04 13.70
CA MSE A 252 -22.62 -3.12 12.68
C MSE A 252 -22.94 -1.68 13.05
O MSE A 252 -23.95 -1.40 13.69
CB MSE A 252 -23.20 -3.46 11.32
CG MSE A 252 -22.72 -4.78 10.75
SE MSE A 252 -23.52 -5.18 9.02
CE MSE A 252 -25.41 -5.26 9.55
H MSE A 252 -23.89 -3.85 14.00
HA MSE A 252 -21.65 -3.21 12.62
HB2 MSE A 252 -24.17 -3.51 11.41
HB3 MSE A 252 -22.96 -2.76 10.69
HG2 MSE A 252 -21.75 -4.73 10.62
HG3 MSE A 252 -22.94 -5.49 11.36
HE1 MSE A 252 -25.96 -5.24 8.76
HE2 MSE A 252 -25.56 -6.09 10.03
HE3 MSE A 252 -25.60 -4.51 10.11
N TYR A 253 -22.07 -0.76 12.62
CA TYR A 253 -22.26 0.66 12.83
C TYR A 253 -21.79 1.38 11.57
N LYS A 254 -22.62 2.31 11.09
CA LYS A 254 -22.37 2.95 9.80
C LYS A 254 -22.30 4.46 9.95
N LEU A 255 -21.84 5.10 8.87
CA LEU A 255 -21.93 6.54 8.70
C LEU A 255 -22.06 6.83 7.21
N HIS A 256 -23.15 7.48 6.83
CA HIS A 256 -23.34 7.96 5.47
C HIS A 256 -22.67 9.31 5.29
N ARG A 257 -22.35 9.65 4.05
CA ARG A 257 -21.74 10.95 3.78
C ARG A 257 -22.62 12.09 4.30
N HIS A 258 -23.94 11.88 4.33
CA HIS A 258 -24.84 12.94 4.78
C HIS A 258 -24.69 13.18 6.28
N HIS A 259 -24.35 12.15 7.05
CA HIS A 259 -24.10 12.33 8.47
C HIS A 259 -22.88 13.23 8.71
N LEU A 260 -21.96 13.25 7.76
CA LEU A 260 -20.75 14.05 7.85
C LEU A 260 -20.87 15.35 7.08
N ASP A 261 -22.06 15.69 6.59
CA ASP A 261 -22.28 16.94 5.88
C ASP A 261 -21.47 16.98 4.58
N LEU A 262 -21.56 15.88 3.81
CA LEU A 262 -20.90 15.77 2.53
C LEU A 262 -21.91 15.35 1.46
N GLU A 263 -21.61 15.71 0.22
CA GLU A 263 -22.46 15.34 -0.91
C GLU A 263 -22.23 13.88 -1.29
N TRP A 264 -23.32 13.21 -1.68
CA TRP A 264 -23.22 11.91 -2.34
C TRP A 264 -23.96 11.97 -3.67
N SER A 265 -23.22 11.73 -4.75
CA SER A 265 -23.77 11.79 -6.10
C SER A 265 -22.67 11.33 -7.05
N ALA A 266 -23.07 11.01 -8.28
CA ALA A 266 -22.08 10.57 -9.27
C ALA A 266 -21.01 11.63 -9.48
N LYS A 267 -21.40 12.91 -9.48
CA LYS A 267 -20.42 13.97 -9.67
C LYS A 267 -19.41 14.04 -8.53
N SER A 268 -19.83 13.69 -7.32
CA SER A 268 -18.97 13.74 -6.16
C SER A 268 -18.38 12.38 -5.80
N ALA A 269 -18.51 11.40 -6.69
CA ALA A 269 -17.97 10.06 -6.47
C ALA A 269 -17.00 9.71 -7.59
N ARG A 270 -15.85 9.15 -7.19
CA ARG A 270 -14.98 8.55 -8.20
C ARG A 270 -15.39 7.10 -8.45
N PRO A 271 -15.29 6.62 -9.69
CA PRO A 271 -15.85 5.31 -10.01
C PRO A 271 -15.41 4.23 -9.05
N LEU A 272 -16.36 3.40 -8.63
CA LEU A 272 -16.02 2.32 -7.70
C LEU A 272 -15.03 1.35 -8.31
N ASP A 273 -15.16 1.02 -9.60
CA ASP A 273 -14.30 -0.01 -10.15
C ASP A 273 -12.83 0.38 -10.16
N GLN A 274 -12.51 1.66 -9.95
CA GLN A 274 -11.12 2.11 -9.88
C GLN A 274 -10.74 2.57 -8.48
N ILE A 275 -11.40 2.03 -7.46
CA ILE A 275 -11.04 2.37 -6.07
C ILE A 275 -9.73 1.70 -5.71
N PRO A 276 -8.80 2.37 -5.05
CA PRO A 276 -7.58 1.69 -4.59
C PRO A 276 -7.84 0.84 -3.36
N LEU A 277 -7.29 -0.37 -3.37
CA LEU A 277 -7.40 -1.28 -2.25
C LEU A 277 -6.01 -1.67 -1.75
N SER B 15 -2.46 39.67 3.62
CA SER B 15 -1.32 38.96 4.19
C SER B 15 -0.67 38.07 3.14
N ASP B 16 -1.48 37.50 2.26
CA ASP B 16 -0.99 36.64 1.19
C ASP B 16 -0.65 37.48 -0.03
N LYS B 17 0.23 36.93 -0.87
CA LYS B 17 0.78 37.66 -2.01
C LYS B 17 -0.07 37.54 -3.27
N MSE B 18 -1.31 37.08 -3.15
CA MSE B 18 -2.21 37.00 -4.29
C MSE B 18 -3.13 38.23 -4.32
O MSE B 18 -3.29 38.93 -3.32
CB MSE B 18 -3.03 35.72 -4.25
CG MSE B 18 -2.23 34.45 -4.52
SE MSE B 18 -1.43 34.40 -6.31
CE MSE B 18 0.42 34.83 -5.83
H MSE B 18 -1.66 36.80 -2.41
HA MSE B 18 -1.69 36.99 -5.11
HB2 MSE B 18 -3.44 35.63 -3.37
HB3 MSE B 18 -3.73 35.78 -4.93
HG2 MSE B 18 -1.52 34.39 -3.87
HG3 MSE B 18 -2.82 33.69 -4.44
HE1 MSE B 18 0.95 34.86 -6.64
HE2 MSE B 18 0.43 35.69 -5.38
HE3 MSE B 18 0.76 34.14 -5.23
N CYS B 19 -3.74 38.47 -5.48
CA CYS B 19 -4.56 39.66 -5.69
C CYS B 19 -5.98 39.44 -5.17
N GLU B 20 -6.72 40.54 -5.08
CA GLU B 20 -8.07 40.56 -4.53
C GLU B 20 -9.04 40.88 -5.66
N VAL B 21 -10.02 40.01 -5.88
CA VAL B 21 -11.02 40.23 -6.91
C VAL B 21 -12.05 41.23 -6.40
N HIS B 22 -11.83 42.51 -6.70
CA HIS B 22 -12.77 43.56 -6.34
C HIS B 22 -13.34 44.30 -7.53
N ASP B 23 -12.77 44.12 -8.73
CA ASP B 23 -13.23 44.74 -9.97
C ASP B 23 -13.55 43.65 -10.99
N LYS B 24 -13.83 44.07 -12.23
CA LYS B 24 -13.79 43.16 -13.36
C LYS B 24 -12.34 42.84 -13.71
N ILE B 25 -12.15 41.69 -14.35
CA ILE B 25 -10.84 41.26 -14.82
C ILE B 25 -10.85 41.25 -16.34
N SER B 26 -9.86 41.89 -16.95
CA SER B 26 -9.76 41.94 -18.39
C SER B 26 -9.21 40.62 -18.95
N ALA B 27 -9.37 40.44 -20.25
CA ALA B 27 -8.88 39.24 -20.91
C ALA B 27 -7.38 39.33 -21.14
N ILE B 28 -6.70 38.20 -20.97
CA ILE B 28 -5.27 38.15 -21.29
C ILE B 28 -5.04 38.52 -22.74
N LEU B 29 -5.94 38.09 -23.62
CA LEU B 29 -5.82 38.32 -25.06
C LEU B 29 -6.97 39.19 -25.53
N VAL B 30 -6.69 40.00 -26.56
CA VAL B 30 -7.76 40.80 -27.16
C VAL B 30 -8.75 39.87 -27.84
N CYS B 31 -10.02 40.04 -27.52
CA CYS B 31 -11.07 39.15 -28.00
C CYS B 31 -11.88 39.82 -29.10
N ALA B 32 -12.58 39.00 -29.88
CA ALA B 32 -13.34 39.42 -31.05
C ALA B 32 -14.84 39.18 -30.79
N HIS B 33 -15.60 39.04 -31.88
CA HIS B 33 -17.04 38.86 -31.78
C HIS B 33 -17.57 38.06 -32.96
N LYS B 48 -20.67 35.92 -28.33
CA LYS B 48 -19.42 35.16 -28.38
C LYS B 48 -18.21 36.07 -28.49
N TYR B 49 -17.29 35.94 -27.54
CA TYR B 49 -16.03 36.69 -27.53
C TYR B 49 -14.88 35.69 -27.60
N LEU B 50 -14.38 35.44 -28.80
CA LEU B 50 -13.24 34.55 -28.99
C LEU B 50 -11.94 35.34 -28.93
N ALA B 51 -10.95 34.77 -28.24
CA ALA B 51 -9.66 35.42 -28.10
C ALA B 51 -8.88 35.34 -29.41
N THR B 52 -8.05 36.35 -29.64
CA THR B 52 -7.15 36.42 -30.79
C THR B 52 -5.70 36.38 -30.32
N ASN B 53 -4.78 36.26 -31.27
CA ASN B 53 -3.36 36.13 -30.95
C ASN B 53 -2.71 37.50 -30.77
N CYS B 54 -3.22 38.23 -29.79
CA CYS B 54 -2.66 39.52 -29.42
C CYS B 54 -2.90 39.73 -27.93
N LEU B 55 -1.87 40.20 -27.23
CA LEU B 55 -1.97 40.34 -25.78
C LEU B 55 -2.64 41.66 -25.41
N ASN B 56 -3.38 41.64 -24.31
CA ASN B 56 -3.98 42.84 -23.78
C ASN B 56 -2.93 43.94 -23.65
N PRO B 57 -3.17 45.13 -24.20
CA PRO B 57 -2.17 46.21 -24.08
C PRO B 57 -1.73 46.45 -22.65
N GLY B 58 -2.68 46.56 -21.71
CA GLY B 58 -2.33 46.75 -20.32
C GLY B 58 -1.42 45.65 -19.79
N LEU B 59 -1.62 44.42 -20.27
CA LEU B 59 -0.76 43.32 -19.84
C LEU B 59 0.63 43.46 -20.43
N ILE B 60 0.73 43.74 -21.73
CA ILE B 60 2.03 43.98 -22.34
C ILE B 60 2.76 45.10 -21.59
N SER B 61 2.06 46.20 -21.33
CA SER B 61 2.68 47.33 -20.64
C SER B 61 3.15 46.92 -19.25
N ALA B 62 2.30 46.24 -18.49
CA ALA B 62 2.69 45.80 -17.16
C ALA B 62 3.88 44.84 -17.21
N ILE B 63 3.91 43.97 -18.22
CA ILE B 63 5.01 43.02 -18.34
C ILE B 63 6.32 43.78 -18.63
N GLN B 64 6.31 44.61 -19.66
CA GLN B 64 7.50 45.40 -19.97
C GLN B 64 7.98 46.19 -18.77
N ALA B 65 7.05 46.66 -17.93
CA ALA B 65 7.43 47.39 -16.73
C ALA B 65 8.21 46.53 -15.75
N GLY B 66 8.13 45.21 -15.87
CA GLY B 66 8.82 44.31 -14.96
C GLY B 66 7.94 43.71 -13.88
N ALA B 67 6.63 43.69 -14.07
CA ALA B 67 5.74 43.09 -13.08
C ALA B 67 5.85 41.57 -13.09
N ARG B 68 5.73 40.97 -11.92
CA ARG B 68 5.74 39.51 -11.80
C ARG B 68 4.37 38.97 -12.16
N VAL B 69 4.33 37.98 -13.04
CA VAL B 69 3.09 37.40 -13.53
C VAL B 69 3.00 35.97 -13.00
N VAL B 70 1.99 35.71 -12.19
CA VAL B 70 1.76 34.40 -11.59
C VAL B 70 0.50 33.82 -12.22
N PRO B 71 0.60 32.79 -13.07
CA PRO B 71 -0.63 32.15 -13.57
C PRO B 71 -1.29 31.31 -12.50
N THR B 72 -2.59 31.52 -12.31
CA THR B 72 -3.37 30.75 -11.36
C THR B 72 -4.58 30.16 -12.07
N ALA B 73 -5.14 29.11 -11.47
CA ALA B 73 -6.29 28.44 -12.04
C ALA B 73 -7.57 29.21 -11.78
N MSE B 74 -8.45 29.22 -12.77
CA MSE B 74 -9.79 29.78 -12.61
C MSE B 74 -10.76 28.64 -12.29
O MSE B 74 -10.81 27.64 -13.00
CB MSE B 74 -10.24 30.51 -13.86
CG MSE B 74 -11.61 31.17 -13.73
SE MSE B 74 -12.21 31.92 -15.43
CE MSE B 74 -13.85 32.80 -14.83
H MSE B 74 -8.29 28.93 -13.56
HA MSE B 74 -9.79 30.43 -11.89
HB2 MSE B 74 -9.59 31.21 -14.07
HB3 MSE B 74 -10.29 29.88 -14.60
HG2 MSE B 74 -12.25 30.51 -13.45
HG3 MSE B 74 -11.55 31.89 -13.08
HE1 MSE B 74 -14.27 33.23 -15.59
HE2 MSE B 74 -14.44 32.14 -14.46
HE3 MSE B 74 -13.63 33.46 -14.16
N THR B 75 -11.52 28.81 -11.22
CA THR B 75 -12.47 27.80 -10.76
C THR B 75 -13.88 28.37 -10.78
N ASP B 76 -14.84 27.51 -11.14
CA ASP B 76 -16.22 27.93 -11.36
C ASP B 76 -17.02 27.82 -10.07
N GLY B 77 -17.54 28.95 -9.61
CA GLY B 77 -18.41 28.96 -8.45
C GLY B 77 -19.17 30.28 -8.35
N THR B 78 -19.01 30.98 -7.23
CA THR B 78 -19.53 32.34 -7.10
C THR B 78 -18.56 33.14 -6.25
N CYS B 79 -18.40 34.42 -6.59
CA CYS B 79 -17.38 35.26 -5.97
C CYS B 79 -17.86 35.78 -4.62
N CYS B 80 -17.04 35.57 -3.59
CA CYS B 80 -17.32 36.05 -2.25
C CYS B 80 -16.04 36.63 -1.66
N ARG B 81 -16.12 37.07 -0.41
CA ARG B 81 -14.94 37.47 0.35
C ARG B 81 -15.22 37.26 1.83
N VAL B 82 -14.15 37.22 2.61
CA VAL B 82 -14.24 37.11 4.06
C VAL B 82 -13.92 38.49 4.62
N PHE B 83 -14.96 39.20 5.07
CA PHE B 83 -14.83 40.53 5.63
C PHE B 83 -15.18 40.49 7.11
N ASN B 84 -14.39 41.20 7.92
CA ASN B 84 -14.46 41.05 9.36
C ASN B 84 -14.29 39.57 9.69
N GLY B 85 -15.39 38.86 9.90
CA GLY B 85 -15.33 37.43 10.11
C GLY B 85 -16.52 36.73 9.50
N LYS B 86 -17.14 37.37 8.52
CA LYS B 86 -18.36 36.88 7.91
C LYS B 86 -18.15 36.72 6.43
N ILE B 87 -18.79 35.71 5.84
CA ILE B 87 -18.77 35.57 4.40
C ILE B 87 -19.59 36.70 3.79
N GLN B 88 -19.11 37.23 2.67
CA GLN B 88 -19.81 38.29 1.95
C GLN B 88 -19.92 37.89 0.48
N LYS B 89 -21.14 37.95 -0.05
CA LYS B 89 -21.38 37.64 -1.45
C LYS B 89 -21.20 38.89 -2.30
N ARG B 90 -20.63 38.74 -3.48
CA ARG B 90 -20.46 39.85 -4.39
C ARG B 90 -21.76 40.08 -5.16
N ARG B 91 -22.18 41.33 -5.25
CA ARG B 91 -23.31 41.72 -6.08
C ARG B 91 -22.91 42.93 -6.91
N ASP B 92 -23.26 42.88 -8.20
CA ASP B 92 -23.06 44.01 -9.11
C ASP B 92 -24.37 44.79 -9.20
N ILE B 93 -24.29 46.09 -8.93
CA ILE B 93 -25.47 46.95 -8.95
C ILE B 93 -25.54 47.61 -10.32
N LYS B 94 -26.63 47.37 -11.04
CA LYS B 94 -26.86 48.06 -12.30
C LYS B 94 -27.15 49.54 -12.06
N PRO B 95 -26.80 50.42 -13.00
CA PRO B 95 -26.85 51.86 -12.73
C PRO B 95 -28.25 52.40 -12.51
N GLY B 96 -29.25 51.54 -12.62
CA GLY B 96 -30.63 51.96 -12.46
C GLY B 96 -31.41 51.23 -11.39
N ARG B 97 -30.74 50.90 -10.29
CA ARG B 97 -31.38 50.21 -9.18
C ARG B 97 -30.79 50.74 -7.87
N GLU B 98 -31.36 50.28 -6.76
CA GLU B 98 -31.00 50.80 -5.45
C GLU B 98 -29.87 49.98 -4.82
N VAL B 99 -29.08 50.64 -3.98
CA VAL B 99 -27.96 49.98 -3.30
C VAL B 99 -28.49 49.28 -2.06
N PRO B 100 -28.23 47.98 -1.89
CA PRO B 100 -28.73 47.28 -0.71
C PRO B 100 -28.01 47.73 0.56
N GLU B 101 -28.76 47.77 1.66
CA GLU B 101 -28.18 48.09 2.95
C GLU B 101 -27.00 47.17 3.24
N GLY B 102 -25.89 47.76 3.66
CA GLY B 102 -24.69 46.98 3.92
C GLY B 102 -23.94 46.56 2.69
N TRP B 103 -24.11 47.27 1.57
CA TRP B 103 -23.40 46.99 0.34
C TRP B 103 -22.19 47.92 0.23
N ILE B 104 -21.00 47.33 0.11
CA ILE B 104 -19.76 48.08 -0.01
C ILE B 104 -19.37 48.13 -1.48
N GLN B 105 -19.01 49.32 -1.97
CA GLN B 105 -18.47 49.43 -3.31
C GLN B 105 -17.00 49.02 -3.31
N THR B 106 -16.60 48.33 -4.38
CA THR B 106 -15.20 47.93 -4.53
C THR B 106 -14.70 48.02 -5.97
N GLY B 107 -15.56 48.29 -6.94
CA GLY B 107 -15.12 48.36 -8.32
C GLY B 107 -16.14 49.03 -9.21
N SER B 108 -15.96 48.84 -10.51
CA SER B 108 -16.82 49.44 -11.52
C SER B 108 -17.16 48.43 -12.60
N SER B 112 -18.93 47.65 -19.54
CA SER B 112 -20.08 47.62 -18.63
C SER B 112 -20.27 49.00 -18.01
N GLY B 113 -21.33 49.13 -17.23
CA GLY B 113 -21.60 50.37 -16.51
C GLY B 113 -22.10 50.10 -15.11
N HIS B 114 -21.85 48.90 -14.60
CA HIS B 114 -22.33 48.48 -13.29
C HIS B 114 -21.24 48.67 -12.24
N LEU B 115 -21.68 48.93 -11.02
CA LEU B 115 -20.76 48.94 -9.90
C LEU B 115 -20.53 47.51 -9.40
N ILE B 116 -19.38 47.31 -8.77
CA ILE B 116 -19.01 46.02 -8.20
C ILE B 116 -18.84 46.21 -6.70
N GLY B 117 -19.50 45.36 -5.91
CA GLY B 117 -19.43 45.48 -4.48
C GLY B 117 -19.73 44.16 -3.81
N PHE B 118 -19.80 44.21 -2.48
CA PHE B 118 -19.97 43.02 -1.67
C PHE B 118 -21.04 43.25 -0.60
N MSE B 119 -21.76 42.18 -0.28
CA MSE B 119 -22.82 42.21 0.71
C MSE B 119 -22.58 41.20 1.82
O MSE B 119 -21.85 40.23 1.62
CB MSE B 119 -24.17 41.88 0.09
CG MSE B 119 -24.72 42.89 -0.87
SE MSE B 119 -26.39 42.21 -1.62
CE MSE B 119 -27.44 42.09 0.03
H MSE B 119 -21.64 41.40 -0.64
HA MSE B 119 -22.83 43.11 1.08
HB2 MSE B 119 -24.08 41.04 -0.40
HB3 MSE B 119 -24.81 41.79 0.80
HG2 MSE B 119 -24.90 43.72 -0.40
HG3 MSE B 119 -24.10 43.05 -1.59
HE1 MSE B 119 -28.35 41.86 -0.19
HE2 MSE B 119 -27.05 41.41 0.60
HE3 MSE B 119 -27.42 42.96 0.48
N ASP B 120 -23.23 41.40 2.96
CA ASP B 120 -23.40 40.30 3.91
C ASP B 120 -24.43 39.32 3.35
N LEU B 121 -24.27 38.05 3.71
CA LEU B 121 -25.18 37.02 3.24
C LEU B 121 -26.58 37.26 3.81
N GLU B 122 -27.60 37.08 2.97
CA GLU B 122 -28.99 37.20 3.39
C GLU B 122 -29.50 35.86 3.91
N LYS B 123 -30.61 35.91 4.64
CA LYS B 123 -31.13 34.70 5.28
C LYS B 123 -31.45 33.60 4.27
N GLY B 124 -31.63 33.96 3.00
CA GLY B 124 -31.98 32.98 1.98
C GLY B 124 -30.82 32.27 1.31
N ASP B 125 -29.59 32.74 1.53
CA ASP B 125 -28.41 32.17 0.89
C ASP B 125 -27.99 30.89 1.62
N LYS B 126 -28.86 29.89 1.51
CA LYS B 126 -28.67 28.64 2.25
C LYS B 126 -27.33 27.99 1.93
N TRP B 127 -26.91 28.03 0.66
CA TRP B 127 -25.71 27.32 0.24
C TRP B 127 -24.45 28.13 0.37
N HIS B 128 -24.55 29.44 0.56
CA HIS B 128 -23.40 30.20 1.02
C HIS B 128 -23.06 29.82 2.46
N TYR B 129 -24.06 29.84 3.34
CA TYR B 129 -23.85 29.41 4.72
C TYR B 129 -23.44 27.94 4.80
N ASP B 130 -23.71 27.16 3.76
CA ASP B 130 -23.46 25.72 3.82
C ASP B 130 -21.98 25.38 3.81
N CYS B 131 -21.11 26.33 3.47
CA CYS B 131 -19.67 26.07 3.56
C CYS B 131 -19.15 26.19 4.98
N HIS B 132 -19.95 26.73 5.89
CA HIS B 132 -19.57 26.74 7.31
C HIS B 132 -19.61 25.31 7.86
N VAL B 133 -18.81 25.09 8.90
CA VAL B 133 -18.86 23.82 9.62
C VAL B 133 -20.14 23.77 10.45
N LYS B 134 -20.88 22.68 10.34
CA LYS B 134 -22.17 22.61 11.00
C LYS B 134 -22.00 22.41 12.50
N ASP B 135 -23.03 22.80 13.25
CA ASP B 135 -22.99 22.76 14.71
C ASP B 135 -24.43 22.67 15.21
N PRO B 136 -24.93 21.46 15.46
CA PRO B 136 -26.34 21.31 15.85
C PRO B 136 -26.69 21.88 17.21
N SER B 137 -25.73 22.39 17.98
CA SER B 137 -26.00 22.96 19.29
C SER B 137 -26.01 24.49 19.27
N SER B 138 -25.69 25.12 18.09
CA SER B 138 -25.71 26.57 18.00
C SER B 138 -27.03 27.06 17.42
N PRO B 139 -27.45 28.29 17.74
CA PRO B 139 -28.74 28.77 17.22
C PRO B 139 -28.88 28.68 15.72
N SER B 140 -27.80 28.92 14.98
CA SER B 140 -27.85 28.93 13.52
C SER B 140 -27.70 27.54 12.91
N GLY B 141 -27.26 26.55 13.69
CA GLY B 141 -26.84 25.29 13.12
C GLY B 141 -25.45 25.32 12.54
N LEU B 142 -24.79 26.48 12.54
CA LEU B 142 -23.44 26.62 12.00
C LEU B 142 -22.47 27.04 13.11
N ASP B 143 -21.22 26.61 12.96
CA ASP B 143 -20.11 27.20 13.69
C ASP B 143 -19.64 28.38 12.85
N ILE B 144 -20.14 29.57 13.17
CA ILE B 144 -19.94 30.76 12.35
C ILE B 144 -18.48 31.18 12.32
N ASN B 145 -17.62 30.50 13.08
CA ASN B 145 -16.20 30.82 13.15
C ASN B 145 -15.32 29.88 12.34
N LYS B 146 -15.89 28.87 11.67
CA LYS B 146 -15.11 27.92 10.92
C LYS B 146 -15.79 27.62 9.60
N VAL B 147 -14.99 27.57 8.54
CA VAL B 147 -15.49 27.31 7.18
C VAL B 147 -14.67 26.19 6.58
N LEU B 148 -15.32 25.40 5.72
CA LEU B 148 -14.63 24.36 4.96
C LEU B 148 -14.04 24.99 3.71
N CYS B 149 -12.72 24.93 3.57
CA CYS B 149 -12.03 25.46 2.41
C CYS B 149 -11.24 24.34 1.75
N ILE B 150 -10.91 24.55 0.49
CA ILE B 150 -10.07 23.63 -0.29
C ILE B 150 -8.81 24.39 -0.66
N THR B 151 -7.66 23.86 -0.27
CA THR B 151 -6.40 24.57 -0.43
C THR B 151 -5.31 23.56 -0.75
N THR B 152 -4.09 24.06 -0.84
CA THR B 152 -2.92 23.23 -1.13
C THR B 152 -2.37 22.66 0.17
N ASN B 153 -1.96 21.39 0.12
CA ASN B 153 -1.54 20.69 1.32
C ASN B 153 -0.12 21.11 1.69
N LYS B 154 0.42 20.49 2.74
CA LYS B 154 1.75 20.84 3.25
C LYS B 154 2.77 20.94 2.11
N ALA B 155 2.90 19.87 1.34
CA ALA B 155 3.66 19.91 0.10
C ALA B 155 2.73 20.33 -1.04
N GLY B 156 3.21 21.19 -1.92
CA GLY B 156 2.38 21.68 -3.00
C GLY B 156 2.22 20.68 -4.13
N ASP B 157 1.74 19.47 -3.81
CA ASP B 157 1.57 18.42 -4.79
C ASP B 157 0.13 17.98 -4.99
N ALA B 158 -0.81 18.45 -4.18
CA ALA B 158 -2.21 18.06 -4.30
C ALA B 158 -3.06 19.05 -3.53
N LEU B 159 -4.38 18.96 -3.75
CA LEU B 159 -5.35 19.77 -3.03
C LEU B 159 -6.00 18.95 -1.92
N VAL B 160 -6.41 19.64 -0.86
CA VAL B 160 -7.02 19.00 0.30
C VAL B 160 -8.12 19.88 0.84
N TYR B 161 -9.15 19.23 1.38
CA TYR B 161 -10.19 19.94 2.11
C TYR B 161 -9.74 20.15 3.54
N GLU B 162 -9.98 21.35 4.07
CA GLU B 162 -9.43 21.74 5.36
C GLU B 162 -10.42 22.64 6.09
N GLU B 163 -10.80 22.26 7.31
CA GLU B 163 -11.61 23.12 8.15
C GLU B 163 -10.71 24.17 8.77
N VAL B 164 -11.05 25.44 8.57
CA VAL B 164 -10.17 26.55 8.93
C VAL B 164 -10.96 27.59 9.69
N ASN B 165 -10.28 28.28 10.59
CA ASN B 165 -10.88 29.44 11.25
C ASN B 165 -11.09 30.54 10.21
N ILE B 166 -12.32 31.05 10.12
CA ILE B 166 -12.67 31.97 9.05
C ILE B 166 -11.81 33.22 9.09
N ALA B 167 -11.36 33.62 10.29
CA ALA B 167 -10.54 34.82 10.40
C ALA B 167 -9.25 34.69 9.60
N ASP B 168 -8.77 33.47 9.38
CA ASP B 168 -7.55 33.26 8.60
C ASP B 168 -7.72 33.76 7.17
N LEU B 169 -8.95 33.96 6.71
CA LEU B 169 -9.22 34.45 5.37
C LEU B 169 -9.66 35.91 5.33
N ASN B 170 -9.75 36.56 6.49
CA ASN B 170 -10.28 37.91 6.55
C ASN B 170 -9.55 38.84 5.58
N GLY B 171 -10.34 39.61 4.82
CA GLY B 171 -9.81 40.56 3.87
C GLY B 171 -9.49 39.99 2.51
N HIS B 172 -9.79 38.73 2.26
CA HIS B 172 -9.45 38.07 0.99
C HIS B 172 -10.70 37.62 0.28
N THR B 173 -10.65 37.65 -1.05
CA THR B 173 -11.75 37.18 -1.88
C THR B 173 -11.59 35.69 -2.17
N VAL B 174 -12.70 34.96 -2.10
CA VAL B 174 -12.70 33.52 -2.29
C VAL B 174 -13.74 33.17 -3.34
N GLU B 175 -13.54 32.01 -3.98
CA GLU B 175 -14.53 31.42 -4.87
C GLU B 175 -15.28 30.36 -4.08
N LEU B 176 -16.57 30.58 -3.85
CA LEU B 176 -17.41 29.60 -3.18
C LEU B 176 -17.92 28.59 -4.21
N MSE B 177 -17.60 27.32 -4.01
CA MSE B 177 -17.93 26.27 -4.98
C MSE B 177 -18.70 25.12 -4.34
O MSE B 177 -18.77 25.02 -3.12
CB MSE B 177 -16.65 25.71 -5.60
CG MSE B 177 -15.73 26.76 -6.20
SE MSE B 177 -13.98 26.01 -6.55
CE MSE B 177 -13.44 25.62 -4.72
H MSE B 177 -17.19 27.03 -3.31
HA MSE B 177 -18.48 26.68 -5.67
HB2 MSE B 177 -16.15 25.25 -4.92
HB3 MSE B 177 -16.90 25.11 -6.31
HG2 MSE B 177 -16.11 27.07 -7.04
HG3 MSE B 177 -15.64 27.50 -5.58
HE1 MSE B 177 -12.50 25.36 -4.71
HE2 MSE B 177 -13.56 26.42 -4.18
HE3 MSE B 177 -13.98 24.90 -4.37
N GLY B 178 -19.26 24.25 -5.18
CA GLY B 178 -19.86 23.03 -4.69
C GLY B 178 -21.13 22.58 -5.39
N PRO B 179 -21.80 21.60 -4.79
CA PRO B 179 -22.93 20.94 -5.48
C PRO B 179 -23.99 21.88 -6.04
N LYS B 180 -24.30 22.98 -5.35
CA LYS B 180 -25.37 23.88 -5.76
C LYS B 180 -24.85 25.13 -6.48
N PHE B 181 -23.72 25.01 -7.18
CA PHE B 181 -23.14 26.16 -7.88
C PHE B 181 -22.63 25.70 -9.25
N GLN B 182 -23.27 26.20 -10.31
CA GLN B 182 -22.96 25.83 -11.69
C GLN B 182 -23.03 24.32 -11.91
N SER B 183 -23.76 23.60 -11.07
CA SER B 183 -23.91 22.15 -11.20
C SER B 183 -22.60 21.43 -10.91
N ASN B 184 -21.80 21.96 -10.00
CA ASN B 184 -20.63 21.29 -9.46
C ASN B 184 -19.74 20.69 -10.55
N PRO B 185 -19.31 21.50 -11.52
CA PRO B 185 -18.43 20.95 -12.57
C PRO B 185 -17.14 20.37 -12.03
N HIS B 186 -16.66 20.86 -10.88
CA HIS B 186 -15.42 20.39 -10.29
C HIS B 186 -15.59 19.11 -9.47
N GLY B 187 -16.81 18.63 -9.30
CA GLY B 187 -17.01 17.38 -8.58
C GLY B 187 -16.64 17.47 -7.11
N LEU B 188 -16.90 18.60 -6.48
CA LEU B 188 -16.52 18.78 -5.09
C LEU B 188 -17.46 17.98 -4.18
N LYS B 189 -16.89 17.39 -3.15
CA LYS B 189 -17.64 16.57 -2.22
C LYS B 189 -18.38 17.39 -1.17
N ALA B 190 -18.25 18.72 -1.20
CA ALA B 190 -18.91 19.57 -0.22
C ALA B 190 -18.69 21.01 -0.65
N HIS B 191 -19.59 21.88 -0.21
CA HIS B 191 -19.44 23.30 -0.50
C HIS B 191 -18.16 23.83 0.14
N CYS B 192 -17.35 24.51 -0.66
CA CYS B 192 -16.01 24.92 -0.29
C CYS B 192 -15.81 26.41 -0.52
N LEU B 193 -14.79 26.95 0.13
CA LEU B 193 -14.22 28.24 -0.20
C LEU B 193 -12.79 28.02 -0.67
N MSE B 194 -12.41 28.67 -1.76
CA MSE B 194 -11.02 28.63 -2.22
C MSE B 194 -10.49 30.02 -2.46
O MSE B 194 -11.03 30.77 -3.29
CB MSE B 194 -10.88 27.79 -3.48
CG MSE B 194 -9.42 27.45 -3.80
SE MSE B 194 -9.11 26.76 -5.59
CE MSE B 194 -9.04 28.47 -6.55
H MSE B 194 -12.92 29.15 -2.25
HA MSE B 194 -10.49 28.19 -1.52
HB2 MSE B 194 -11.36 26.95 -3.37
HB3 MSE B 194 -11.24 28.28 -4.23
HG2 MSE B 194 -8.89 28.26 -3.71
HG3 MSE B 194 -9.11 26.78 -3.17
HE1 MSE B 194 -8.92 28.30 -7.50
HE2 MSE B 194 -9.87 28.95 -6.41
HE3 MSE B 194 -8.28 28.99 -6.21
N ARG B 195 -9.43 30.39 -1.75
CA ARG B 195 -8.80 31.68 -1.95
C ARG B 195 -8.37 31.84 -3.40
N HIS B 196 -8.84 32.90 -4.04
CA HIS B 196 -8.46 33.15 -5.43
C HIS B 196 -6.95 33.16 -5.56
N GLY B 197 -6.45 32.40 -6.53
CA GLY B 197 -5.02 32.29 -6.78
C GLY B 197 -4.34 31.15 -6.04
N THR B 198 -5.10 30.31 -5.35
CA THR B 198 -4.48 29.24 -4.57
C THR B 198 -3.72 28.26 -5.46
N VAL B 199 -4.29 27.91 -6.61
CA VAL B 199 -3.73 26.89 -7.48
C VAL B 199 -2.82 27.57 -8.49
N LYS B 200 -1.51 27.44 -8.29
CA LYS B 200 -0.53 27.92 -9.25
C LYS B 200 -0.38 26.92 -10.39
N LEU B 201 -0.29 27.42 -11.61
CA LEU B 201 -0.27 26.56 -12.79
C LEU B 201 1.16 26.18 -13.14
N THR B 202 1.32 24.94 -13.61
CA THR B 202 2.60 24.40 -14.04
C THR B 202 2.65 24.32 -15.55
N ASP B 203 3.79 24.69 -16.13
CA ASP B 203 3.99 24.61 -17.57
C ASP B 203 2.98 25.47 -18.32
N PHE B 204 2.53 26.56 -17.72
CA PHE B 204 1.71 27.49 -18.46
C PHE B 204 2.60 28.46 -19.25
N PRO B 205 2.24 28.79 -20.49
CA PRO B 205 3.09 29.69 -21.28
C PRO B 205 3.51 30.92 -20.50
N ASP B 206 4.81 31.20 -20.53
CA ASP B 206 5.37 32.40 -19.92
C ASP B 206 5.11 33.57 -20.86
N LEU B 207 4.09 34.36 -20.56
CA LEU B 207 3.68 35.43 -21.47
C LEU B 207 4.71 36.57 -21.57
N ARG B 208 5.91 36.41 -21.03
CA ARG B 208 6.98 37.38 -21.26
C ARG B 208 7.76 37.09 -22.53
N ASP B 209 7.79 35.84 -22.97
CA ASP B 209 8.39 35.49 -24.25
C ASP B 209 7.53 35.92 -25.43
N TYR B 210 6.37 36.50 -25.18
CA TYR B 210 5.46 36.97 -26.21
C TYR B 210 5.39 38.49 -26.28
N VAL B 211 6.25 39.18 -25.54
CA VAL B 211 6.26 40.63 -25.47
C VAL B 211 7.63 41.15 -25.88
N SER B 212 7.65 42.28 -26.58
CA SER B 212 8.90 42.88 -27.03
C SER B 212 9.78 43.19 -25.83
N VAL B 213 11.00 42.65 -25.84
CA VAL B 213 11.95 42.81 -24.76
C VAL B 213 13.05 43.77 -25.22
N ASP B 214 13.13 44.93 -24.56
CA ASP B 214 14.11 45.95 -24.94
C ASP B 214 13.96 46.34 -26.41
N GLY B 215 12.71 46.35 -26.89
CA GLY B 215 12.42 46.70 -28.26
C GLY B 215 12.68 45.61 -29.27
N ALA B 216 13.31 44.52 -28.88
CA ALA B 216 13.62 43.44 -29.82
C ALA B 216 12.39 42.58 -30.08
N GLU B 217 12.49 41.73 -31.09
CA GLU B 217 11.38 40.87 -31.46
C GLU B 217 11.07 39.91 -30.33
N PRO B 218 9.80 39.70 -29.99
CA PRO B 218 9.47 38.69 -28.97
C PRO B 218 10.03 37.33 -29.35
N LEU B 219 10.33 36.54 -28.33
CA LEU B 219 10.87 35.20 -28.59
C LEU B 219 9.80 34.29 -29.20
N LYS B 220 8.54 34.47 -28.83
CA LYS B 220 7.45 33.63 -29.30
C LYS B 220 6.31 34.50 -29.81
N GLU B 221 5.63 34.01 -30.83
CA GLU B 221 4.59 34.78 -31.51
C GLU B 221 3.17 34.30 -31.24
N ASN B 222 2.96 33.02 -31.01
CA ASN B 222 1.61 32.44 -31.03
C ASN B 222 1.16 32.14 -29.60
N ALA B 223 0.75 33.20 -28.90
CA ALA B 223 0.20 33.00 -27.56
C ALA B 223 -1.13 32.27 -27.61
N LEU B 224 -2.02 32.67 -28.53
CA LEU B 224 -3.33 32.04 -28.61
C LEU B 224 -3.23 30.55 -28.88
N ALA B 225 -2.31 30.15 -29.78
CA ALA B 225 -2.16 28.73 -30.08
C ALA B 225 -1.48 28.01 -28.93
N ASP B 226 -0.48 28.63 -28.31
CA ASP B 226 0.22 27.97 -27.21
C ASP B 226 -0.68 27.82 -25.98
N ILE B 227 -1.54 28.81 -25.73
CA ILE B 227 -2.43 28.73 -24.58
C ILE B 227 -3.53 27.71 -24.81
N ARG B 228 -4.13 27.70 -26.01
CA ARG B 228 -5.18 26.74 -26.30
C ARG B 228 -4.67 25.30 -26.22
N ASN B 229 -3.47 25.05 -26.75
CA ASN B 229 -2.91 23.70 -26.64
C ASN B 229 -2.61 23.32 -25.20
N TRP B 230 -2.46 24.30 -24.30
CA TRP B 230 -2.23 23.97 -22.89
C TRP B 230 -3.51 23.49 -22.22
N PHE B 231 -4.61 24.21 -22.43
CA PHE B 231 -5.87 23.79 -21.82
C PHE B 231 -6.31 22.42 -22.35
N LEU B 232 -5.93 22.08 -23.58
CA LEU B 232 -6.35 20.80 -24.15
C LEU B 232 -5.45 19.66 -23.68
N ASN B 233 -4.13 19.87 -23.70
CA ASN B 233 -3.17 18.77 -23.57
C ASN B 233 -2.25 18.87 -22.36
N SER B 234 -2.42 19.86 -21.50
CA SER B 234 -1.61 19.91 -20.29
C SER B 234 -2.22 19.01 -19.22
N LYS B 235 -1.45 18.77 -18.15
CA LYS B 235 -1.95 17.94 -17.07
C LYS B 235 -3.02 18.65 -16.23
N GLN B 236 -2.91 19.98 -16.09
CA GLN B 236 -3.83 20.72 -15.24
C GLN B 236 -5.03 21.26 -16.01
N GLY B 237 -4.82 21.71 -17.25
CA GLY B 237 -5.87 22.30 -18.05
C GLY B 237 -7.23 21.62 -17.97
N PRO B 238 -7.27 20.30 -18.20
CA PRO B 238 -8.57 19.61 -18.18
C PRO B 238 -9.32 19.72 -16.86
N HIS B 239 -8.66 20.15 -15.79
CA HIS B 239 -9.33 20.35 -14.50
C HIS B 239 -9.87 21.77 -14.33
N LEU B 240 -9.45 22.71 -15.18
CA LEU B 240 -9.63 24.13 -14.92
C LEU B 240 -10.64 24.75 -15.88
N GLU B 241 -11.48 25.62 -15.33
CA GLU B 241 -12.36 26.43 -16.17
C GLU B 241 -11.59 27.42 -17.01
N GLY B 242 -10.46 27.89 -16.50
CA GLY B 242 -9.68 28.90 -17.21
C GLY B 242 -8.43 29.24 -16.43
N VAL B 243 -7.87 30.40 -16.73
CA VAL B 243 -6.66 30.87 -16.08
C VAL B 243 -6.82 32.36 -15.77
N VAL B 244 -6.39 32.76 -14.57
CA VAL B 244 -6.32 34.16 -14.19
C VAL B 244 -4.87 34.45 -13.80
N LEU B 245 -4.26 35.41 -14.49
CA LEU B 245 -2.92 35.87 -14.13
C LEU B 245 -3.02 36.87 -12.98
N HIS B 246 -2.14 36.70 -11.99
CA HIS B 246 -2.05 37.59 -10.84
C HIS B 246 -0.74 38.35 -10.95
N LEU B 247 -0.83 39.66 -11.15
CA LEU B 247 0.34 40.49 -11.37
C LEU B 247 0.79 41.16 -10.08
N ASP B 248 2.09 41.46 -10.01
CA ASP B 248 2.69 42.06 -8.82
C ASP B 248 2.05 43.38 -8.45
N ASN B 249 1.40 44.06 -9.40
CA ASN B 249 0.86 45.39 -9.18
C ASN B 249 -0.64 45.38 -8.88
N GLY B 250 -1.19 44.21 -8.53
CA GLY B 250 -2.59 44.09 -8.24
C GLY B 250 -3.47 43.79 -9.43
N GLU B 251 -2.95 43.97 -10.65
CA GLU B 251 -3.73 43.67 -11.84
C GLU B 251 -4.10 42.19 -11.91
N MSE B 252 -5.13 41.90 -12.69
CA MSE B 252 -5.46 40.53 -13.06
C MSE B 252 -5.89 40.48 -14.52
O MSE B 252 -6.50 41.42 -15.02
CB MSE B 252 -6.57 39.99 -12.16
CG MSE B 252 -6.08 39.19 -10.97
SE MSE B 252 -7.48 38.96 -9.62
CE MSE B 252 -7.63 40.81 -9.05
H MSE B 252 -5.65 42.49 -13.03
HA MSE B 252 -4.69 39.95 -12.91
HB2 MSE B 252 -7.09 40.74 -11.82
HB3 MSE B 252 -7.14 39.40 -12.69
HG2 MSE B 252 -5.80 38.32 -11.26
HG3 MSE B 252 -5.34 39.66 -10.56
HE1 MSE B 252 -8.28 40.87 -8.33
HE2 MSE B 252 -6.76 41.13 -8.75
HE3 MSE B 252 -7.93 41.35 -9.80
N TYR B 253 -5.55 39.38 -15.19
CA TYR B 253 -5.96 39.15 -16.56
C TYR B 253 -6.39 37.69 -16.68
N LYS B 254 -7.42 37.44 -17.49
CA LYS B 254 -8.13 36.18 -17.46
C LYS B 254 -8.31 35.60 -18.85
N LEU B 255 -8.65 34.31 -18.89
CA LEU B 255 -9.13 33.65 -20.10
C LEU B 255 -10.03 32.51 -19.66
N HIS B 256 -11.27 32.49 -20.15
CA HIS B 256 -12.18 31.38 -19.95
C HIS B 256 -12.00 30.36 -21.06
N ARG B 257 -12.39 29.12 -20.79
CA ARG B 257 -12.37 28.11 -21.84
C ARG B 257 -13.13 28.58 -23.08
N HIS B 258 -14.17 29.38 -22.89
CA HIS B 258 -14.97 29.86 -24.02
C HIS B 258 -14.17 30.80 -24.90
N HIS B 259 -13.33 31.65 -24.31
CA HIS B 259 -12.45 32.49 -25.11
C HIS B 259 -11.58 31.68 -26.06
N LEU B 260 -11.31 30.41 -25.73
CA LEU B 260 -10.48 29.54 -26.54
C LEU B 260 -11.31 28.52 -27.32
N ASP B 261 -12.62 28.75 -27.45
CA ASP B 261 -13.50 27.87 -28.21
C ASP B 261 -13.46 26.45 -27.65
N LEU B 262 -13.65 26.35 -26.32
CA LEU B 262 -13.61 25.09 -25.60
C LEU B 262 -14.83 24.96 -24.69
N GLU B 263 -15.22 23.72 -24.44
CA GLU B 263 -16.37 23.44 -23.59
C GLU B 263 -15.97 23.48 -22.13
N TRP B 264 -16.87 23.99 -21.28
CA TRP B 264 -16.74 23.88 -19.84
C TRP B 264 -18.01 23.23 -19.29
N SER B 265 -17.84 22.15 -18.54
CA SER B 265 -18.95 21.38 -18.02
C SER B 265 -18.38 20.23 -17.21
N ALA B 266 -19.24 19.63 -16.39
CA ALA B 266 -18.81 18.49 -15.57
C ALA B 266 -18.25 17.38 -16.45
N LYS B 267 -18.89 17.13 -17.60
CA LYS B 267 -18.44 16.04 -18.46
C LYS B 267 -17.09 16.35 -19.10
N SER B 268 -16.80 17.64 -19.35
CA SER B 268 -15.54 18.06 -19.95
C SER B 268 -14.55 18.57 -18.91
N ALA B 269 -14.74 18.20 -17.63
CA ALA B 269 -13.89 18.68 -16.56
C ALA B 269 -13.53 17.52 -15.65
N ARG B 270 -12.24 17.36 -15.38
CA ARG B 270 -11.80 16.36 -14.41
C ARG B 270 -11.94 16.91 -12.99
N PRO B 271 -12.24 16.05 -12.02
CA PRO B 271 -12.47 16.53 -10.65
C PRO B 271 -11.34 17.43 -10.15
N LEU B 272 -11.72 18.56 -9.55
CA LEU B 272 -10.72 19.54 -9.13
C LEU B 272 -9.83 18.98 -8.02
N ASP B 273 -10.37 18.16 -7.13
CA ASP B 273 -9.56 17.64 -6.03
C ASP B 273 -8.52 16.64 -6.49
N GLN B 274 -8.52 16.27 -7.77
CA GLN B 274 -7.52 15.37 -8.34
C GLN B 274 -6.52 16.12 -9.23
N ILE B 275 -6.60 17.45 -9.26
CA ILE B 275 -5.68 18.21 -10.13
C ILE B 275 -4.26 18.00 -9.65
N PRO B 276 -3.32 17.64 -10.51
CA PRO B 276 -1.93 17.56 -10.06
C PRO B 276 -1.33 18.95 -9.89
N LEU B 277 -0.45 19.08 -8.91
CA LEU B 277 0.23 20.34 -8.65
C LEU B 277 1.74 20.14 -8.69
N LYS C 17 -3.87 2.14 -43.94
CA LYS C 17 -3.81 0.76 -43.50
C LYS C 17 -5.15 0.32 -42.93
N MSE C 18 -5.91 1.26 -42.38
CA MSE C 18 -7.19 0.96 -41.77
C MSE C 18 -8.31 1.02 -42.80
O MSE C 18 -8.19 1.71 -43.82
CB MSE C 18 -7.46 1.93 -40.62
CG MSE C 18 -6.45 1.87 -39.48
SE MSE C 18 -6.37 0.14 -38.58
CE MSE C 18 -4.86 -0.65 -39.54
H MSE C 18 -5.68 2.09 -42.34
HA MSE C 18 -7.16 0.07 -41.39
HB2 MSE C 18 -7.47 2.84 -40.96
HB3 MSE C 18 -8.34 1.72 -40.24
HG2 MSE C 18 -5.57 2.06 -39.84
HG3 MSE C 18 -6.68 2.54 -38.81
HE1 MSE C 18 -4.61 -1.47 -39.09
HE2 MSE C 18 -5.14 -0.83 -40.45
HE3 MSE C 18 -4.12 -0.02 -39.53
N CYS C 19 -9.39 0.30 -42.54
CA CYS C 19 -10.52 0.25 -43.46
C CYS C 19 -11.40 1.49 -43.31
N GLU C 20 -12.26 1.71 -44.30
CA GLU C 20 -13.20 2.81 -44.32
C GLU C 20 -14.59 2.30 -44.00
N VAL C 21 -15.36 3.11 -43.28
CA VAL C 21 -16.73 2.75 -42.91
C VAL C 21 -17.63 3.23 -44.05
N HIS C 22 -18.07 2.29 -44.89
CA HIS C 22 -18.93 2.60 -46.02
C HIS C 22 -20.21 1.78 -46.05
N ASP C 23 -20.37 0.78 -45.17
CA ASP C 23 -21.59 -0.01 -45.09
C ASP C 23 -21.68 -0.58 -43.69
N LYS C 24 -22.89 -1.01 -43.32
CA LYS C 24 -23.11 -1.57 -42.00
C LYS C 24 -22.11 -2.68 -41.71
N ILE C 25 -21.76 -2.84 -40.44
CA ILE C 25 -20.70 -3.74 -40.01
C ILE C 25 -21.34 -4.90 -39.24
N SER C 26 -21.12 -6.12 -39.73
CA SER C 26 -21.63 -7.30 -39.04
C SER C 26 -21.01 -7.42 -37.64
N ALA C 27 -21.66 -8.20 -36.79
CA ALA C 27 -21.17 -8.41 -35.43
C ALA C 27 -20.12 -9.52 -35.41
N ILE C 28 -19.12 -9.36 -34.55
CA ILE C 28 -18.10 -10.39 -34.38
C ILE C 28 -18.75 -11.72 -34.03
N LEU C 29 -19.77 -11.69 -33.17
CA LEU C 29 -20.50 -12.87 -32.75
C LEU C 29 -21.94 -12.81 -33.26
N VAL C 30 -22.53 -13.99 -33.44
CA VAL C 30 -23.93 -14.07 -33.84
C VAL C 30 -24.80 -13.59 -32.69
N CYS C 31 -25.69 -12.64 -32.97
CA CYS C 31 -26.49 -11.99 -31.92
C CYS C 31 -27.91 -11.81 -32.41
N ALA C 32 -28.87 -12.35 -31.66
CA ALA C 32 -30.28 -12.14 -31.96
C ALA C 32 -30.72 -10.80 -31.38
N HIS C 33 -31.62 -10.13 -32.10
CA HIS C 33 -32.12 -8.81 -31.71
C HIS C 33 -33.55 -8.95 -31.23
N VAL C 34 -33.76 -8.72 -29.94
CA VAL C 34 -35.08 -8.78 -29.32
C VAL C 34 -35.67 -7.38 -29.28
N LYS C 35 -36.86 -7.22 -29.85
CA LYS C 35 -37.50 -5.91 -29.94
C LYS C 35 -38.73 -5.85 -29.05
N LYS C 48 -33.39 -5.56 -26.50
CA LYS C 48 -32.14 -6.09 -25.97
C LYS C 48 -31.43 -6.94 -27.03
N TYR C 49 -30.28 -7.50 -26.66
CA TYR C 49 -29.54 -8.44 -27.51
C TYR C 49 -29.32 -9.74 -26.76
N LEU C 50 -29.32 -10.84 -27.51
CA LEU C 50 -29.01 -12.18 -26.99
C LEU C 50 -27.75 -12.65 -27.70
N ALA C 51 -26.60 -12.29 -27.16
CA ALA C 51 -25.33 -12.68 -27.74
C ALA C 51 -25.06 -14.16 -27.52
N THR C 52 -24.27 -14.75 -28.41
CA THR C 52 -23.88 -16.15 -28.34
C THR C 52 -22.37 -16.25 -28.47
N ASN C 53 -21.86 -17.47 -28.24
CA ASN C 53 -20.44 -17.75 -28.45
C ASN C 53 -20.09 -17.97 -29.92
N CYS C 54 -21.06 -17.91 -30.81
CA CYS C 54 -20.84 -18.26 -32.21
C CYS C 54 -20.29 -17.05 -32.97
N LEU C 55 -19.14 -17.24 -33.62
CA LEU C 55 -18.51 -16.17 -34.38
C LEU C 55 -19.18 -16.00 -35.74
N ASN C 56 -19.09 -14.79 -36.27
CA ASN C 56 -19.61 -14.52 -37.61
C ASN C 56 -18.97 -15.48 -38.61
N PRO C 57 -19.76 -16.12 -39.49
CA PRO C 57 -19.14 -17.02 -40.47
C PRO C 57 -18.10 -16.33 -41.34
N GLY C 58 -18.39 -15.10 -41.78
CA GLY C 58 -17.43 -14.37 -42.60
C GLY C 58 -16.11 -14.15 -41.88
N LEU C 59 -16.17 -13.91 -40.57
CA LEU C 59 -14.93 -13.75 -39.81
C LEU C 59 -14.16 -15.06 -39.75
N ILE C 60 -14.86 -16.18 -39.55
CA ILE C 60 -14.18 -17.48 -39.55
C ILE C 60 -13.53 -17.73 -40.90
N SER C 61 -14.27 -17.50 -41.98
CA SER C 61 -13.73 -17.71 -43.32
C SER C 61 -12.50 -16.86 -43.56
N ALA C 62 -12.51 -15.62 -43.07
CA ALA C 62 -11.37 -14.73 -43.29
C ALA C 62 -10.19 -15.12 -42.42
N ILE C 63 -10.43 -15.43 -41.14
CA ILE C 63 -9.35 -15.86 -40.26
C ILE C 63 -8.66 -17.10 -40.83
N GLN C 64 -9.45 -18.04 -41.36
CA GLN C 64 -8.86 -19.24 -41.95
C GLN C 64 -8.12 -18.92 -43.25
N ALA C 65 -8.56 -17.87 -43.96
CA ALA C 65 -7.86 -17.45 -45.17
C ALA C 65 -6.53 -16.77 -44.87
N GLY C 66 -6.25 -16.45 -43.61
CA GLY C 66 -4.99 -15.87 -43.23
C GLY C 66 -4.94 -14.37 -43.11
N ALA C 67 -6.09 -13.69 -43.13
CA ALA C 67 -6.11 -12.25 -42.97
C ALA C 67 -5.74 -11.86 -41.54
N ARG C 68 -5.04 -10.75 -41.41
CA ARG C 68 -4.67 -10.22 -40.10
C ARG C 68 -5.84 -9.47 -39.48
N VAL C 69 -6.05 -9.66 -38.19
CA VAL C 69 -7.16 -9.07 -37.46
C VAL C 69 -6.59 -8.06 -36.46
N VAL C 70 -6.91 -6.79 -36.67
CA VAL C 70 -6.45 -5.69 -35.83
C VAL C 70 -7.66 -5.15 -35.06
N PRO C 71 -7.79 -5.41 -33.75
CA PRO C 71 -8.89 -4.83 -32.99
C PRO C 71 -8.63 -3.36 -32.70
N THR C 72 -9.59 -2.50 -33.06
CA THR C 72 -9.52 -1.08 -32.81
C THR C 72 -10.70 -0.65 -31.93
N ALA C 73 -10.62 0.57 -31.42
CA ALA C 73 -11.60 1.07 -30.47
C ALA C 73 -12.80 1.70 -31.18
N MSE C 74 -13.99 1.39 -30.68
CA MSE C 74 -15.21 2.03 -31.16
C MSE C 74 -15.53 3.25 -30.30
O MSE C 74 -15.69 3.14 -29.08
CB MSE C 74 -16.37 1.05 -31.15
CG MSE C 74 -17.60 1.58 -31.85
SE MSE C 74 -19.21 0.60 -31.34
CE MSE C 74 -20.52 1.75 -32.21
H MSE C 74 -14.12 0.81 -30.06
HA MSE C 74 -15.07 2.31 -32.09
HB2 MSE C 74 -16.10 0.24 -31.60
HB3 MSE C 74 -16.61 0.86 -30.23
HG2 MSE C 74 -17.73 2.51 -31.62
HG3 MSE C 74 -17.48 1.49 -32.81
HE1 MSE C 74 -21.41 1.44 -31.98
HE2 MSE C 74 -20.39 2.67 -31.91
HE3 MSE C 74 -20.39 1.70 -33.18
N THR C 75 -15.63 4.41 -30.93
CA THR C 75 -15.98 5.64 -30.26
C THR C 75 -17.39 6.07 -30.65
N ASP C 76 -18.02 6.83 -29.76
CA ASP C 76 -19.43 7.18 -29.87
C ASP C 76 -19.55 8.63 -30.32
N GLY C 77 -20.00 8.80 -31.55
CA GLY C 77 -20.31 10.11 -32.08
C GLY C 77 -21.26 9.98 -33.25
N THR C 78 -20.95 10.67 -34.35
CA THR C 78 -21.71 10.56 -35.58
C THR C 78 -20.73 10.28 -36.71
N CYS C 79 -21.04 9.27 -37.52
CA CYS C 79 -20.14 8.88 -38.60
C CYS C 79 -20.03 10.00 -39.63
N CYS C 80 -18.80 10.27 -40.07
CA CYS C 80 -18.53 11.31 -41.05
C CYS C 80 -17.37 10.86 -41.94
N ARG C 81 -16.89 11.78 -42.77
CA ARG C 81 -15.72 11.53 -43.59
C ARG C 81 -15.27 12.87 -44.18
N VAL C 82 -14.00 12.93 -44.54
CA VAL C 82 -13.45 14.07 -45.28
C VAL C 82 -13.40 13.67 -46.76
N PHE C 83 -14.00 14.51 -47.61
CA PHE C 83 -14.16 14.19 -49.02
C PHE C 83 -13.87 15.46 -49.81
N ASN C 84 -12.64 15.55 -50.35
CA ASN C 84 -12.19 16.70 -51.11
C ASN C 84 -12.19 17.96 -50.24
N GLY C 85 -11.48 17.87 -49.12
CA GLY C 85 -11.25 19.00 -48.25
C GLY C 85 -12.45 19.47 -47.47
N LYS C 86 -13.58 18.76 -47.53
CA LYS C 86 -14.78 19.13 -46.80
C LYS C 86 -15.25 17.93 -45.99
N ILE C 87 -16.01 18.20 -44.95
CA ILE C 87 -16.59 17.16 -44.11
C ILE C 87 -17.92 16.73 -44.71
N GLN C 88 -18.16 15.43 -44.74
CA GLN C 88 -19.41 14.84 -45.21
C GLN C 88 -20.01 14.00 -44.10
N LYS C 89 -21.28 14.25 -43.80
CA LYS C 89 -22.00 13.50 -42.78
C LYS C 89 -22.68 12.29 -43.40
N ARG C 90 -22.62 11.16 -42.69
CA ARG C 90 -23.30 9.96 -43.16
C ARG C 90 -24.81 10.08 -42.96
N ARG C 91 -25.56 9.67 -43.98
CA ARG C 91 -27.01 9.61 -43.87
C ARG C 91 -27.51 8.32 -44.50
N ASP C 92 -28.33 7.58 -43.76
CA ASP C 92 -28.94 6.36 -44.25
C ASP C 92 -30.38 6.67 -44.69
N ILE C 93 -30.67 6.43 -45.96
CA ILE C 93 -31.99 6.67 -46.52
C ILE C 93 -32.76 5.35 -46.54
N LYS C 94 -33.96 5.35 -45.97
CA LYS C 94 -34.79 4.16 -45.89
C LYS C 94 -35.70 4.04 -47.10
N PRO C 95 -36.20 2.82 -47.39
CA PRO C 95 -36.93 2.59 -48.64
C PRO C 95 -38.01 3.61 -48.95
N GLY C 96 -37.90 4.27 -50.10
CA GLY C 96 -38.92 5.18 -50.57
C GLY C 96 -38.80 6.61 -50.08
N ARG C 97 -37.70 6.97 -49.44
CA ARG C 97 -37.50 8.30 -48.90
C ARG C 97 -36.61 9.12 -49.83
N GLU C 98 -36.81 10.44 -49.81
CA GLU C 98 -36.10 11.32 -50.72
C GLU C 98 -34.60 11.22 -50.52
N VAL C 99 -33.88 10.95 -51.61
CA VAL C 99 -32.41 10.98 -51.59
C VAL C 99 -31.98 12.44 -51.58
N PRO C 100 -31.29 12.91 -50.55
CA PRO C 100 -30.93 14.33 -50.48
C PRO C 100 -30.08 14.75 -51.68
N GLU C 101 -30.13 16.04 -52.00
CA GLU C 101 -29.28 16.61 -53.04
C GLU C 101 -27.84 16.61 -52.54
N GLY C 102 -27.00 15.77 -53.14
CA GLY C 102 -25.61 15.63 -52.74
C GLY C 102 -25.28 14.29 -52.12
N TRP C 103 -26.27 13.43 -51.91
CA TRP C 103 -26.03 12.12 -51.31
C TRP C 103 -25.31 11.22 -52.30
N ILE C 104 -24.22 10.61 -51.86
CA ILE C 104 -23.46 9.65 -52.64
C ILE C 104 -23.53 8.31 -51.90
N GLN C 105 -23.99 7.27 -52.61
CA GLN C 105 -24.12 5.97 -51.98
C GLN C 105 -22.75 5.32 -51.79
N THR C 106 -22.66 4.49 -50.75
CA THR C 106 -21.46 3.71 -50.49
C THR C 106 -21.76 2.28 -50.08
N GLY C 107 -22.99 1.94 -49.76
CA GLY C 107 -23.36 0.57 -49.44
C GLY C 107 -24.87 0.46 -49.38
N SER C 108 -25.34 -0.75 -49.11
CA SER C 108 -26.77 -1.01 -48.99
C SER C 108 -26.99 -2.08 -47.93
N ASP C 109 -27.69 -1.71 -46.85
CA ASP C 109 -28.05 -2.66 -45.82
C ASP C 109 -29.15 -3.60 -46.31
N GLY C 113 -33.38 -2.37 -43.86
CA GLY C 113 -32.85 -2.56 -45.19
C GLY C 113 -32.81 -1.27 -45.98
N HIS C 114 -31.95 -0.35 -45.54
CA HIS C 114 -31.88 1.00 -46.08
C HIS C 114 -30.55 1.26 -46.76
N LEU C 115 -30.47 2.40 -47.44
CA LEU C 115 -29.28 2.78 -48.20
C LEU C 115 -28.35 3.60 -47.31
N ILE C 116 -27.05 3.28 -47.38
CA ILE C 116 -26.02 4.01 -46.64
C ILE C 116 -25.26 4.90 -47.61
N GLY C 117 -24.88 6.09 -47.15
CA GLY C 117 -24.15 7.02 -47.99
C GLY C 117 -23.74 8.25 -47.21
N PHE C 118 -23.13 9.19 -47.94
CA PHE C 118 -22.58 10.41 -47.34
C PHE C 118 -23.02 11.62 -48.15
N MSE C 119 -23.09 12.77 -47.47
CA MSE C 119 -23.50 14.02 -48.10
C MSE C 119 -22.80 15.22 -47.47
O MSE C 119 -22.19 15.11 -46.41
CB MSE C 119 -25.02 14.19 -47.98
CG MSE C 119 -25.53 14.25 -46.55
SE MSE C 119 -27.47 14.31 -46.42
CE MSE C 119 -27.74 16.24 -46.60
H MSE C 119 -22.89 12.85 -46.64
HA MSE C 119 -23.27 13.98 -49.04
HB2 MSE C 119 -25.27 15.02 -48.41
HB3 MSE C 119 -25.46 13.45 -48.43
HG2 MSE C 119 -25.23 13.45 -46.09
HG3 MSE C 119 -25.17 15.03 -46.12
HE1 MSE C 119 -28.70 16.43 -46.54
HE2 MSE C 119 -27.28 16.70 -45.88
HE3 MSE C 119 -27.41 16.52 -47.46
N ASP C 120 -22.89 16.37 -48.13
CA ASP C 120 -22.28 17.58 -47.60
C ASP C 120 -23.14 18.19 -46.50
N LEU C 121 -22.49 18.99 -45.65
CA LEU C 121 -23.18 19.58 -44.51
C LEU C 121 -24.13 20.68 -44.96
N GLU C 122 -25.24 20.83 -44.22
CA GLU C 122 -26.23 21.86 -44.47
C GLU C 122 -25.98 23.03 -43.52
N LYS C 123 -26.69 24.13 -43.75
CA LYS C 123 -26.53 25.32 -42.91
C LYS C 123 -26.75 25.01 -41.44
N GLY C 124 -27.76 24.21 -41.14
CA GLY C 124 -28.09 23.90 -39.77
C GLY C 124 -27.17 22.93 -39.06
N ASP C 125 -26.08 22.50 -39.70
CA ASP C 125 -25.14 21.57 -39.08
C ASP C 125 -24.07 22.34 -38.30
N LYS C 126 -24.57 23.11 -37.32
CA LYS C 126 -23.70 23.99 -36.54
C LYS C 126 -22.57 23.22 -35.87
N TRP C 127 -22.90 22.08 -35.24
CA TRP C 127 -21.91 21.34 -34.47
C TRP C 127 -21.00 20.50 -35.34
N HIS C 128 -21.43 20.16 -36.57
CA HIS C 128 -20.51 19.54 -37.50
C HIS C 128 -19.44 20.53 -37.96
N TYR C 129 -19.84 21.79 -38.16
CA TYR C 129 -18.86 22.82 -38.51
C TYR C 129 -18.01 23.23 -37.32
N ASP C 130 -18.50 23.04 -36.09
CA ASP C 130 -17.77 23.56 -34.93
C ASP C 130 -16.43 22.87 -34.72
N CYS C 131 -16.21 21.71 -35.34
CA CYS C 131 -14.91 21.06 -35.22
C CYS C 131 -13.85 21.69 -36.11
N HIS C 132 -14.25 22.60 -37.01
CA HIS C 132 -13.28 23.47 -37.67
C HIS C 132 -12.70 24.46 -36.67
N VAL C 133 -11.42 24.80 -36.85
CA VAL C 133 -10.81 25.84 -36.02
C VAL C 133 -11.34 27.20 -36.47
N LYS C 134 -11.56 28.08 -35.50
CA LYS C 134 -12.29 29.31 -35.76
C LYS C 134 -11.41 30.36 -36.43
N ASP C 135 -12.07 31.31 -37.09
CA ASP C 135 -11.39 32.42 -37.77
C ASP C 135 -12.37 33.57 -37.85
N PRO C 136 -12.46 34.41 -36.81
CA PRO C 136 -13.50 35.45 -36.81
C PRO C 136 -13.35 36.48 -37.91
N SER C 137 -12.17 36.57 -38.53
CA SER C 137 -11.94 37.50 -39.64
C SER C 137 -12.04 36.79 -41.00
N SER C 138 -13.00 35.89 -41.14
CA SER C 138 -13.32 35.26 -42.41
C SER C 138 -14.82 35.35 -42.64
N PRO C 139 -15.26 35.32 -43.90
CA PRO C 139 -16.70 35.40 -44.17
C PRO C 139 -17.48 34.26 -43.57
N SER C 140 -16.83 33.14 -43.26
CA SER C 140 -17.47 31.99 -42.66
C SER C 140 -17.26 31.91 -41.15
N GLY C 141 -16.38 32.73 -40.59
CA GLY C 141 -15.98 32.57 -39.21
C GLY C 141 -15.18 31.32 -38.94
N LEU C 142 -14.86 30.53 -39.97
CA LEU C 142 -14.18 29.26 -39.82
C LEU C 142 -12.96 29.22 -40.72
N ASP C 143 -11.88 28.61 -40.21
CA ASP C 143 -10.76 28.21 -41.04
C ASP C 143 -11.18 26.93 -41.76
N ILE C 144 -11.61 27.07 -43.02
CA ILE C 144 -12.15 25.94 -43.76
C ILE C 144 -11.09 24.88 -44.04
N ASN C 145 -9.82 25.17 -43.77
CA ASN C 145 -8.73 24.26 -44.09
C ASN C 145 -8.18 23.53 -42.88
N LYS C 146 -8.69 23.80 -41.68
CA LYS C 146 -8.17 23.21 -40.46
C LYS C 146 -9.32 22.71 -39.59
N VAL C 147 -9.17 21.49 -39.07
CA VAL C 147 -10.13 20.90 -38.16
C VAL C 147 -9.37 20.40 -36.94
N LEU C 148 -10.03 20.47 -35.78
CA LEU C 148 -9.46 19.91 -34.56
C LEU C 148 -9.63 18.41 -34.56
N CYS C 149 -8.59 17.70 -34.13
CA CYS C 149 -8.60 16.24 -34.07
C CYS C 149 -8.09 15.77 -32.73
N ILE C 150 -8.51 14.57 -32.37
CA ILE C 150 -7.94 13.82 -31.25
C ILE C 150 -7.25 12.60 -31.85
N THR C 151 -5.96 12.44 -31.58
CA THR C 151 -5.16 11.43 -32.24
C THR C 151 -4.07 10.96 -31.30
N THR C 152 -3.28 10.00 -31.79
CA THR C 152 -2.14 9.48 -31.05
C THR C 152 -0.98 10.46 -31.13
N ASN C 153 -0.33 10.69 -29.98
CA ASN C 153 0.78 11.62 -29.90
C ASN C 153 1.98 11.03 -30.66
N LYS C 154 3.16 11.61 -30.44
CA LYS C 154 4.36 11.11 -31.10
C LYS C 154 4.71 9.71 -30.63
N ALA C 155 4.70 9.50 -29.31
CA ALA C 155 4.74 8.15 -28.79
C ALA C 155 3.43 7.44 -29.11
N GLY C 156 3.28 6.21 -28.61
CA GLY C 156 2.04 5.49 -28.72
C GLY C 156 1.47 5.21 -27.35
N ASP C 157 1.42 6.25 -26.50
CA ASP C 157 1.07 6.08 -25.10
C ASP C 157 -0.11 6.93 -24.65
N ALA C 158 -0.56 7.91 -25.44
CA ALA C 158 -1.67 8.74 -25.02
C ALA C 158 -2.23 9.49 -26.22
N LEU C 159 -3.51 9.86 -26.12
CA LEU C 159 -4.14 10.69 -27.12
C LEU C 159 -3.84 12.16 -26.85
N VAL C 160 -4.07 13.00 -27.85
CA VAL C 160 -3.81 14.42 -27.76
C VAL C 160 -4.73 15.15 -28.73
N TYR C 161 -5.05 16.40 -28.41
CA TYR C 161 -5.83 17.25 -29.30
C TYR C 161 -4.89 18.02 -30.20
N GLU C 162 -5.16 18.00 -31.50
CA GLU C 162 -4.27 18.58 -32.49
C GLU C 162 -5.08 19.25 -33.59
N GLU C 163 -4.70 20.48 -33.93
CA GLU C 163 -5.29 21.18 -35.06
C GLU C 163 -4.55 20.75 -36.32
N VAL C 164 -5.22 19.95 -37.16
CA VAL C 164 -4.58 19.40 -38.34
C VAL C 164 -5.22 20.01 -39.58
N ASN C 165 -4.51 19.85 -40.70
CA ASN C 165 -5.00 20.31 -42.00
C ASN C 165 -6.02 19.29 -42.52
N ILE C 166 -7.24 19.78 -42.80
CA ILE C 166 -8.36 18.91 -43.13
C ILE C 166 -7.99 18.01 -44.28
N ALA C 167 -7.05 18.43 -45.12
CA ALA C 167 -6.64 17.62 -46.26
C ALA C 167 -5.95 16.34 -45.82
N ASP C 168 -5.30 16.35 -44.65
CA ASP C 168 -4.64 15.13 -44.17
C ASP C 168 -5.61 13.97 -44.04
N LEU C 169 -6.90 14.24 -43.90
CA LEU C 169 -7.92 13.22 -43.70
C LEU C 169 -8.70 12.90 -44.96
N ASN C 170 -8.27 13.41 -46.11
CA ASN C 170 -9.00 13.19 -47.36
C ASN C 170 -9.10 11.70 -47.67
N GLY C 171 -10.30 11.25 -48.02
CA GLY C 171 -10.54 9.86 -48.36
C GLY C 171 -10.76 8.94 -47.19
N HIS C 172 -10.92 9.47 -45.98
CA HIS C 172 -11.01 8.66 -44.78
C HIS C 172 -12.29 8.95 -44.02
N THR C 173 -12.88 7.91 -43.44
CA THR C 173 -14.04 8.04 -42.58
C THR C 173 -13.59 8.33 -41.16
N VAL C 174 -14.28 9.27 -40.52
CA VAL C 174 -13.94 9.74 -39.19
C VAL C 174 -15.19 9.70 -38.32
N GLU C 175 -14.98 9.85 -37.02
CA GLU C 175 -16.05 9.92 -36.03
C GLU C 175 -16.03 11.31 -35.41
N LEU C 176 -17.08 12.09 -35.63
CA LEU C 176 -17.21 13.40 -35.03
C LEU C 176 -17.79 13.24 -33.63
N MSE C 177 -17.06 13.72 -32.62
CA MSE C 177 -17.49 13.60 -31.24
C MSE C 177 -17.41 14.93 -30.52
O MSE C 177 -16.74 15.85 -31.00
CB MSE C 177 -16.61 12.59 -30.51
CG MSE C 177 -16.44 11.27 -31.21
SE MSE C 177 -14.87 10.33 -30.53
CE MSE C 177 -13.50 11.61 -31.06
H MSE C 177 -16.31 14.13 -32.72
HA MSE C 177 -18.40 13.28 -31.23
HB2 MSE C 177 -15.74 12.96 -30.38
HB3 MSE C 177 -17.02 12.40 -29.64
HG2 MSE C 177 -17.22 10.71 -31.07
HG3 MSE C 177 -16.32 11.42 -32.17
HE1 MSE C 177 -12.62 11.22 -30.91
HE2 MSE C 177 -13.62 11.84 -31.99
HE3 MSE C 177 -13.59 12.42 -30.52
N GLY C 178 -18.06 15.03 -29.38
CA GLY C 178 -17.95 16.21 -28.56
C GLY C 178 -19.19 16.50 -27.74
N PRO C 179 -19.23 17.71 -27.17
CA PRO C 179 -20.36 18.06 -26.28
C PRO C 179 -21.75 17.78 -26.84
N LYS C 180 -22.00 18.12 -28.10
CA LYS C 180 -23.36 18.13 -28.63
C LYS C 180 -23.71 16.85 -29.38
N PHE C 181 -22.89 15.81 -29.28
CA PHE C 181 -23.14 14.54 -29.95
C PHE C 181 -23.17 13.42 -28.92
N GLN C 182 -24.34 12.79 -28.80
CA GLN C 182 -24.55 11.64 -27.92
C GLN C 182 -24.35 11.96 -26.45
N SER C 183 -24.50 13.23 -26.07
CA SER C 183 -24.34 13.67 -24.68
C SER C 183 -22.90 13.53 -24.20
N ASN C 184 -21.95 13.58 -25.13
CA ASN C 184 -20.53 13.60 -24.82
C ASN C 184 -20.14 12.56 -23.77
N PRO C 185 -20.39 11.27 -24.06
CA PRO C 185 -20.00 10.24 -23.09
C PRO C 185 -18.50 10.12 -22.88
N HIS C 186 -17.70 10.68 -23.80
CA HIS C 186 -16.25 10.59 -23.70
C HIS C 186 -15.62 11.74 -22.93
N GLY C 187 -16.41 12.74 -22.55
CA GLY C 187 -15.86 13.87 -21.82
C GLY C 187 -14.92 14.73 -22.62
N LEU C 188 -15.06 14.73 -23.94
CA LEU C 188 -14.19 15.55 -24.79
C LEU C 188 -14.44 17.03 -24.52
N LYS C 189 -13.36 17.81 -24.61
CA LYS C 189 -13.40 19.23 -24.28
C LYS C 189 -13.78 20.11 -25.47
N ALA C 190 -14.02 19.51 -26.63
CA ALA C 190 -14.33 20.28 -27.82
C ALA C 190 -14.67 19.33 -28.94
N HIS C 191 -15.57 19.76 -29.84
CA HIS C 191 -15.90 18.95 -31.00
C HIS C 191 -14.65 18.67 -31.81
N CYS C 192 -14.40 17.39 -32.08
CA CYS C 192 -13.20 16.98 -32.79
C CYS C 192 -13.51 15.74 -33.63
N LEU C 193 -12.57 15.41 -34.51
CA LEU C 193 -12.68 14.24 -35.38
C LEU C 193 -11.65 13.20 -34.98
N MSE C 194 -12.03 11.94 -35.12
CA MSE C 194 -11.07 10.85 -34.91
C MSE C 194 -11.16 9.83 -36.04
O MSE C 194 -12.19 9.18 -36.22
CB MSE C 194 -11.29 10.15 -33.57
CG MSE C 194 -10.08 9.32 -33.14
SE MSE C 194 -10.34 8.24 -31.54
CE MSE C 194 -10.76 6.52 -32.40
H MSE C 194 -12.82 11.67 -35.32
HA MSE C 194 -10.18 11.24 -34.90
HB2 MSE C 194 -11.47 10.81 -32.90
HB3 MSE C 194 -12.05 9.54 -33.66
HG2 MSE C 194 -9.84 8.73 -33.86
HG3 MSE C 194 -9.35 9.94 -32.95
HE1 MSE C 194 -10.93 5.86 -31.72
HE2 MSE C 194 -11.54 6.64 -32.97
HE3 MSE C 194 -9.99 6.25 -32.94
N ARG C 195 -10.07 9.70 -36.79
CA ARG C 195 -9.97 8.71 -37.84
C ARG C 195 -10.25 7.31 -37.28
N HIS C 196 -11.18 6.59 -37.91
CA HIS C 196 -11.53 5.26 -37.43
C HIS C 196 -10.31 4.34 -37.45
N GLY C 197 -10.19 3.52 -36.41
CA GLY C 197 -9.07 2.63 -36.27
C GLY C 197 -7.85 3.23 -35.61
N THR C 198 -7.90 4.51 -35.22
CA THR C 198 -6.75 5.15 -34.62
C THR C 198 -6.26 4.39 -33.39
N VAL C 199 -7.17 4.07 -32.48
CA VAL C 199 -6.81 3.45 -31.21
C VAL C 199 -6.80 1.94 -31.39
N LYS C 200 -5.60 1.35 -31.36
CA LYS C 200 -5.45 -0.10 -31.40
C LYS C 200 -5.50 -0.65 -29.97
N LEU C 201 -6.28 -1.71 -29.78
CA LEU C 201 -6.51 -2.25 -28.46
C LEU C 201 -5.39 -3.18 -28.01
N THR C 202 -5.08 -3.14 -26.72
CA THR C 202 -4.02 -3.94 -26.12
C THR C 202 -4.62 -5.08 -25.32
N ASP C 203 -4.07 -6.28 -25.50
CA ASP C 203 -4.48 -7.47 -24.76
C ASP C 203 -5.94 -7.83 -25.02
N PHE C 204 -6.44 -7.51 -26.23
CA PHE C 204 -7.79 -7.91 -26.61
C PHE C 204 -7.79 -9.38 -27.02
N PRO C 205 -8.83 -10.14 -26.68
CA PRO C 205 -8.83 -11.57 -27.00
C PRO C 205 -8.49 -11.83 -28.47
N ASP C 206 -7.53 -12.72 -28.68
CA ASP C 206 -7.13 -13.12 -30.04
C ASP C 206 -8.19 -14.05 -30.60
N LEU C 207 -9.05 -13.51 -31.47
CA LEU C 207 -10.17 -14.29 -32.00
C LEU C 207 -9.73 -15.45 -32.87
N ARG C 208 -8.46 -15.49 -33.29
CA ARG C 208 -7.95 -16.65 -33.99
C ARG C 208 -7.92 -17.87 -33.08
N ASP C 209 -7.94 -17.67 -31.76
CA ASP C 209 -7.94 -18.77 -30.81
C ASP C 209 -9.30 -19.45 -30.69
N TYR C 210 -10.34 -18.88 -31.31
CA TYR C 210 -11.69 -19.45 -31.27
C TYR C 210 -12.11 -20.00 -32.62
N VAL C 211 -11.16 -20.23 -33.52
CA VAL C 211 -11.47 -20.73 -34.86
C VAL C 211 -10.83 -22.09 -35.08
N GLY C 215 -7.88 -27.68 -39.38
CA GLY C 215 -8.86 -28.71 -39.11
C GLY C 215 -8.97 -29.08 -37.64
N ALA C 216 -8.25 -28.35 -36.79
CA ALA C 216 -8.22 -28.63 -35.37
C ALA C 216 -9.35 -27.91 -34.65
N GLU C 217 -9.73 -28.45 -33.50
CA GLU C 217 -10.71 -27.80 -32.66
C GLU C 217 -10.14 -26.49 -32.11
N PRO C 218 -10.98 -25.48 -31.88
CA PRO C 218 -10.47 -24.23 -31.29
C PRO C 218 -9.85 -24.48 -29.93
N LEU C 219 -8.84 -23.66 -29.61
CA LEU C 219 -8.24 -23.70 -28.28
C LEU C 219 -9.22 -23.17 -27.23
N LYS C 220 -9.69 -21.94 -27.41
CA LYS C 220 -10.68 -21.33 -26.53
C LYS C 220 -12.05 -21.33 -27.20
N GLU C 221 -13.11 -21.26 -26.38
CA GLU C 221 -14.47 -21.39 -26.90
C GLU C 221 -15.48 -20.39 -26.35
N ASN C 222 -15.11 -19.56 -25.37
CA ASN C 222 -16.05 -18.63 -24.75
C ASN C 222 -15.69 -17.20 -25.16
N ALA C 223 -15.85 -16.92 -26.46
CA ALA C 223 -15.51 -15.60 -26.96
C ALA C 223 -16.39 -14.52 -26.33
N LEU C 224 -17.66 -14.83 -26.07
CA LEU C 224 -18.56 -13.84 -25.49
C LEU C 224 -18.10 -13.44 -24.10
N ALA C 225 -17.84 -14.42 -23.24
CA ALA C 225 -17.40 -14.12 -21.88
C ALA C 225 -16.04 -13.43 -21.91
N ASP C 226 -15.09 -13.99 -22.64
CA ASP C 226 -13.74 -13.44 -22.65
C ASP C 226 -13.72 -12.00 -23.15
N ILE C 227 -14.54 -11.69 -24.16
CA ILE C 227 -14.62 -10.32 -24.66
C ILE C 227 -15.33 -9.43 -23.65
N ARG C 228 -16.45 -9.91 -23.11
CA ARG C 228 -17.14 -9.17 -22.06
C ARG C 228 -16.20 -8.89 -20.90
N ASN C 229 -15.31 -9.83 -20.59
CA ASN C 229 -14.38 -9.63 -19.49
C ASN C 229 -13.34 -8.58 -19.83
N TRP C 230 -12.94 -8.47 -21.10
CA TRP C 230 -11.96 -7.47 -21.48
C TRP C 230 -12.52 -6.06 -21.29
N PHE C 231 -13.80 -5.85 -21.61
CA PHE C 231 -14.39 -4.53 -21.44
C PHE C 231 -14.58 -4.21 -19.97
N LEU C 232 -14.91 -5.21 -19.14
CA LEU C 232 -15.16 -4.94 -17.73
C LEU C 232 -13.87 -4.66 -16.98
N ASN C 233 -12.79 -5.39 -17.29
CA ASN C 233 -11.63 -5.43 -16.42
C ASN C 233 -10.31 -5.04 -17.08
N SER C 234 -10.30 -4.70 -18.37
CA SER C 234 -9.07 -4.24 -18.98
C SER C 234 -8.87 -2.75 -18.71
N LYS C 235 -7.73 -2.22 -19.14
CA LYS C 235 -7.42 -0.81 -18.91
C LYS C 235 -8.10 0.10 -19.92
N GLN C 236 -8.35 -0.40 -21.13
CA GLN C 236 -8.95 0.41 -22.18
C GLN C 236 -10.46 0.24 -22.25
N GLY C 237 -10.96 -0.97 -22.01
CA GLY C 237 -12.37 -1.27 -22.07
C GLY C 237 -13.26 -0.20 -21.46
N PRO C 238 -13.04 0.14 -20.18
CA PRO C 238 -13.90 1.13 -19.53
C PRO C 238 -13.94 2.48 -20.24
N HIS C 239 -13.03 2.75 -21.18
CA HIS C 239 -13.06 3.99 -21.94
C HIS C 239 -13.85 3.88 -23.23
N LEU C 240 -14.23 2.67 -23.66
CA LEU C 240 -14.66 2.42 -25.02
C LEU C 240 -16.14 2.07 -25.11
N GLU C 241 -16.74 2.42 -26.25
CA GLU C 241 -18.10 2.00 -26.54
C GLU C 241 -18.14 0.57 -27.08
N GLY C 242 -17.09 0.14 -27.74
CA GLY C 242 -17.04 -1.21 -28.25
C GLY C 242 -15.72 -1.49 -28.94
N VAL C 243 -15.77 -2.45 -29.85
CA VAL C 243 -14.60 -2.87 -30.61
C VAL C 243 -15.01 -3.08 -32.06
N VAL C 244 -14.23 -2.54 -32.98
CA VAL C 244 -14.39 -2.81 -34.40
C VAL C 244 -13.09 -3.40 -34.92
N LEU C 245 -13.15 -4.64 -35.40
CA LEU C 245 -11.99 -5.28 -35.97
C LEU C 245 -11.79 -4.83 -37.41
N HIS C 246 -10.57 -4.40 -37.73
CA HIS C 246 -10.19 -4.12 -39.11
C HIS C 246 -9.31 -5.26 -39.60
N LEU C 247 -9.58 -5.74 -40.81
CA LEU C 247 -8.88 -6.88 -41.36
C LEU C 247 -8.14 -6.47 -42.64
N ASP C 248 -7.32 -7.41 -43.13
CA ASP C 248 -6.53 -7.18 -44.34
C ASP C 248 -7.42 -7.12 -45.57
N ASN C 249 -8.48 -7.94 -45.61
CA ASN C 249 -9.36 -7.98 -46.76
C ASN C 249 -10.28 -6.77 -46.85
N GLY C 250 -10.15 -5.80 -45.96
CA GLY C 250 -11.02 -4.65 -45.95
C GLY C 250 -12.31 -4.85 -45.19
N GLU C 251 -12.53 -6.03 -44.63
CA GLU C 251 -13.74 -6.31 -43.87
C GLU C 251 -13.66 -5.71 -42.47
N MSE C 252 -14.82 -5.61 -41.84
CA MSE C 252 -14.90 -5.12 -40.47
C MSE C 252 -15.91 -5.96 -39.68
O MSE C 252 -16.84 -6.51 -40.26
CB MSE C 252 -15.30 -3.65 -40.43
CG MSE C 252 -14.16 -2.65 -40.46
SE MSE C 252 -14.83 -0.89 -40.99
CE MSE C 252 -13.37 0.25 -40.39
H MSE C 252 -15.58 -5.82 -42.17
HA MSE C 252 -14.03 -5.17 -40.05
HB2 MSE C 252 -15.86 -3.47 -41.20
HB3 MSE C 252 -15.81 -3.49 -39.62
HG2 MSE C 252 -13.75 -2.59 -39.59
HG3 MSE C 252 -13.49 -2.93 -41.12
HE1 MSE C 252 -13.35 1.05 -40.95
HE2 MSE C 252 -13.53 0.51 -39.47
HE3 MSE C 252 -12.54 -0.23 -40.46
N TYR C 253 -15.70 -6.05 -38.37
CA TYR C 253 -16.60 -6.82 -37.50
C TYR C 253 -16.66 -6.10 -36.15
N LYS C 254 -17.84 -5.63 -35.78
CA LYS C 254 -18.02 -4.76 -34.64
C LYS C 254 -18.66 -5.50 -33.47
N LEU C 255 -18.54 -4.90 -32.28
CA LEU C 255 -19.30 -5.35 -31.11
C LEU C 255 -19.48 -4.14 -30.20
N HIS C 256 -20.74 -3.78 -29.95
CA HIS C 256 -21.11 -2.72 -29.02
C HIS C 256 -21.20 -3.29 -27.61
N ARG C 257 -21.18 -2.38 -26.62
CA ARG C 257 -21.35 -2.83 -25.25
C ARG C 257 -22.71 -3.48 -25.01
N HIS C 258 -23.71 -3.16 -25.83
CA HIS C 258 -25.04 -3.73 -25.64
C HIS C 258 -25.08 -5.19 -26.03
N HIS C 259 -24.26 -5.59 -27.01
CA HIS C 259 -24.13 -7.01 -27.35
C HIS C 259 -23.56 -7.81 -26.18
N LEU C 260 -22.71 -7.18 -25.37
CA LEU C 260 -22.08 -7.82 -24.23
C LEU C 260 -22.88 -7.65 -22.94
N ASP C 261 -24.15 -7.23 -23.04
CA ASP C 261 -24.98 -7.05 -21.85
C ASP C 261 -24.31 -6.04 -20.89
N LEU C 262 -23.74 -4.99 -21.46
CA LEU C 262 -23.09 -3.93 -20.71
C LEU C 262 -23.76 -2.59 -21.01
N GLU C 263 -23.51 -1.62 -20.13
CA GLU C 263 -24.06 -0.28 -20.24
C GLU C 263 -23.06 0.63 -20.95
N TRP C 264 -23.58 1.53 -21.78
CA TRP C 264 -22.79 2.60 -22.37
C TRP C 264 -23.43 3.94 -22.02
N SER C 265 -22.68 4.78 -21.30
CA SER C 265 -23.14 6.10 -20.89
C SER C 265 -21.93 6.86 -20.39
N ALA C 266 -22.14 8.15 -20.13
CA ALA C 266 -21.05 8.95 -19.57
C ALA C 266 -20.65 8.44 -18.18
N LYS C 267 -21.63 7.98 -17.39
CA LYS C 267 -21.34 7.49 -16.05
C LYS C 267 -20.56 6.19 -16.09
N SER C 268 -20.80 5.34 -17.08
CA SER C 268 -20.11 4.06 -17.21
C SER C 268 -18.85 4.16 -18.06
N ALA C 269 -18.45 5.37 -18.45
CA ALA C 269 -17.32 5.58 -19.34
C ALA C 269 -16.27 6.43 -18.64
N ARG C 270 -15.02 6.01 -18.73
CA ARG C 270 -13.94 6.90 -18.34
C ARG C 270 -13.55 7.80 -19.50
N PRO C 271 -13.07 9.01 -19.22
CA PRO C 271 -12.81 9.96 -20.32
C PRO C 271 -11.87 9.40 -21.37
N LEU C 272 -12.16 9.73 -22.63
CA LEU C 272 -11.37 9.21 -23.74
C LEU C 272 -9.95 9.78 -23.74
N ASP C 273 -9.81 11.09 -23.51
CA ASP C 273 -8.47 11.67 -23.53
C ASP C 273 -7.60 11.19 -22.36
N GLN C 274 -8.10 10.28 -21.53
CA GLN C 274 -7.30 9.62 -20.49
C GLN C 274 -7.05 8.15 -20.78
N ILE C 275 -7.42 7.66 -21.96
CA ILE C 275 -7.31 6.23 -22.24
C ILE C 275 -5.83 5.86 -22.34
N PRO C 276 -5.40 4.72 -21.78
CA PRO C 276 -4.02 4.28 -21.97
C PRO C 276 -3.85 3.61 -23.33
N LEU C 277 -2.80 3.98 -24.04
CA LEU C 277 -2.50 3.38 -25.33
C LEU C 277 -1.25 2.51 -25.25
N LYS D 17 3.99 1.14 41.75
CA LYS D 17 3.32 -0.03 42.31
C LYS D 17 4.23 -1.26 42.34
N MSE D 18 5.33 -1.21 41.60
CA MSE D 18 6.24 -2.35 41.54
C MSE D 18 7.31 -2.27 42.63
O MSE D 18 7.48 -1.22 43.27
CB MSE D 18 6.90 -2.42 40.16
CG MSE D 18 5.93 -2.63 39.00
SE MSE D 18 4.95 -4.33 39.07
CE MSE D 18 3.32 -3.72 39.95
H MSE D 18 5.57 -0.53 41.14
HA MSE D 18 5.74 -3.16 41.66
HB2 MSE D 18 7.37 -1.58 39.99
HB3 MSE D 18 7.54 -3.15 40.15
HG2 MSE D 18 5.28 -1.91 39.01
HG3 MSE D 18 6.43 -2.61 38.17
HE1 MSE D 18 2.68 -4.46 39.97
HE2 MSE D 18 3.54 -3.45 40.86
HE3 MSE D 18 2.95 -2.97 39.46
N CYS D 19 8.01 -3.37 42.84
CA CYS D 19 8.98 -3.49 43.92
C CYS D 19 10.36 -3.01 43.46
N GLU D 20 11.25 -2.87 44.44
CA GLU D 20 12.63 -2.46 44.20
C GLU D 20 13.56 -3.65 44.41
N VAL D 21 14.58 -3.76 43.57
CA VAL D 21 15.58 -4.82 43.70
C VAL D 21 16.63 -4.33 44.69
N HIS D 22 16.49 -4.74 45.94
CA HIS D 22 17.42 -4.39 47.01
C HIS D 22 18.06 -5.62 47.64
N ASP D 23 17.76 -6.81 47.15
CA ASP D 23 18.32 -8.05 47.67
C ASP D 23 18.37 -9.07 46.54
N LYS D 24 18.93 -10.24 46.83
CA LYS D 24 18.91 -11.33 45.86
C LYS D 24 17.53 -11.97 45.86
N ILE D 25 16.97 -12.15 44.67
CA ILE D 25 15.60 -12.65 44.50
C ILE D 25 15.61 -14.16 44.52
N SER D 26 14.77 -14.76 45.36
CA SER D 26 14.65 -16.21 45.39
C SER D 26 13.94 -16.72 44.13
N ALA D 27 14.02 -18.04 43.94
CA ALA D 27 13.43 -18.67 42.77
C ALA D 27 11.96 -18.98 43.01
N ILE D 28 11.15 -18.82 41.96
CA ILE D 28 9.73 -19.15 42.04
C ILE D 28 9.55 -20.59 42.47
N LEU D 29 10.26 -21.49 41.82
CA LEU D 29 10.23 -22.92 42.13
C LEU D 29 11.46 -23.30 42.93
N VAL D 30 11.30 -24.30 43.79
CA VAL D 30 12.46 -24.92 44.41
C VAL D 30 13.38 -25.43 43.30
N CYS D 31 14.68 -25.31 43.52
CA CYS D 31 15.67 -25.70 42.52
C CYS D 31 16.57 -26.79 43.07
N ALA D 32 16.90 -27.74 42.20
CA ALA D 32 17.85 -28.79 42.49
C ALA D 32 19.17 -28.51 41.77
N HIS D 33 20.13 -29.40 41.93
CA HIS D 33 21.42 -29.26 41.27
C HIS D 33 22.00 -30.61 40.88
N LYS D 48 24.96 -26.26 38.30
CA LYS D 48 23.75 -26.02 37.51
C LYS D 48 22.50 -26.17 38.37
N TYR D 49 21.74 -25.10 38.51
CA TYR D 49 20.50 -25.09 39.28
C TYR D 49 19.32 -25.20 38.31
N LEU D 50 18.60 -26.31 38.39
CA LEU D 50 17.40 -26.51 37.58
C LEU D 50 16.16 -26.47 38.46
N ALA D 51 15.08 -25.95 37.90
CA ALA D 51 13.82 -25.84 38.62
C ALA D 51 13.15 -27.20 38.73
N THR D 52 12.60 -27.49 39.90
CA THR D 52 11.80 -28.68 40.14
C THR D 52 10.32 -28.28 40.27
N ASN D 53 9.45 -29.27 40.18
CA ASN D 53 8.00 -29.03 40.20
C ASN D 53 7.54 -28.85 41.65
N CYS D 54 8.00 -27.74 42.24
CA CYS D 54 7.71 -27.47 43.65
C CYS D 54 7.89 -25.98 43.88
N LEU D 55 6.79 -25.29 44.19
CA LEU D 55 6.85 -23.85 44.42
C LEU D 55 7.72 -23.53 45.62
N ASN D 56 8.25 -22.31 45.63
CA ASN D 56 9.01 -21.84 46.77
C ASN D 56 8.12 -21.85 48.02
N PRO D 57 8.62 -22.33 49.16
CA PRO D 57 7.80 -22.27 50.38
C PRO D 57 7.31 -20.88 50.71
N GLY D 58 8.18 -19.88 50.67
CA GLY D 58 7.78 -18.51 50.97
C GLY D 58 6.77 -17.96 50.00
N LEU D 59 6.80 -18.45 48.75
CA LEU D 59 5.80 -18.03 47.77
C LEU D 59 4.45 -18.67 48.07
N ILE D 60 4.46 -19.97 48.43
CA ILE D 60 3.23 -20.62 48.89
C ILE D 60 2.62 -19.81 50.03
N SER D 61 3.43 -19.51 51.05
CA SER D 61 2.95 -18.76 52.20
C SER D 61 2.37 -17.42 51.78
N ALA D 62 3.13 -16.67 50.97
CA ALA D 62 2.67 -15.36 50.52
C ALA D 62 1.32 -15.45 49.83
N ILE D 63 1.18 -16.38 48.88
CA ILE D 63 -0.07 -16.53 48.15
C ILE D 63 -1.19 -16.92 49.11
N GLN D 64 -0.89 -17.77 50.10
CA GLN D 64 -1.89 -18.15 51.08
C GLN D 64 -2.29 -16.97 51.96
N ALA D 65 -1.38 -16.04 52.20
CA ALA D 65 -1.69 -14.85 52.98
C ALA D 65 -2.45 -13.79 52.18
N GLY D 66 -2.77 -14.06 50.92
CA GLY D 66 -3.57 -13.17 50.11
C GLY D 66 -2.80 -12.21 49.25
N ALA D 67 -1.49 -12.39 49.09
CA ALA D 67 -0.70 -11.48 48.29
C ALA D 67 -1.12 -11.55 46.83
N ARG D 68 -1.19 -10.37 46.20
CA ARG D 68 -1.42 -10.32 44.76
C ARG D 68 -0.10 -10.49 44.03
N VAL D 69 -0.09 -11.38 43.04
CA VAL D 69 1.11 -11.73 42.30
C VAL D 69 1.01 -11.10 40.92
N VAL D 70 2.03 -10.34 40.54
CA VAL D 70 2.10 -9.72 39.22
C VAL D 70 3.31 -10.27 38.49
N PRO D 71 3.14 -11.11 37.47
CA PRO D 71 4.30 -11.55 36.69
C PRO D 71 4.84 -10.43 35.82
N THR D 72 6.13 -10.15 35.93
CA THR D 72 6.80 -9.18 35.09
C THR D 72 7.93 -9.87 34.32
N ALA D 73 8.59 -9.11 33.45
CA ALA D 73 9.60 -9.63 32.57
C ALA D 73 10.99 -9.40 33.16
N MSE D 74 11.84 -10.42 33.04
CA MSE D 74 13.25 -10.27 33.40
C MSE D 74 14.04 -9.90 32.15
O MSE D 74 13.92 -10.56 31.11
CB MSE D 74 13.78 -11.55 34.01
CG MSE D 74 15.31 -11.57 34.15
SE MSE D 74 15.95 -13.07 35.21
CE MSE D 74 17.75 -12.40 35.60
H MSE D 74 11.62 -11.20 32.77
HA MSE D 74 13.34 -9.58 34.07
HB2 MSE D 74 13.41 -11.66 34.91
HB3 MSE D 74 13.53 -12.30 33.46
HG2 MSE D 74 15.70 -11.64 33.26
HG3 MSE D 74 15.60 -10.75 34.57
HE1 MSE D 74 18.21 -13.05 36.16
HE2 MSE D 74 18.22 -12.29 34.76
HE3 MSE D 74 17.68 -11.55 36.05
N THR D 75 14.85 -8.86 32.27
CA THR D 75 15.67 -8.37 31.18
C THR D 75 17.15 -8.49 31.57
N ASP D 76 17.98 -8.75 30.57
CA ASP D 76 19.41 -9.00 30.79
C ASP D 76 20.17 -7.70 30.60
N GLY D 77 20.66 -7.14 31.69
CA GLY D 77 21.44 -5.92 31.66
C GLY D 77 22.31 -5.80 32.89
N THR D 78 22.30 -4.64 33.54
CA THR D 78 23.00 -4.45 34.80
C THR D 78 22.11 -3.66 35.74
N CYS D 79 21.99 -4.14 36.97
CA CYS D 79 21.07 -3.56 37.93
C CYS D 79 21.55 -2.18 38.37
N CYS D 80 20.65 -1.20 38.29
CA CYS D 80 20.95 0.16 38.69
C CYS D 80 19.72 0.74 39.39
N ARG D 81 19.84 1.99 39.81
CA ARG D 81 18.72 2.70 40.40
C ARG D 81 19.00 4.20 40.27
N VAL D 82 17.94 4.98 40.39
CA VAL D 82 18.02 6.43 40.33
C VAL D 82 17.81 6.94 41.75
N PHE D 83 18.86 7.54 42.32
CA PHE D 83 18.83 8.04 43.69
C PHE D 83 19.35 9.47 43.68
N ASN D 84 18.48 10.42 44.03
CA ASN D 84 18.85 11.83 44.10
C ASN D 84 19.25 12.36 42.73
N GLY D 85 18.50 11.95 41.69
CA GLY D 85 18.75 12.42 40.35
C GLY D 85 19.98 11.84 39.68
N LYS D 86 20.67 10.91 40.34
CA LYS D 86 21.87 10.29 39.79
C LYS D 86 21.61 8.81 39.55
N ILE D 87 22.33 8.25 38.58
CA ILE D 87 22.33 6.81 38.37
C ILE D 87 23.31 6.19 39.35
N GLN D 88 22.89 5.12 40.01
CA GLN D 88 23.74 4.36 40.92
C GLN D 88 23.81 2.92 40.42
N LYS D 89 25.01 2.35 40.49
CA LYS D 89 25.24 0.98 40.06
C LYS D 89 25.30 0.06 41.28
N ARG D 90 24.75 -1.13 41.13
CA ARG D 90 24.78 -2.11 42.20
C ARG D 90 26.16 -2.74 42.32
N ARG D 91 26.65 -2.85 43.55
CA ARG D 91 27.86 -3.60 43.83
C ARG D 91 27.62 -4.47 45.06
N ASP D 92 28.04 -5.73 44.98
CA ASP D 92 27.85 -6.68 46.07
C ASP D 92 29.18 -6.94 46.76
N ILE D 93 29.09 -7.22 48.06
CA ILE D 93 30.27 -7.41 48.91
C ILE D 93 30.13 -8.70 49.71
N VAL D 99 34.41 -2.21 51.31
CA VAL D 99 33.33 -1.23 51.15
C VAL D 99 33.87 0.06 50.56
N PRO D 100 33.53 0.34 49.30
CA PRO D 100 33.90 1.64 48.72
C PRO D 100 33.15 2.77 49.41
N GLU D 101 33.79 3.94 49.45
CA GLU D 101 33.15 5.12 50.03
C GLU D 101 31.84 5.41 49.31
N GLY D 102 30.84 5.83 50.08
CA GLY D 102 29.54 6.11 49.52
C GLY D 102 28.74 4.91 49.11
N TRP D 103 29.17 3.71 49.48
CA TRP D 103 28.43 2.49 49.19
C TRP D 103 27.30 2.34 50.19
N ILE D 104 26.07 2.24 49.69
CA ILE D 104 24.88 2.14 50.53
C ILE D 104 24.38 0.70 50.50
N GLN D 105 24.36 0.06 51.66
CA GLN D 105 23.87 -1.30 51.75
C GLN D 105 22.34 -1.33 51.68
N THR D 106 21.82 -2.41 51.09
CA THR D 106 20.38 -2.61 50.95
C THR D 106 19.91 -4.01 51.33
N GLY D 107 20.80 -4.98 51.45
CA GLY D 107 20.41 -6.32 51.83
C GLY D 107 21.62 -7.20 52.07
N SER D 108 21.38 -8.51 52.13
CA SER D 108 22.46 -9.47 52.38
C SER D 108 22.00 -10.86 51.97
N ASP D 109 22.86 -11.54 51.20
CA ASP D 109 22.58 -12.91 50.73
C ASP D 109 23.18 -13.90 51.73
N GLU D 110 22.31 -14.62 52.43
CA GLU D 110 22.75 -15.59 53.42
C GLU D 110 23.50 -16.75 52.76
N HIS D 114 26.99 -12.81 50.68
CA HIS D 114 27.30 -11.53 50.04
C HIS D 114 26.47 -10.40 50.64
N LEU D 115 26.94 -9.17 50.46
CA LEU D 115 26.23 -7.96 50.88
C LEU D 115 25.76 -7.21 49.64
N ILE D 116 24.49 -6.82 49.63
CA ILE D 116 23.87 -6.17 48.48
C ILE D 116 23.72 -4.68 48.77
N GLY D 117 24.16 -3.84 47.84
CA GLY D 117 24.09 -2.41 48.02
C GLY D 117 24.27 -1.68 46.70
N PHE D 118 24.42 -0.36 46.81
CA PHE D 118 24.51 0.49 45.63
C PHE D 118 25.63 1.52 45.78
N MSE D 119 25.90 2.22 44.68
CA MSE D 119 27.07 3.07 44.53
C MSE D 119 26.85 4.14 43.47
O MSE D 119 26.02 3.95 42.57
CB MSE D 119 28.28 2.22 44.09
CG MSE D 119 29.35 2.02 45.12
SE MSE D 119 30.72 0.86 44.34
CE MSE D 119 31.65 2.18 43.24
H MSE D 119 25.39 2.22 43.99
HA MSE D 119 27.27 3.47 45.38
HB2 MSE D 119 27.96 1.35 43.84
HB3 MSE D 119 28.69 2.67 43.34
HG2 MSE D 119 29.75 2.87 45.36
HG3 MSE D 119 28.99 1.59 45.91
HE1 MSE D 119 32.40 1.75 42.78
HE2 MSE D 119 31.03 2.54 42.59
HE3 MSE D 119 31.99 2.89 43.80
N ASP D 120 27.59 5.24 43.54
CA ASP D 120 27.60 6.20 42.45
C ASP D 120 28.53 5.71 41.35
N LEU D 121 28.24 6.12 40.11
CA LEU D 121 29.05 5.71 38.98
C LEU D 121 30.46 6.28 39.10
N GLU D 122 31.44 5.53 38.61
CA GLU D 122 32.84 5.92 38.59
C GLU D 122 33.23 6.36 37.19
N LYS D 123 34.32 7.14 37.10
CA LYS D 123 34.74 7.69 35.81
C LYS D 123 34.90 6.61 34.75
N GLY D 124 35.32 5.41 35.16
CA GLY D 124 35.50 4.32 34.23
C GLY D 124 34.24 3.64 33.75
N ASP D 125 33.06 4.12 34.13
CA ASP D 125 31.80 3.50 33.72
C ASP D 125 31.19 4.26 32.54
N LYS D 126 31.95 4.29 31.45
CA LYS D 126 31.54 5.07 30.28
C LYS D 126 30.13 4.70 29.83
N TRP D 127 29.79 3.42 29.83
CA TRP D 127 28.54 2.98 29.24
C TRP D 127 27.35 3.15 30.18
N HIS D 128 27.57 3.21 31.49
CA HIS D 128 26.50 3.63 32.39
C HIS D 128 26.08 5.07 32.09
N TYR D 129 27.06 5.94 31.83
CA TYR D 129 26.74 7.32 31.47
C TYR D 129 26.16 7.43 30.08
N ASP D 130 26.50 6.50 29.18
CA ASP D 130 26.06 6.62 27.79
C ASP D 130 24.54 6.56 27.64
N CYS D 131 23.81 6.15 28.68
CA CYS D 131 22.36 6.17 28.61
C CYS D 131 21.79 7.58 28.81
N HIS D 132 22.57 8.51 29.35
CA HIS D 132 22.13 9.90 29.41
C HIS D 132 22.04 10.46 28.00
N VAL D 133 21.10 11.39 27.82
CA VAL D 133 21.00 12.09 26.54
C VAL D 133 22.22 12.99 26.36
N LYS D 134 22.73 13.04 25.14
CA LYS D 134 23.96 13.77 24.87
C LYS D 134 23.67 15.26 24.68
N ASP D 135 24.59 16.09 25.18
CA ASP D 135 24.47 17.54 25.08
C ASP D 135 25.86 18.09 24.77
N PRO D 136 26.24 18.15 23.49
CA PRO D 136 27.59 18.60 23.14
C PRO D 136 27.91 20.01 23.63
N SER D 137 26.91 20.83 23.93
CA SER D 137 27.18 22.16 24.47
C SER D 137 27.68 22.08 25.91
N SER D 138 27.12 21.16 26.70
CA SER D 138 27.57 21.01 28.08
C SER D 138 29.03 20.53 28.08
N PRO D 139 29.91 21.17 28.86
CA PRO D 139 31.33 20.78 28.83
C PRO D 139 31.61 19.30 29.02
N SER D 140 30.64 18.54 29.54
CA SER D 140 30.82 17.12 29.74
C SER D 140 30.19 16.28 28.64
N GLY D 141 29.42 16.88 27.74
CA GLY D 141 28.79 16.15 26.68
C GLY D 141 27.54 15.41 27.07
N LEU D 142 27.06 15.57 28.30
CA LEU D 142 25.88 14.90 28.80
C LEU D 142 24.88 15.91 29.31
N ASP D 143 23.60 15.63 29.12
CA ASP D 143 22.52 16.28 29.86
C ASP D 143 22.27 15.40 31.08
N ILE D 144 22.76 15.82 32.24
CA ILE D 144 22.72 14.96 33.42
C ILE D 144 21.33 14.87 34.04
N ASN D 145 20.33 15.47 33.41
CA ASN D 145 18.95 15.46 33.89
C ASN D 145 18.00 14.70 32.99
N LYS D 146 18.49 14.05 31.94
CA LYS D 146 17.64 13.33 31.01
C LYS D 146 18.34 12.05 30.59
N VAL D 147 17.60 10.94 30.66
CA VAL D 147 18.10 9.62 30.27
C VAL D 147 17.14 9.02 29.26
N LEU D 148 17.68 8.20 28.37
CA LEU D 148 16.88 7.44 27.43
C LEU D 148 16.37 6.17 28.13
N CYS D 149 15.06 6.02 28.21
CA CYS D 149 14.47 4.84 28.83
C CYS D 149 13.54 4.17 27.83
N ILE D 150 13.30 2.88 28.06
CA ILE D 150 12.36 2.11 27.26
C ILE D 150 11.19 1.75 28.16
N THR D 151 9.98 2.01 27.69
CA THR D 151 8.78 1.89 28.53
C THR D 151 7.59 1.55 27.64
N THR D 152 6.44 1.35 28.26
CA THR D 152 5.22 1.09 27.53
C THR D 152 4.64 2.38 26.97
N ASN D 153 4.11 2.30 25.76
CA ASN D 153 3.49 3.46 25.13
C ASN D 153 2.18 3.80 25.83
N LYS D 154 1.49 4.81 25.29
CA LYS D 154 0.23 5.27 25.89
C LYS D 154 -0.79 4.14 25.93
N ALA D 155 -0.96 3.43 24.82
CA ALA D 155 -1.99 2.40 24.75
C ALA D 155 -1.63 1.17 25.57
N GLY D 156 -0.35 0.93 25.79
CA GLY D 156 0.09 -0.27 26.48
C GLY D 156 0.22 -1.49 25.60
N ASP D 157 0.32 -1.31 24.29
CA ASP D 157 0.39 -2.42 23.35
C ASP D 157 1.81 -2.69 22.86
N ALA D 158 2.76 -1.81 23.13
CA ALA D 158 4.12 -1.99 22.68
C ALA D 158 5.06 -1.14 23.53
N LEU D 159 6.34 -1.45 23.45
CA LEU D 159 7.38 -0.66 24.10
C LEU D 159 7.82 0.47 23.18
N VAL D 160 8.34 1.53 23.79
CA VAL D 160 8.87 2.67 23.05
C VAL D 160 10.08 3.23 23.80
N TYR D 161 11.02 3.76 23.04
CA TYR D 161 12.13 4.52 23.60
C TYR D 161 11.67 5.94 23.87
N GLU D 162 12.07 6.50 25.01
CA GLU D 162 11.58 7.80 25.44
C GLU D 162 12.67 8.52 26.22
N GLU D 163 12.93 9.77 25.87
CA GLU D 163 13.84 10.61 26.64
C GLU D 163 13.05 11.20 27.81
N VAL D 164 13.42 10.80 29.02
CA VAL D 164 12.68 11.18 30.22
C VAL D 164 13.61 11.95 31.15
N ASN D 165 13.02 12.82 31.96
CA ASN D 165 13.77 13.47 33.03
C ASN D 165 14.14 12.43 34.08
N ILE D 166 15.44 12.32 34.37
CA ILE D 166 15.90 11.27 35.26
C ILE D 166 15.27 11.39 36.63
N ALA D 167 14.74 12.57 36.98
CA ALA D 167 14.05 12.72 38.25
C ALA D 167 12.79 11.87 38.32
N ASP D 168 12.13 11.64 37.17
CA ASP D 168 10.93 10.83 37.16
C ASP D 168 11.16 9.45 37.76
N LEU D 169 12.41 8.97 37.78
CA LEU D 169 12.72 7.62 38.25
C LEU D 169 13.37 7.59 39.62
N ASN D 170 13.39 8.70 40.35
CA ASN D 170 14.01 8.73 41.67
C ASN D 170 13.41 7.66 42.57
N GLY D 171 14.29 6.93 43.26
CA GLY D 171 13.84 5.93 44.22
C GLY D 171 13.38 4.63 43.63
N HIS D 172 13.70 4.36 42.37
CA HIS D 172 13.32 3.12 41.71
C HIS D 172 14.56 2.42 41.16
N THR D 173 14.53 1.09 41.19
CA THR D 173 15.58 0.28 40.59
C THR D 173 15.28 0.06 39.11
N VAL D 174 16.32 0.16 38.29
CA VAL D 174 16.18 0.02 36.84
C VAL D 174 17.21 -0.98 36.35
N GLU D 175 16.92 -1.56 35.18
CA GLU D 175 17.86 -2.41 34.47
C GLU D 175 18.46 -1.59 33.33
N LEU D 176 19.79 -1.47 33.32
CA LEU D 176 20.50 -0.75 32.28
C LEU D 176 20.94 -1.76 31.22
N MSE D 177 20.34 -1.69 30.04
CA MSE D 177 20.64 -2.63 28.97
C MSE D 177 21.17 -1.90 27.74
O MSE D 177 21.07 -0.68 27.65
CB MSE D 177 19.40 -3.43 28.56
CG MSE D 177 18.56 -3.98 29.70
SE MSE D 177 16.67 -3.75 29.28
CE MSE D 177 16.57 -4.86 27.70
H MSE D 177 19.76 -1.10 29.83
HA MSE D 177 21.30 -3.26 29.30
HB2 MSE D 177 18.82 -2.84 28.04
HB3 MSE D 177 19.68 -4.18 28.03
HG2 MSE D 177 18.75 -4.92 29.82
HG3 MSE D 177 18.77 -3.49 30.52
HE1 MSE D 177 16.10 -4.38 27.00
HE2 MSE D 177 17.47 -5.06 27.40
HE3 MSE D 177 16.10 -5.68 27.92
N GLY D 178 21.71 -2.66 26.79
CA GLY D 178 22.11 -2.11 25.52
C GLY D 178 23.31 -2.80 24.91
N PRO D 179 23.90 -2.16 23.90
CA PRO D 179 25.00 -2.79 23.15
C PRO D 179 26.12 -3.37 24.00
N LYS D 180 26.54 -2.69 25.06
CA LYS D 180 27.75 -3.06 25.78
C LYS D 180 27.48 -3.89 27.03
N PHE D 181 26.27 -4.43 27.20
CA PHE D 181 25.89 -5.17 28.39
C PHE D 181 25.41 -6.56 27.99
N GLN D 182 26.23 -7.58 28.24
CA GLN D 182 25.91 -8.98 27.93
C GLN D 182 25.72 -9.19 26.43
N SER D 183 26.40 -8.41 25.60
CA SER D 183 26.34 -8.55 24.15
C SER D 183 24.95 -8.26 23.60
N ASN D 184 24.18 -7.45 24.32
CA ASN D 184 22.91 -6.90 23.82
C ASN D 184 21.97 -7.99 23.35
N PRO D 185 21.60 -8.93 24.21
CA PRO D 185 20.70 -10.02 23.76
C PRO D 185 19.35 -9.52 23.29
N HIS D 186 18.90 -8.36 23.75
CA HIS D 186 17.58 -7.84 23.41
C HIS D 186 17.58 -7.03 22.13
N GLY D 187 18.75 -6.84 21.50
CA GLY D 187 18.81 -6.12 20.25
C GLY D 187 18.43 -4.66 20.36
N LEU D 188 18.71 -4.03 21.50
CA LEU D 188 18.37 -2.63 21.67
C LEU D 188 19.25 -1.75 20.80
N LYS D 189 18.67 -0.63 20.35
CA LYS D 189 19.34 0.28 19.44
C LYS D 189 20.13 1.36 20.17
N ALA D 190 20.18 1.31 21.50
CA ALA D 190 20.90 2.31 22.28
C ALA D 190 20.92 1.86 23.73
N HIS D 191 21.83 2.44 24.51
CA HIS D 191 21.84 2.21 25.94
C HIS D 191 20.68 2.95 26.58
N CYS D 192 19.88 2.23 27.38
CA CYS D 192 18.69 2.81 27.97
C CYS D 192 18.45 2.18 29.33
N LEU D 193 17.45 2.72 30.03
CA LEU D 193 17.05 2.24 31.34
C LEU D 193 15.62 1.75 31.27
N MSE D 194 15.32 0.68 32.01
CA MSE D 194 13.96 0.20 32.12
C MSE D 194 13.63 -0.06 33.58
O MSE D 194 14.33 -0.81 34.26
CB MSE D 194 13.76 -1.09 31.31
CG MSE D 194 12.31 -1.53 31.26
SE MSE D 194 12.05 -3.26 30.41
CE MSE D 194 11.02 -2.67 28.86
H MSE D 194 15.90 0.23 32.45
HA MSE D 194 13.36 0.85 31.75
HB2 MSE D 194 14.06 -0.93 30.41
HB3 MSE D 194 14.27 -1.79 31.72
HG2 MSE D 194 11.97 -1.60 32.16
HG3 MSE D 194 11.80 -0.88 30.76
HE1 MSE D 194 10.54 -3.43 28.50
HE2 MSE D 194 10.40 -1.98 29.14
HE3 MSE D 194 11.63 -2.32 28.19
N ARG D 195 12.56 0.58 34.05
CA ARG D 195 12.09 0.36 35.41
C ARG D 195 11.71 -1.10 35.60
N HIS D 196 12.16 -1.68 36.71
CA HIS D 196 11.87 -3.08 36.98
C HIS D 196 10.37 -3.28 37.15
N GLY D 197 9.83 -4.30 36.49
CA GLY D 197 8.41 -4.55 36.49
C GLY D 197 7.63 -3.77 35.45
N THR D 198 8.31 -3.15 34.49
CA THR D 198 7.61 -2.37 33.48
C THR D 198 6.70 -3.25 32.64
N VAL D 199 7.23 -4.38 32.16
CA VAL D 199 6.50 -5.24 31.24
C VAL D 199 5.72 -6.27 32.04
N LYS D 200 4.40 -6.13 32.07
CA LYS D 200 3.54 -7.11 32.72
C LYS D 200 3.23 -8.23 31.72
N LEU D 201 3.51 -9.46 32.13
CA LEU D 201 3.31 -10.60 31.26
C LEU D 201 1.82 -10.94 31.16
N THR D 202 1.40 -11.30 29.95
CA THR D 202 0.06 -11.82 29.70
C THR D 202 0.13 -13.32 29.52
N ASP D 203 -0.92 -14.01 29.96
CA ASP D 203 -1.05 -15.46 29.81
C ASP D 203 0.02 -16.23 30.57
N PHE D 204 0.72 -15.57 31.50
CA PHE D 204 1.64 -16.32 32.35
C PHE D 204 0.86 -17.12 33.38
N PRO D 205 1.27 -18.35 33.69
CA PRO D 205 0.49 -19.16 34.65
C PRO D 205 0.24 -18.44 35.96
N ASP D 206 -1.03 -18.41 36.36
CA ASP D 206 -1.42 -17.82 37.64
C ASP D 206 -1.07 -18.78 38.75
N LEU D 207 0.07 -18.55 39.41
CA LEU D 207 0.60 -19.54 40.35
C LEU D 207 -0.34 -19.82 41.52
N ARG D 208 -1.43 -19.06 41.69
CA ARG D 208 -2.40 -19.40 42.72
C ARG D 208 -3.07 -20.73 42.43
N ASP D 209 -3.25 -21.07 41.15
CA ASP D 209 -3.85 -22.34 40.78
C ASP D 209 -3.03 -23.53 41.22
N TYR D 210 -1.78 -23.32 41.66
CA TYR D 210 -0.91 -24.40 42.11
C TYR D 210 -0.71 -24.38 43.62
N VAL D 211 -1.45 -23.53 44.34
CA VAL D 211 -1.36 -23.42 45.79
C VAL D 211 -2.67 -23.89 46.39
N SER D 212 -2.57 -24.61 47.50
CA SER D 212 -3.77 -25.09 48.20
C SER D 212 -4.51 -23.91 48.81
N VAL D 213 -5.76 -23.71 48.40
CA VAL D 213 -6.57 -22.60 48.85
C VAL D 213 -7.56 -23.12 49.88
N ASP D 214 -7.37 -22.73 51.14
CA ASP D 214 -8.26 -23.12 52.23
C ASP D 214 -8.21 -24.64 52.47
N GLY D 215 -7.03 -25.22 52.38
CA GLY D 215 -6.85 -26.64 52.53
C GLY D 215 -7.39 -27.47 51.40
N ALA D 216 -7.87 -26.85 50.33
CA ALA D 216 -8.45 -27.58 49.21
C ALA D 216 -7.37 -27.95 48.19
N GLU D 217 -7.65 -29.00 47.43
CA GLU D 217 -6.68 -29.50 46.47
C GLU D 217 -6.33 -28.41 45.46
N PRO D 218 -5.05 -28.21 45.15
CA PRO D 218 -4.71 -27.19 44.14
C PRO D 218 -5.39 -27.48 42.82
N LEU D 219 -5.79 -26.40 42.14
CA LEU D 219 -6.47 -26.54 40.86
C LEU D 219 -5.56 -27.21 39.83
N LYS D 220 -4.31 -26.78 39.75
CA LYS D 220 -3.33 -27.32 38.81
C LYS D 220 -2.11 -27.84 39.58
N GLU D 221 -1.39 -28.77 38.94
CA GLU D 221 -0.35 -29.51 39.62
C GLU D 221 1.00 -29.50 38.92
N ASN D 222 1.10 -29.02 37.69
CA ASN D 222 2.35 -29.04 36.92
C ASN D 222 2.79 -27.61 36.65
N ALA D 223 3.40 -26.99 37.66
CA ALA D 223 3.89 -25.62 37.48
C ALA D 223 5.17 -25.59 36.65
N LEU D 224 6.08 -26.52 36.90
CA LEU D 224 7.33 -26.54 36.13
C LEU D 224 7.05 -26.76 34.64
N ALA D 225 6.10 -27.64 34.32
CA ALA D 225 5.75 -27.88 32.92
C ALA D 225 5.09 -26.65 32.30
N ASP D 226 4.12 -26.06 33.01
CA ASP D 226 3.36 -24.95 32.44
C ASP D 226 4.22 -23.70 32.29
N ILE D 227 5.20 -23.49 33.18
CA ILE D 227 6.07 -22.31 33.03
C ILE D 227 7.07 -22.53 31.90
N ARG D 228 7.64 -23.72 31.80
CA ARG D 228 8.56 -24.00 30.69
C ARG D 228 7.83 -23.93 29.36
N ASN D 229 6.58 -24.40 29.31
CA ASN D 229 5.82 -24.32 28.07
C ASN D 229 5.55 -22.87 27.71
N TRP D 230 5.31 -22.02 28.71
CA TRP D 230 5.04 -20.61 28.44
C TRP D 230 6.26 -19.92 27.83
N PHE D 231 7.45 -20.21 28.35
CA PHE D 231 8.64 -19.58 27.80
C PHE D 231 8.90 -20.00 26.37
N LEU D 232 8.57 -21.25 26.02
CA LEU D 232 8.86 -21.74 24.68
C LEU D 232 7.79 -21.33 23.67
N ASN D 233 6.52 -21.31 24.09
CA ASN D 233 5.41 -21.25 23.15
C ASN D 233 4.50 -20.04 23.31
N SER D 234 4.78 -19.13 24.23
CA SER D 234 3.96 -17.94 24.37
C SER D 234 4.47 -16.83 23.44
N LYS D 235 3.69 -15.77 23.32
CA LYS D 235 4.06 -14.66 22.44
C LYS D 235 5.11 -13.75 23.07
N GLN D 236 5.20 -13.71 24.40
CA GLN D 236 6.17 -12.86 25.09
C GLN D 236 7.42 -13.61 25.53
N GLY D 237 7.28 -14.89 25.87
CA GLY D 237 8.38 -15.71 26.33
C GLY D 237 9.64 -15.61 25.48
N PRO D 238 9.53 -15.81 24.17
CA PRO D 238 10.74 -15.77 23.31
C PRO D 238 11.48 -14.44 23.37
N HIS D 239 10.91 -13.40 23.97
CA HIS D 239 11.56 -12.11 24.09
C HIS D 239 12.29 -11.91 25.42
N LEU D 240 12.09 -12.81 26.39
CA LEU D 240 12.45 -12.54 27.77
C LEU D 240 13.54 -13.47 28.26
N GLU D 241 14.45 -12.92 29.07
CA GLU D 241 15.43 -13.73 29.77
C GLU D 241 14.80 -14.56 30.88
N GLY D 242 13.64 -14.15 31.39
CA GLY D 242 13.03 -14.85 32.49
C GLY D 242 11.78 -14.12 32.94
N VAL D 243 11.36 -14.41 34.17
CA VAL D 243 10.18 -13.80 34.75
C VAL D 243 10.47 -13.48 36.22
N VAL D 244 10.03 -12.31 36.66
CA VAL D 244 10.12 -11.91 38.06
C VAL D 244 8.72 -11.59 38.53
N LEU D 245 8.25 -12.31 39.56
CA LEU D 245 6.96 -12.03 40.16
C LEU D 245 7.11 -10.89 41.16
N HIS D 246 6.22 -9.90 41.06
CA HIS D 246 6.16 -8.80 42.01
C HIS D 246 4.87 -8.94 42.82
N LEU D 247 5.00 -9.00 44.14
CA LEU D 247 3.86 -9.17 45.03
C LEU D 247 3.61 -7.89 45.82
N ASP D 248 2.44 -7.87 46.48
CA ASP D 248 2.05 -6.73 47.30
C ASP D 248 2.91 -6.60 48.56
N ASN D 249 3.55 -7.68 49.00
CA ASN D 249 4.38 -7.65 50.18
C ASN D 249 5.74 -7.02 49.93
N GLY D 250 6.00 -6.55 48.71
CA GLY D 250 7.34 -6.22 48.31
C GLY D 250 8.21 -7.40 48.00
N GLU D 251 7.66 -8.62 48.11
CA GLU D 251 8.41 -9.83 47.83
C GLU D 251 8.55 -10.04 46.32
N MSE D 252 9.63 -10.70 45.94
CA MSE D 252 9.83 -11.06 44.55
C MSE D 252 10.36 -12.48 44.44
O MSE D 252 11.03 -12.99 45.35
CB MSE D 252 10.80 -10.09 43.87
CG MSE D 252 10.18 -8.75 43.54
SE MSE D 252 11.51 -7.55 42.75
CE MSE D 252 12.74 -7.45 44.25
H MSE D 252 10.27 -10.94 46.46
HA MSE D 252 8.98 -11.00 44.08
HB2 MSE D 252 11.55 -9.95 44.45
HB3 MSE D 252 11.09 -10.50 43.04
HG2 MSE D 252 9.46 -8.87 42.91
HG3 MSE D 252 9.86 -8.34 44.36
HE1 MSE D 252 13.35 -6.72 44.10
HE2 MSE D 252 12.22 -7.29 45.06
HE3 MSE D 252 13.23 -8.28 44.32
N TYR D 253 10.06 -13.11 43.32
CA TYR D 253 10.53 -14.46 43.01
C TYR D 253 10.82 -14.50 41.52
N LYS D 254 11.94 -15.12 41.16
CA LYS D 254 12.43 -15.08 39.79
C LYS D 254 12.55 -16.48 39.20
N LEU D 255 12.62 -16.52 37.87
CA LEU D 255 12.99 -17.73 37.15
C LEU D 255 13.73 -17.32 35.89
N HIS D 256 15.00 -17.70 35.79
CA HIS D 256 15.78 -17.52 34.58
C HIS D 256 15.51 -18.66 33.61
N ARG D 257 15.74 -18.39 32.32
CA ARG D 257 15.61 -19.45 31.32
C ARG D 257 16.44 -20.67 31.69
N HIS D 258 17.59 -20.46 32.34
CA HIS D 258 18.47 -21.58 32.65
C HIS D 258 17.86 -22.51 33.69
N HIS D 259 17.10 -21.96 34.64
CA HIS D 259 16.39 -22.81 35.59
C HIS D 259 15.42 -23.74 34.87
N LEU D 260 14.96 -23.35 33.68
CA LEU D 260 14.02 -24.13 32.89
C LEU D 260 14.72 -24.91 31.78
N ASP D 261 16.04 -25.07 31.86
CA ASP D 261 16.79 -25.81 30.86
C ASP D 261 16.56 -25.24 29.46
N LEU D 262 16.78 -23.93 29.33
CA LEU D 262 16.56 -23.21 28.08
C LEU D 262 17.75 -22.30 27.78
N GLU D 263 17.94 -22.04 26.48
CA GLU D 263 19.02 -21.17 26.02
C GLU D 263 18.63 -19.70 26.21
N TRP D 264 19.64 -18.88 26.50
CA TRP D 264 19.47 -17.43 26.48
C TRP D 264 20.63 -16.81 25.70
N SER D 265 20.31 -16.13 24.61
CA SER D 265 21.32 -15.51 23.75
C SER D 265 20.59 -14.62 22.76
N ALA D 266 21.38 -13.81 22.03
CA ALA D 266 20.79 -13.02 20.97
C ALA D 266 20.17 -13.90 19.89
N LYS D 267 20.77 -15.06 19.62
CA LYS D 267 20.22 -15.97 18.62
C LYS D 267 18.88 -16.54 19.06
N SER D 268 18.73 -16.86 20.34
CA SER D 268 17.51 -17.45 20.85
C SER D 268 16.57 -16.42 21.47
N ALA D 269 16.75 -15.14 21.15
CA ALA D 269 15.96 -14.07 21.73
C ALA D 269 15.42 -13.17 20.65
N ARG D 270 14.11 -12.93 20.66
CA ARG D 270 13.50 -11.96 19.77
C ARG D 270 13.69 -10.55 20.35
N PRO D 271 13.87 -9.55 19.49
CA PRO D 271 14.16 -8.20 19.99
C PRO D 271 13.11 -7.71 20.98
N LEU D 272 13.58 -7.07 22.06
CA LEU D 272 12.67 -6.65 23.11
C LEU D 272 11.72 -5.55 22.64
N ASP D 273 12.19 -4.63 21.79
CA ASP D 273 11.31 -3.55 21.37
C ASP D 273 10.17 -4.03 20.48
N GLN D 274 10.24 -5.28 19.99
CA GLN D 274 9.15 -5.87 19.24
C GLN D 274 8.21 -6.68 20.11
N ILE D 275 8.44 -6.75 21.42
CA ILE D 275 7.64 -7.65 22.25
C ILE D 275 6.20 -7.19 22.24
N PRO D 276 5.22 -8.09 22.08
CA PRO D 276 3.81 -7.68 22.16
C PRO D 276 3.37 -7.58 23.61
N LEU D 277 2.53 -6.59 23.90
CA LEU D 277 2.05 -6.37 25.26
C LEU D 277 0.53 -6.44 25.29
N LYS E 17 3.49 -41.20 6.76
CA LYS E 17 3.18 -40.46 5.55
C LYS E 17 4.44 -40.05 4.81
N MSE E 18 5.50 -39.77 5.55
CA MSE E 18 6.72 -39.24 4.97
C MSE E 18 7.84 -40.27 4.89
O MSE E 18 7.73 -41.36 5.46
CB MSE E 18 7.21 -38.03 5.79
CG MSE E 18 6.20 -36.89 5.86
SE MSE E 18 5.84 -36.08 4.12
CE MSE E 18 3.96 -36.58 3.93
H MSE E 18 5.54 -39.90 6.40
HA MSE E 18 6.53 -38.94 4.07
HB2 MSE E 18 7.38 -38.33 6.70
HB3 MSE E 18 8.02 -37.69 5.39
HG2 MSE E 18 5.37 -37.22 6.22
HG3 MSE E 18 6.55 -36.20 6.45
HE1 MSE E 18 3.61 -36.18 3.12
HE2 MSE E 18 3.90 -37.55 3.87
HE3 MSE E 18 3.47 -36.27 4.70
N CYS E 19 8.91 -39.92 4.18
CA CYS E 19 10.02 -40.83 3.97
C CYS E 19 10.99 -40.79 5.16
N GLU E 20 11.89 -41.76 5.18
CA GLU E 20 12.95 -41.84 6.17
C GLU E 20 14.28 -41.63 5.47
N VAL E 21 15.15 -40.84 6.08
CA VAL E 21 16.46 -40.54 5.52
C VAL E 21 17.40 -41.69 5.88
N HIS E 22 17.58 -42.62 4.95
CA HIS E 22 18.48 -43.75 5.14
C HIS E 22 19.67 -43.76 4.18
N ASP E 23 19.56 -43.10 3.03
CA ASP E 23 20.62 -43.03 2.04
C ASP E 23 20.93 -41.56 1.76
N LYS E 24 21.75 -41.32 0.73
CA LYS E 24 21.93 -39.97 0.23
C LYS E 24 20.73 -39.57 -0.61
N ILE E 25 20.48 -38.27 -0.66
CA ILE E 25 19.34 -37.70 -1.38
C ILE E 25 19.88 -36.99 -2.62
N SER E 26 19.40 -37.40 -3.79
CA SER E 26 19.76 -36.73 -5.03
C SER E 26 19.22 -35.29 -5.02
N ALA E 27 19.70 -34.50 -5.96
CA ALA E 27 19.24 -33.13 -6.11
C ALA E 27 18.02 -33.08 -7.03
N ILE E 28 17.11 -32.15 -6.73
CA ILE E 28 15.94 -31.95 -7.58
C ILE E 28 16.37 -31.63 -9.00
N LEU E 29 17.40 -30.80 -9.14
CA LEU E 29 17.85 -30.29 -10.42
C LEU E 29 19.31 -30.64 -10.62
N VAL E 30 19.68 -30.89 -11.88
CA VAL E 30 21.06 -31.26 -12.20
C VAL E 30 21.96 -30.08 -11.89
N CYS E 31 22.97 -30.29 -11.06
CA CYS E 31 23.86 -29.24 -10.59
C CYS E 31 25.30 -29.69 -10.69
N ALA E 32 26.16 -28.84 -11.24
CA ALA E 32 27.59 -29.08 -11.27
C ALA E 32 28.21 -28.55 -9.98
N HIS E 33 29.19 -29.28 -9.46
CA HIS E 33 29.93 -28.87 -8.28
C HIS E 33 31.31 -28.42 -8.69
N VAL E 34 31.60 -27.14 -8.46
CA VAL E 34 32.87 -26.55 -8.87
C VAL E 34 33.90 -26.68 -7.76
N LYS E 48 31.46 -24.90 -4.46
CA LYS E 48 30.35 -24.10 -4.98
C LYS E 48 29.63 -24.88 -6.07
N TYR E 49 28.36 -24.55 -6.28
CA TYR E 49 27.53 -25.24 -7.27
C TYR E 49 27.21 -24.32 -8.44
N LEU E 50 27.03 -24.94 -9.61
CA LEU E 50 26.52 -24.28 -10.81
C LEU E 50 25.29 -25.08 -11.22
N ALA E 51 24.11 -24.64 -10.78
CA ALA E 51 22.89 -25.37 -11.03
C ALA E 51 22.38 -25.11 -12.44
N THR E 52 21.43 -25.94 -12.88
CA THR E 52 20.82 -25.83 -14.19
C THR E 52 19.30 -25.91 -14.05
N ASN E 53 18.61 -25.69 -15.16
CA ASN E 53 17.15 -25.83 -15.21
C ASN E 53 16.71 -27.28 -15.44
N CYS E 54 17.64 -28.21 -15.55
CA CYS E 54 17.35 -29.59 -15.92
C CYS E 54 16.98 -30.39 -14.68
N LEU E 55 15.75 -30.90 -14.63
CA LEU E 55 15.33 -31.72 -13.50
C LEU E 55 16.12 -33.02 -13.46
N ASN E 56 16.13 -33.63 -12.29
CA ASN E 56 16.79 -34.93 -12.14
C ASN E 56 16.03 -35.97 -12.96
N PRO E 57 16.72 -36.77 -13.78
CA PRO E 57 16.00 -37.80 -14.57
C PRO E 57 15.13 -38.69 -13.73
N GLY E 58 15.60 -39.12 -12.55
CA GLY E 58 14.79 -39.96 -11.70
C GLY E 58 13.53 -39.27 -11.22
N LEU E 59 13.63 -37.97 -10.94
CA LEU E 59 12.44 -37.21 -10.56
C LEU E 59 11.49 -37.06 -11.74
N ILE E 60 12.03 -36.90 -12.96
CA ILE E 60 11.17 -36.83 -14.13
C ILE E 60 10.43 -38.15 -14.34
N SER E 61 11.15 -39.27 -14.17
CA SER E 61 10.51 -40.57 -14.31
C SER E 61 9.42 -40.76 -13.27
N ALA E 62 9.72 -40.46 -12.00
CA ALA E 62 8.75 -40.66 -10.93
C ALA E 62 7.49 -39.85 -11.17
N ILE E 63 7.64 -38.59 -11.60
CA ILE E 63 6.48 -37.74 -11.84
C ILE E 63 5.63 -38.31 -12.98
N GLN E 64 6.28 -38.87 -14.00
CA GLN E 64 5.55 -39.43 -15.13
C GLN E 64 4.87 -40.74 -14.79
N ALA E 65 5.39 -41.47 -13.79
CA ALA E 65 4.69 -42.63 -13.28
C ALA E 65 3.49 -42.24 -12.42
N GLY E 66 3.43 -41.00 -11.95
CA GLY E 66 2.31 -40.53 -11.17
C GLY E 66 2.54 -40.39 -9.68
N ALA E 67 3.79 -40.34 -9.23
CA ALA E 67 4.05 -40.21 -7.81
C ALA E 67 3.52 -38.88 -7.28
N ARG E 68 3.06 -38.90 -6.04
CA ARG E 68 2.67 -37.68 -5.35
C ARG E 68 3.93 -37.02 -4.78
N VAL E 69 4.19 -35.78 -5.19
CA VAL E 69 5.36 -35.04 -4.74
C VAL E 69 4.91 -34.07 -3.66
N VAL E 70 5.43 -34.24 -2.44
CA VAL E 70 5.12 -33.39 -1.31
C VAL E 70 6.36 -32.55 -1.01
N PRO E 71 6.32 -31.24 -1.25
CA PRO E 71 7.48 -30.40 -0.87
C PRO E 71 7.52 -30.21 0.63
N THR E 72 8.69 -30.45 1.23
CA THR E 72 8.87 -30.29 2.66
C THR E 72 10.11 -29.43 2.92
N ALA E 73 10.20 -28.93 4.16
CA ALA E 73 11.25 -27.99 4.52
C ALA E 73 12.52 -28.72 4.94
N MSE E 74 13.66 -28.17 4.52
CA MSE E 74 14.95 -28.68 4.97
C MSE E 74 15.44 -27.81 6.12
O MSE E 74 15.50 -26.59 6.01
CB MSE E 74 15.97 -28.66 3.84
CG MSE E 74 17.23 -29.45 4.14
SE MSE E 74 18.78 -28.89 3.08
CE MSE E 74 18.16 -29.42 1.30
H MSE E 74 13.71 -27.51 3.98
HA MSE E 74 14.87 -29.60 5.25
HB2 MSE E 74 15.56 -29.05 3.04
HB3 MSE E 74 16.22 -27.74 3.66
HG2 MSE E 74 17.45 -29.32 5.08
HG3 MSE E 74 17.07 -30.39 3.96
HE1 MSE E 74 18.88 -29.26 0.66
HE2 MSE E 74 17.92 -30.36 1.31
HE3 MSE E 74 17.38 -28.89 1.06
N THR E 75 15.80 -28.47 7.22
CA THR E 75 16.30 -27.78 8.41
C THR E 75 17.73 -28.21 8.68
N ASP E 76 18.47 -27.32 9.33
CA ASP E 76 19.90 -27.45 9.51
C ASP E 76 20.18 -28.00 10.90
N GLY E 77 20.58 -29.27 10.96
CA GLY E 77 20.98 -29.89 12.20
C GLY E 77 21.91 -31.07 11.95
N THR E 78 21.72 -32.14 12.72
CA THR E 78 22.50 -33.36 12.57
C THR E 78 21.53 -34.53 12.45
N CYS E 79 21.72 -35.35 11.42
CA CYS E 79 20.76 -36.40 11.10
C CYS E 79 20.79 -37.50 12.15
N CYS E 80 19.61 -37.82 12.67
CA CYS E 80 19.47 -38.82 13.72
C CYS E 80 18.22 -39.64 13.44
N ARG E 81 17.94 -40.58 14.36
CA ARG E 81 16.71 -41.35 14.32
C ARG E 81 16.47 -41.91 15.71
N VAL E 82 15.22 -42.29 15.96
CA VAL E 82 14.82 -42.92 17.21
C VAL E 82 14.64 -44.40 16.93
N PHE E 83 15.58 -45.21 17.42
CA PHE E 83 15.57 -46.65 17.21
C PHE E 83 15.29 -47.34 18.53
N ASN E 84 14.33 -48.26 18.53
CA ASN E 84 13.78 -48.79 19.77
C ASN E 84 13.30 -47.62 20.62
N GLY E 85 14.01 -47.31 21.71
CA GLY E 85 13.60 -46.21 22.55
C GLY E 85 14.74 -45.24 22.82
N LYS E 86 15.75 -45.26 21.95
CA LYS E 86 16.94 -44.45 22.12
C LYS E 86 17.16 -43.60 20.88
N ILE E 87 17.82 -42.46 21.07
CA ILE E 87 18.29 -41.67 19.95
C ILE E 87 19.50 -42.37 19.34
N GLN E 88 19.58 -42.36 18.02
CA GLN E 88 20.73 -42.84 17.29
C GLN E 88 21.24 -41.74 16.37
N LYS E 89 22.55 -41.62 16.27
CA LYS E 89 23.19 -40.63 15.41
C LYS E 89 23.66 -41.29 14.13
N ARG E 90 23.48 -40.60 13.01
CA ARG E 90 23.93 -41.12 11.74
C ARG E 90 25.44 -40.96 11.61
N ARG E 91 26.11 -42.00 11.12
CA ARG E 91 27.54 -41.95 10.86
C ARG E 91 27.83 -42.73 9.59
N ASP E 92 28.48 -42.07 8.63
CA ASP E 92 28.88 -42.70 7.38
C ASP E 92 30.31 -43.22 7.51
N ILE E 93 30.55 -44.44 7.03
CA ILE E 93 31.81 -45.14 7.22
C ILE E 93 32.30 -45.69 5.89
N LYS E 94 33.56 -46.17 5.88
CA LYS E 94 34.15 -46.71 4.66
C LYS E 94 34.15 -48.24 4.71
N PRO E 95 33.90 -48.94 3.59
CA PRO E 95 33.79 -50.40 3.59
C PRO E 95 35.04 -51.09 4.14
N VAL E 99 33.21 -52.08 11.82
CA VAL E 99 32.33 -50.94 12.00
C VAL E 99 32.19 -50.62 13.48
N PRO E 100 31.72 -49.41 13.80
CA PRO E 100 31.53 -49.04 15.21
C PRO E 100 30.51 -49.96 15.87
N GLU E 101 30.82 -50.37 17.10
CA GLU E 101 29.90 -51.24 17.82
C GLU E 101 28.54 -50.57 17.94
N GLY E 102 27.49 -51.32 17.57
CA GLY E 102 26.15 -50.77 17.55
C GLY E 102 25.75 -50.10 16.27
N TRP E 103 26.57 -50.19 15.23
CA TRP E 103 26.27 -49.57 13.94
C TRP E 103 25.38 -50.47 13.11
N ILE E 104 24.41 -49.86 12.41
CA ILE E 104 23.46 -50.58 11.58
C ILE E 104 23.41 -49.87 10.23
N GLN E 105 23.82 -50.57 9.17
CA GLN E 105 23.81 -49.99 7.84
C GLN E 105 22.40 -49.69 7.37
N THR E 106 22.26 -48.65 6.55
CA THR E 106 20.98 -48.31 5.95
C THR E 106 21.09 -47.84 4.50
N GLY E 107 22.27 -47.53 3.99
CA GLY E 107 22.41 -47.08 2.62
C GLY E 107 23.84 -47.14 2.14
N SER E 108 24.09 -46.46 1.04
CA SER E 108 25.41 -46.44 0.43
C SER E 108 25.52 -45.26 -0.53
N ASP E 109 26.64 -44.55 -0.46
CA ASP E 109 26.96 -43.46 -1.37
C ASP E 109 28.19 -43.83 -2.19
N GLU E 110 28.36 -43.14 -3.32
CA GLU E 110 29.50 -43.39 -4.20
C GLU E 110 29.98 -42.10 -4.87
N GLY E 113 32.36 -42.58 -1.62
CA GLY E 113 32.38 -44.03 -1.61
C GLY E 113 32.16 -44.62 -0.24
N HIS E 114 31.32 -43.96 0.56
CA HIS E 114 31.10 -44.32 1.95
C HIS E 114 29.79 -45.10 2.12
N LEU E 115 29.69 -45.78 3.26
CA LEU E 115 28.49 -46.50 3.66
C LEU E 115 27.75 -45.71 4.72
N ILE E 116 26.42 -45.71 4.64
CA ILE E 116 25.57 -44.89 5.50
C ILE E 116 24.90 -45.78 6.54
N GLY E 117 24.75 -45.27 7.74
CA GLY E 117 24.11 -46.01 8.80
C GLY E 117 23.89 -45.16 10.03
N PHE E 118 23.42 -45.82 11.10
CA PHE E 118 23.11 -45.17 12.35
C PHE E 118 23.70 -45.99 13.50
N MSE E 119 24.11 -45.30 14.55
CA MSE E 119 24.66 -45.95 15.74
C MSE E 119 24.10 -45.30 16.99
O MSE E 119 23.57 -44.19 16.95
CB MSE E 119 26.18 -45.87 15.75
CG MSE E 119 26.72 -44.45 15.60
SE MSE E 119 28.67 -44.39 15.48
CE MSE E 119 29.11 -44.53 17.37
H MSE E 119 24.08 -44.44 14.61
HA MSE E 119 24.41 -46.89 15.72
HB2 MSE E 119 26.51 -46.23 16.59
HB3 MSE E 119 26.52 -46.39 15.01
HG2 MSE E 119 26.36 -44.06 14.79
HG3 MSE E 119 26.46 -43.94 16.37
HE1 MSE E 119 30.07 -44.50 17.48
HE2 MSE E 119 28.69 -43.79 17.85
HE3 MSE E 119 28.77 -45.38 17.71
N ASP E 120 24.22 -46.00 18.12
CA ASP E 120 23.79 -45.43 19.39
C ASP E 120 24.75 -44.33 19.82
N LEU E 121 24.24 -43.36 20.58
CA LEU E 121 25.06 -42.25 21.03
C LEU E 121 26.19 -42.76 21.93
N GLU E 122 27.31 -42.04 21.90
CA GLU E 122 28.46 -42.33 22.76
C GLU E 122 28.44 -41.39 23.97
N LYS E 123 29.32 -41.66 24.94
CA LYS E 123 29.28 -40.91 26.20
C LYS E 123 29.55 -39.42 25.97
N GLY E 124 30.43 -39.10 25.02
CA GLY E 124 30.78 -37.72 24.76
C GLY E 124 29.71 -36.91 24.05
N ASP E 125 28.58 -37.50 23.69
CA ASP E 125 27.54 -36.81 22.93
C ASP E 125 26.63 -36.01 23.87
N LYS E 126 27.25 -35.08 24.58
CA LYS E 126 26.52 -34.26 25.54
C LYS E 126 25.29 -33.63 24.91
N TRP E 127 25.46 -33.00 23.74
CA TRP E 127 24.40 -32.20 23.14
C TRP E 127 23.37 -33.05 22.40
N HIS E 128 23.68 -34.31 22.09
CA HIS E 128 22.64 -35.23 21.63
C HIS E 128 21.72 -35.60 22.78
N TYR E 129 22.30 -35.96 23.93
CA TYR E 129 21.50 -36.30 25.10
C TYR E 129 20.73 -35.11 25.65
N ASP E 130 21.16 -33.89 25.34
CA ASP E 130 20.52 -32.72 25.93
C ASP E 130 19.10 -32.51 25.43
N CYS E 131 18.75 -33.09 24.29
CA CYS E 131 17.38 -32.96 23.80
C CYS E 131 16.39 -33.76 24.64
N HIS E 132 16.88 -34.66 25.49
CA HIS E 132 16.00 -35.35 26.43
C HIS E 132 15.54 -34.40 27.53
N VAL E 133 14.28 -34.56 27.95
CA VAL E 133 13.82 -33.84 29.13
C VAL E 133 14.67 -34.28 30.31
N LYS E 134 14.93 -33.35 31.23
CA LYS E 134 15.87 -33.58 32.32
C LYS E 134 15.13 -34.07 33.56
N ASP E 135 15.77 -35.00 34.28
CA ASP E 135 15.29 -35.45 35.59
C ASP E 135 16.50 -35.51 36.52
N PRO E 136 16.76 -34.45 37.29
CA PRO E 136 17.98 -34.43 38.11
C PRO E 136 18.03 -35.55 39.14
N SER E 137 16.90 -36.18 39.45
CA SER E 137 16.86 -37.25 40.43
C SER E 137 17.25 -38.61 39.85
N SER E 138 17.53 -38.69 38.55
CA SER E 138 17.90 -39.94 37.91
C SER E 138 19.42 -40.08 37.86
N PRO E 139 19.93 -41.30 37.71
CA PRO E 139 21.39 -41.46 37.61
C PRO E 139 21.98 -40.74 36.40
N SER E 140 21.24 -40.72 35.29
CA SER E 140 21.69 -40.04 34.09
C SER E 140 21.51 -38.53 34.17
N GLY E 141 20.62 -38.06 35.04
CA GLY E 141 20.18 -36.69 34.98
C GLY E 141 19.15 -36.41 33.91
N LEU E 142 18.74 -37.43 33.16
CA LEU E 142 17.79 -37.28 32.07
C LEU E 142 16.59 -38.18 32.30
N ASP E 143 15.46 -37.79 31.71
CA ASP E 143 14.29 -38.65 31.58
C ASP E 143 14.44 -39.37 30.24
N ILE E 144 14.87 -40.64 30.29
CA ILE E 144 15.27 -41.36 29.10
C ILE E 144 14.07 -41.75 28.24
N ASN E 145 12.86 -41.43 28.71
CA ASN E 145 11.64 -41.78 28.00
C ASN E 145 10.96 -40.59 27.35
N LYS E 146 11.52 -39.38 27.47
CA LYS E 146 10.90 -38.19 26.91
C LYS E 146 11.97 -37.28 26.31
N VAL E 147 11.67 -36.73 25.14
CA VAL E 147 12.56 -35.80 24.45
C VAL E 147 11.74 -34.58 24.05
N LEU E 148 12.40 -33.43 24.04
CA LEU E 148 11.78 -32.21 23.52
C LEU E 148 11.87 -32.24 22.00
N CYS E 149 10.73 -32.06 21.34
CA CYS E 149 10.67 -32.05 19.89
C CYS E 149 9.88 -30.83 19.45
N ILE E 150 10.16 -30.36 18.24
CA ILE E 150 9.48 -29.22 17.65
C ILE E 150 8.62 -29.74 16.51
N THR E 151 7.32 -29.46 16.57
CA THR E 151 6.37 -30.01 15.62
C THR E 151 5.26 -29.01 15.38
N THR E 152 4.40 -29.35 14.42
CA THR E 152 3.20 -28.56 14.18
C THR E 152 2.24 -28.67 15.35
N ASN E 153 1.46 -27.62 15.55
CA ASN E 153 0.53 -27.56 16.66
C ASN E 153 -0.81 -28.19 16.25
N LYS E 154 -1.82 -28.08 17.12
CA LYS E 154 -3.14 -28.65 16.82
C LYS E 154 -3.62 -28.24 15.43
N ALA E 155 -3.80 -26.95 15.23
CA ALA E 155 -3.97 -26.45 13.88
C ALA E 155 -2.61 -26.43 13.16
N GLY E 156 -2.65 -26.49 11.85
CA GLY E 156 -1.42 -26.48 11.08
C GLY E 156 -0.98 -25.09 10.70
N ASP E 157 -0.91 -24.18 11.67
CA ASP E 157 -0.56 -22.79 11.38
C ASP E 157 0.75 -22.36 12.00
N ALA E 158 1.35 -23.15 12.89
CA ALA E 158 2.59 -22.74 13.52
C ALA E 158 3.29 -23.95 14.14
N LEU E 159 4.57 -23.77 14.45
CA LEU E 159 5.35 -24.77 15.15
C LEU E 159 5.32 -24.51 16.65
N VAL E 160 5.53 -25.58 17.43
CA VAL E 160 5.55 -25.49 18.88
C VAL E 160 6.55 -26.50 19.42
N TYR E 161 7.25 -26.11 20.48
CA TYR E 161 8.07 -27.05 21.23
C TYR E 161 7.16 -27.93 22.08
N GLU E 162 7.45 -29.22 22.10
CA GLU E 162 6.57 -30.19 22.76
C GLU E 162 7.41 -31.31 23.35
N GLU E 163 7.21 -31.58 24.64
CA GLU E 163 7.82 -32.73 25.28
C GLU E 163 6.97 -33.95 24.96
N VAL E 164 7.55 -34.92 24.28
CA VAL E 164 6.81 -36.06 23.76
C VAL E 164 7.52 -37.34 24.19
N ASN E 165 6.73 -38.41 24.35
CA ASN E 165 7.27 -39.71 24.70
C ASN E 165 8.11 -40.23 23.55
N ILE E 166 9.38 -40.55 23.83
CA ILE E 166 10.31 -40.85 22.75
C ILE E 166 9.82 -42.01 21.90
N ALA E 167 8.98 -42.88 22.46
CA ALA E 167 8.46 -44.00 21.69
C ALA E 167 7.54 -43.52 20.56
N ASP E 168 7.01 -42.30 20.65
CA ASP E 168 6.18 -41.77 19.58
C ASP E 168 6.97 -41.66 18.28
N LEU E 169 8.25 -41.28 18.37
CA LEU E 169 9.11 -41.13 17.21
C LEU E 169 9.83 -42.42 16.83
N ASN E 170 9.53 -43.52 17.52
CA ASN E 170 10.25 -44.76 17.29
C ASN E 170 10.10 -45.20 15.84
N GLY E 171 11.24 -45.35 15.16
CA GLY E 171 11.24 -45.80 13.79
C GLY E 171 11.27 -44.70 12.74
N HIS E 172 11.66 -43.48 13.11
CA HIS E 172 11.66 -42.35 12.19
C HIS E 172 12.97 -41.59 12.30
N THR E 173 13.41 -41.02 11.18
CA THR E 173 14.61 -40.21 11.13
C THR E 173 14.26 -38.76 11.44
N VAL E 174 15.04 -38.14 12.31
CA VAL E 174 14.76 -36.80 12.81
C VAL E 174 16.00 -35.94 12.68
N GLU E 175 15.80 -34.63 12.57
CA GLU E 175 16.87 -33.66 12.59
C GLU E 175 17.02 -33.13 14.01
N LEU E 176 18.16 -33.38 14.63
CA LEU E 176 18.47 -32.81 15.95
C LEU E 176 19.10 -31.44 15.75
N MSE E 177 18.41 -30.41 16.23
CA MSE E 177 18.88 -29.04 16.06
C MSE E 177 18.96 -28.33 17.41
O MSE E 177 18.46 -28.84 18.42
CB MSE E 177 17.93 -28.23 15.16
CG MSE E 177 17.53 -28.91 13.88
SE MSE E 177 15.81 -28.19 13.29
CE MSE E 177 14.66 -28.93 14.68
H MSE E 177 17.66 -30.47 16.64
HA MSE E 177 19.75 -29.06 15.64
HB2 MSE E 177 17.13 -28.05 15.65
HB3 MSE E 177 18.39 -27.41 14.92
HG2 MSE E 177 18.19 -28.74 13.18
HG3 MSE E 177 17.43 -29.87 14.02
HE1 MSE E 177 13.74 -28.74 14.48
HE2 MSE E 177 14.80 -29.89 14.73
HE3 MSE E 177 14.90 -28.53 15.53
N GLY E 178 19.55 -27.14 17.41
CA GLY E 178 19.60 -26.33 18.60
C GLY E 178 20.84 -25.50 18.73
N PRO E 179 21.04 -24.92 19.92
CA PRO E 179 22.14 -23.96 20.12
C PRO E 179 23.52 -24.47 19.71
N LYS E 180 23.83 -25.75 19.91
CA LYS E 180 25.18 -26.25 19.74
C LYS E 180 25.38 -27.01 18.43
N PHE E 181 24.50 -26.82 17.45
CA PHE E 181 24.61 -27.49 16.16
C PHE E 181 24.57 -26.45 15.04
N GLN E 182 25.61 -26.42 14.22
CA GLN E 182 25.74 -25.52 13.08
C GLN E 182 25.57 -24.06 13.48
N SER E 183 25.79 -23.73 14.75
CA SER E 183 25.67 -22.37 15.26
C SER E 183 24.22 -21.90 15.33
N ASN E 184 23.28 -22.84 15.41
CA ASN E 184 21.87 -22.54 15.63
C ASN E 184 21.33 -21.53 14.62
N PRO E 185 21.47 -21.79 13.32
CA PRO E 185 20.92 -20.86 12.32
C PRO E 185 19.42 -20.64 12.47
N HIS E 186 18.72 -21.52 13.18
CA HIS E 186 17.28 -21.44 13.30
C HIS E 186 16.82 -20.64 14.52
N GLY E 187 17.73 -20.29 15.42
CA GLY E 187 17.35 -19.53 16.59
C GLY E 187 16.54 -20.31 17.60
N LEU E 188 16.70 -21.63 17.62
CA LEU E 188 15.93 -22.45 18.54
C LEU E 188 16.30 -22.11 19.98
N LYS E 189 15.33 -22.28 20.88
CA LYS E 189 15.51 -21.96 22.28
C LYS E 189 15.95 -23.16 23.12
N ALA E 190 16.18 -24.31 22.48
CA ALA E 190 16.55 -25.53 23.19
C ALA E 190 16.83 -26.65 22.20
N HIS E 191 17.72 -27.58 22.55
CA HIS E 191 17.98 -28.73 21.69
C HIS E 191 16.71 -29.56 21.55
N CYS E 192 16.32 -29.86 20.31
CA CYS E 192 15.06 -30.53 20.06
C CYS E 192 15.16 -31.38 18.81
N LEU E 193 14.18 -32.26 18.64
CA LEU E 193 14.09 -33.15 17.50
C LEU E 193 12.92 -32.76 16.60
N MSE E 194 13.11 -32.89 15.30
CA MSE E 194 12.03 -32.67 14.36
C MSE E 194 11.95 -33.82 13.36
O MSE E 194 12.93 -34.14 12.69
CB MSE E 194 12.20 -31.36 13.61
CG MSE E 194 10.94 -30.95 12.84
SE MSE E 194 11.21 -29.41 11.67
CE MSE E 194 9.68 -28.33 12.25
H MSE E 194 13.86 -33.10 14.93
HA MSE E 194 11.20 -32.63 14.86
HB2 MSE E 194 12.40 -30.66 14.24
HB3 MSE E 194 12.92 -31.45 12.97
HG2 MSE E 194 10.66 -31.69 12.29
HG3 MSE E 194 10.24 -30.72 13.47
HE1 MSE E 194 9.65 -27.52 11.73
HE2 MSE E 194 8.87 -28.83 12.12
HE3 MSE E 194 9.79 -28.12 13.19
N ARG E 195 10.78 -34.45 13.27
CA ARG E 195 10.52 -35.45 12.25
C ARG E 195 10.75 -34.84 10.86
N HIS E 196 11.64 -35.47 10.09
CA HIS E 196 11.84 -35.04 8.71
C HIS E 196 10.52 -35.06 7.95
N GLY E 197 10.24 -33.98 7.23
CA GLY E 197 9.00 -33.84 6.51
C GLY E 197 7.86 -33.25 7.32
N THR E 198 8.10 -32.86 8.58
CA THR E 198 7.05 -32.28 9.40
C THR E 198 6.43 -31.08 8.72
N VAL E 199 7.26 -30.12 8.30
CA VAL E 199 6.78 -28.84 7.78
C VAL E 199 6.52 -28.98 6.29
N LYS E 200 5.25 -28.88 5.90
CA LYS E 200 4.86 -28.96 4.49
C LYS E 200 4.87 -27.56 3.88
N LEU E 201 5.52 -27.43 2.73
CA LEU E 201 5.70 -26.12 2.10
C LEU E 201 4.45 -25.73 1.32
N THR E 202 4.05 -24.47 1.46
CA THR E 202 2.87 -23.93 0.80
C THR E 202 3.29 -23.01 -0.33
N ASP E 203 2.59 -23.11 -1.47
CA ASP E 203 2.85 -22.29 -2.64
C ASP E 203 4.23 -22.59 -3.23
N PHE E 204 4.73 -23.79 -3.05
CA PHE E 204 6.00 -24.16 -3.66
C PHE E 204 5.78 -24.59 -5.11
N PRO E 205 6.70 -24.26 -6.02
CA PRO E 205 6.49 -24.61 -7.44
C PRO E 205 6.13 -26.08 -7.67
N ASP E 206 4.99 -26.29 -8.33
CA ASP E 206 4.56 -27.63 -8.74
C ASP E 206 5.48 -28.13 -9.84
N LEU E 207 6.44 -28.98 -9.48
CA LEU E 207 7.40 -29.47 -10.46
C LEU E 207 6.74 -30.32 -11.55
N ARG E 208 5.54 -30.84 -11.29
CA ARG E 208 4.78 -31.51 -12.34
C ARG E 208 4.56 -30.58 -13.53
N ASP E 209 4.69 -29.27 -13.35
CA ASP E 209 4.54 -28.31 -14.42
C ASP E 209 5.82 -28.13 -15.23
N TYR E 210 6.96 -28.63 -14.75
CA TYR E 210 8.21 -28.57 -15.49
C TYR E 210 8.56 -29.91 -16.14
N VAL E 211 7.60 -30.84 -16.22
CA VAL E 211 7.78 -32.14 -16.82
C VAL E 211 6.74 -32.31 -17.91
N SER E 212 7.12 -33.03 -18.97
CA SER E 212 6.19 -33.31 -20.05
C SER E 212 5.23 -34.43 -19.64
N GLY E 215 2.90 -37.23 -22.64
CA GLY E 215 3.03 -35.82 -22.98
C GLY E 215 4.27 -35.54 -23.80
N ALA E 216 4.44 -34.29 -24.22
CA ALA E 216 5.59 -33.91 -25.02
C ALA E 216 5.82 -32.39 -25.05
N GLU E 217 5.43 -31.70 -23.97
CA GLU E 217 5.75 -30.27 -23.87
C GLU E 217 5.56 -29.80 -22.43
N PRO E 218 6.54 -29.10 -21.84
CA PRO E 218 6.38 -28.65 -20.45
C PRO E 218 5.63 -27.34 -20.36
N LEU E 219 4.80 -27.23 -19.32
CA LEU E 219 4.07 -25.98 -19.08
C LEU E 219 5.04 -24.85 -18.71
N LYS E 220 5.98 -25.13 -17.81
CA LYS E 220 6.99 -24.16 -17.38
C LYS E 220 8.37 -24.72 -17.68
N GLU E 221 9.36 -23.83 -17.83
CA GLU E 221 10.70 -24.24 -18.22
C GLU E 221 11.80 -23.79 -17.29
N ASN E 222 11.58 -22.79 -16.43
CA ASN E 222 12.64 -22.19 -15.62
C ASN E 222 12.44 -22.60 -14.16
N ALA E 223 12.82 -23.84 -13.85
CA ALA E 223 12.67 -24.33 -12.48
C ALA E 223 13.67 -23.67 -11.54
N LEU E 224 14.87 -23.36 -12.04
CA LEU E 224 15.90 -22.81 -11.16
C LEU E 224 15.52 -21.43 -10.65
N ALA E 225 15.11 -20.53 -11.57
CA ALA E 225 14.72 -19.19 -11.15
C ALA E 225 13.47 -19.21 -10.28
N ASP E 226 12.50 -20.07 -10.61
CA ASP E 226 11.24 -20.08 -9.88
C ASP E 226 11.43 -20.61 -8.46
N ILE E 227 12.27 -21.64 -8.29
CA ILE E 227 12.54 -22.13 -6.94
C ILE E 227 13.39 -21.15 -6.17
N ARG E 228 14.37 -20.53 -6.83
CA ARG E 228 15.12 -19.45 -6.22
C ARG E 228 14.19 -18.31 -5.81
N ASN E 229 13.26 -17.94 -6.69
CA ASN E 229 12.33 -16.86 -6.37
C ASN E 229 11.47 -17.20 -5.16
N TRP E 230 11.16 -18.49 -4.97
CA TRP E 230 10.35 -18.87 -3.82
C TRP E 230 11.11 -18.69 -2.52
N PHE E 231 12.38 -19.11 -2.48
CA PHE E 231 13.18 -18.95 -1.27
C PHE E 231 13.44 -17.47 -0.96
N LEU E 232 13.64 -16.65 -1.99
CA LEU E 232 13.94 -15.24 -1.77
C LEU E 232 12.72 -14.45 -1.33
N ASN E 233 11.52 -14.87 -1.72
CA ASN E 233 10.35 -14.02 -1.59
C ASN E 233 9.09 -14.67 -1.01
N SER E 234 9.07 -15.99 -0.83
CA SER E 234 7.89 -16.60 -0.21
C SER E 234 7.85 -16.24 1.28
N LYS E 235 6.79 -16.69 1.95
CA LYS E 235 6.68 -16.46 3.39
C LYS E 235 7.52 -17.45 4.18
N GLN E 236 7.70 -18.67 3.67
CA GLN E 236 8.42 -19.72 4.37
C GLN E 236 9.88 -19.82 3.98
N GLY E 237 10.20 -19.56 2.72
CA GLY E 237 11.56 -19.67 2.23
C GLY E 237 12.62 -19.09 3.14
N PRO E 238 12.45 -17.84 3.57
CA PRO E 238 13.47 -17.20 4.41
C PRO E 238 13.69 -17.89 5.75
N HIS E 239 12.81 -18.79 6.18
CA HIS E 239 13.01 -19.54 7.41
C HIS E 239 13.77 -20.84 7.20
N LEU E 240 14.03 -21.24 5.94
CA LEU E 240 14.42 -22.59 5.62
C LEU E 240 15.82 -22.64 4.99
N GLU E 241 16.52 -23.73 5.29
CA GLU E 241 17.82 -24.01 4.68
C GLU E 241 17.67 -24.52 3.25
N GLY E 242 16.54 -25.16 2.96
CA GLY E 242 16.34 -25.74 1.65
C GLY E 242 15.04 -26.50 1.61
N VAL E 243 14.87 -27.29 0.56
CA VAL E 243 13.65 -28.05 0.34
C VAL E 243 14.01 -29.49 0.05
N VAL E 244 13.16 -30.40 0.50
CA VAL E 244 13.26 -31.83 0.20
C VAL E 244 11.88 -32.29 -0.26
N LEU E 245 11.82 -32.88 -1.44
CA LEU E 245 10.60 -33.45 -1.96
C LEU E 245 10.46 -34.89 -1.46
N HIS E 246 9.37 -35.19 -0.78
CA HIS E 246 9.06 -36.54 -0.35
C HIS E 246 8.03 -37.12 -1.32
N LEU E 247 8.41 -38.18 -2.02
CA LEU E 247 7.57 -38.78 -3.04
C LEU E 247 6.83 -40.01 -2.50
N ASP E 248 5.71 -40.31 -3.15
CA ASP E 248 4.87 -41.43 -2.71
C ASP E 248 5.62 -42.75 -2.74
N ASN E 249 6.65 -42.87 -3.59
CA ASN E 249 7.39 -44.11 -3.75
C ASN E 249 8.61 -44.19 -2.83
N GLY E 250 8.72 -43.32 -1.84
CA GLY E 250 9.83 -43.33 -0.93
C GLY E 250 11.05 -42.54 -1.39
N GLU E 251 11.04 -42.03 -2.63
CA GLU E 251 12.17 -41.29 -3.15
C GLU E 251 12.21 -39.88 -2.57
N MSE E 252 13.38 -39.26 -2.66
CA MSE E 252 13.56 -37.89 -2.18
C MSE E 252 14.50 -37.12 -3.10
O MSE E 252 15.41 -37.68 -3.70
CB MSE E 252 14.09 -37.89 -0.75
CG MSE E 252 13.01 -38.11 0.31
SE MSE E 252 13.70 -38.18 2.13
CE MSE E 252 14.83 -39.77 1.95
H MSE E 252 14.10 -39.62 -2.99
HA MSE E 252 12.69 -37.46 -2.19
HB2 MSE E 252 14.74 -38.59 -0.64
HB3 MSE E 252 14.50 -37.03 -0.57
HG2 MSE E 252 12.37 -37.38 0.26
HG3 MSE E 252 12.56 -38.95 0.13
HE1 MSE E 252 15.17 -40.03 2.83
HE2 MSE E 252 14.29 -40.49 1.59
HE3 MSE E 252 15.57 -39.58 1.35
N TYR E 253 14.26 -35.82 -3.18
CA TYR E 253 15.06 -34.92 -4.01
C TYR E 253 15.16 -33.59 -3.30
N LYS E 254 16.38 -33.10 -3.10
CA LYS E 254 16.65 -31.95 -2.26
C LYS E 254 17.17 -30.78 -3.09
N LEU E 255 17.20 -29.61 -2.44
CA LEU E 255 17.87 -28.44 -3.00
C LEU E 255 18.25 -27.53 -1.83
N HIS E 256 19.53 -27.49 -1.51
CA HIS E 256 20.05 -26.53 -0.54
C HIS E 256 19.99 -25.11 -1.13
N ARG E 257 20.06 -24.12 -0.26
CA ARG E 257 20.15 -22.74 -0.73
C ARG E 257 21.41 -22.53 -1.56
N HIS E 258 22.49 -23.22 -1.22
CA HIS E 258 23.73 -23.10 -1.99
C HIS E 258 23.52 -23.50 -3.44
N HIS E 259 22.74 -24.55 -3.68
CA HIS E 259 22.38 -24.91 -5.06
C HIS E 259 21.76 -23.73 -5.78
N LEU E 260 20.95 -22.94 -5.07
CA LEU E 260 20.23 -21.82 -5.64
C LEU E 260 21.00 -20.51 -5.55
N ASP E 261 22.30 -20.56 -5.25
CA ASP E 261 23.13 -19.37 -5.13
C ASP E 261 22.57 -18.41 -4.08
N LEU E 262 22.27 -18.95 -2.90
CA LEU E 262 21.78 -18.17 -1.78
C LEU E 262 22.62 -18.47 -0.53
N GLU E 263 22.55 -17.54 0.43
CA GLU E 263 23.24 -17.65 1.69
C GLU E 263 22.37 -18.40 2.70
N TRP E 264 23.00 -19.25 3.51
CA TRP E 264 22.34 -19.85 4.67
C TRP E 264 23.19 -19.56 5.91
N SER E 265 22.57 -18.91 6.89
CA SER E 265 23.24 -18.49 8.11
C SER E 265 22.18 -17.89 9.03
N ALA E 266 22.57 -17.66 10.28
CA ALA E 266 21.65 -17.03 11.23
C ALA E 266 21.20 -15.66 10.71
N LYS E 267 22.12 -14.87 10.17
CA LYS E 267 21.77 -13.53 9.71
C LYS E 267 20.82 -13.56 8.51
N SER E 268 20.88 -14.62 7.70
CA SER E 268 20.03 -14.73 6.52
C SER E 268 18.80 -15.59 6.77
N ALA E 269 18.53 -15.98 8.02
CA ALA E 269 17.44 -16.87 8.34
C ALA E 269 16.52 -16.22 9.37
N ARG E 270 15.22 -16.26 9.09
CA ARG E 270 14.25 -15.90 10.12
C ARG E 270 14.06 -17.10 11.06
N PRO E 271 13.80 -16.86 12.35
CA PRO E 271 13.72 -17.97 13.29
C PRO E 271 12.74 -19.04 12.82
N LEU E 272 13.11 -20.30 13.10
CA LEU E 272 12.26 -21.41 12.66
C LEU E 272 10.95 -21.46 13.44
N ASP E 273 10.99 -21.18 14.75
CA ASP E 273 9.76 -21.24 15.54
C ASP E 273 8.81 -20.10 15.22
N GLN E 274 9.16 -19.21 14.29
CA GLN E 274 8.25 -18.17 13.81
C GLN E 274 7.69 -18.49 12.42
N ILE E 275 8.00 -19.64 11.86
CA ILE E 275 7.63 -19.91 10.46
C ILE E 275 6.12 -20.03 10.35
N PRO E 276 5.49 -19.40 9.36
CA PRO E 276 4.06 -19.63 9.14
C PRO E 276 3.80 -20.92 8.38
N LEU E 277 2.76 -21.63 8.80
CA LEU E 277 2.35 -22.88 8.16
C LEU E 277 0.93 -22.77 7.62
N LYS F 17 13.65 9.69 -10.78
CA LYS F 17 13.27 10.86 -10.00
C LYS F 17 14.26 11.12 -8.86
N MSE F 18 14.91 10.06 -8.40
CA MSE F 18 15.85 10.17 -7.29
C MSE F 18 17.22 10.65 -7.76
O MSE F 18 17.58 10.45 -8.93
CB MSE F 18 15.98 8.83 -6.58
CG MSE F 18 14.68 8.28 -6.01
SE MSE F 18 13.83 9.49 -4.71
CE MSE F 18 12.47 10.27 -5.87
H MSE F 18 14.83 9.27 -8.72
HA MSE F 18 15.50 10.82 -6.66
HB2 MSE F 18 16.32 8.18 -7.21
HB3 MSE F 18 16.61 8.93 -5.83
HG2 MSE F 18 14.05 8.15 -6.73
HG3 MSE F 18 14.85 7.45 -5.55
HE1 MSE F 18 11.87 10.81 -5.33
HE2 MSE F 18 12.90 10.83 -6.54
HE3 MSE F 18 11.97 9.56 -6.30
N CYS F 19 17.97 11.26 -6.86
CA CYS F 19 19.27 11.81 -7.23
C CYS F 19 20.29 10.68 -7.40
N GLU F 20 21.52 11.07 -7.74
CA GLU F 20 22.61 10.13 -7.98
C GLU F 20 23.74 10.44 -7.02
N VAL F 21 24.23 9.42 -6.31
CA VAL F 21 25.37 9.59 -5.42
C VAL F 21 26.63 9.72 -6.25
N HIS F 22 27.05 10.96 -6.50
CA HIS F 22 28.26 11.23 -7.26
C HIS F 22 29.20 12.17 -6.51
N ASP F 23 29.03 12.27 -5.19
CA ASP F 23 29.83 13.17 -4.37
C ASP F 23 29.62 12.80 -2.90
N LYS F 24 30.43 13.42 -2.04
CA LYS F 24 30.18 13.33 -0.60
C LYS F 24 28.89 14.06 -0.27
N ILE F 25 28.09 13.46 0.62
CA ILE F 25 26.79 14.01 1.00
C ILE F 25 26.91 14.70 2.34
N SER F 26 26.30 15.88 2.46
CA SER F 26 26.30 16.62 3.70
C SER F 26 25.22 16.09 4.65
N ALA F 27 25.35 16.46 5.92
CA ALA F 27 24.40 16.02 6.92
C ALA F 27 23.15 16.88 6.92
N ILE F 28 22.03 16.30 7.36
CA ILE F 28 20.80 17.07 7.52
C ILE F 28 20.99 18.14 8.58
N LEU F 29 21.69 17.80 9.66
CA LEU F 29 21.90 18.67 10.79
C LEU F 29 23.39 18.96 10.95
N VAL F 30 23.70 20.15 11.47
CA VAL F 30 25.08 20.47 11.80
C VAL F 30 25.57 19.49 12.84
N CYS F 31 26.73 18.87 12.59
CA CYS F 31 27.29 17.87 13.48
C CYS F 31 28.53 18.41 14.17
N ALA F 32 28.66 18.10 15.46
CA ALA F 32 29.77 18.54 16.30
C ALA F 32 30.58 17.33 16.74
N HIS F 33 31.90 17.39 16.54
CA HIS F 33 32.77 16.28 16.87
C HIS F 33 32.96 16.16 18.38
N LYS F 48 33.83 11.31 18.08
CA LYS F 48 32.56 10.98 17.44
C LYS F 48 31.88 12.22 16.89
N TYR F 49 31.16 12.05 15.77
CA TYR F 49 30.53 13.15 15.04
C TYR F 49 29.03 13.09 15.34
N LEU F 50 28.61 13.83 16.37
CA LEU F 50 27.21 13.85 16.78
C LEU F 50 26.49 15.07 16.21
N ALA F 51 25.19 14.91 15.98
CA ALA F 51 24.38 15.95 15.36
C ALA F 51 23.73 16.84 16.41
N THR F 52 23.35 18.04 15.97
CA THR F 52 22.77 19.06 16.82
C THR F 52 21.38 19.44 16.29
N ASN F 53 20.78 20.45 16.93
CA ASN F 53 19.46 20.94 16.52
C ASN F 53 19.53 21.98 15.41
N CYS F 54 20.70 22.21 14.83
CA CYS F 54 20.88 23.21 13.80
C CYS F 54 20.92 22.51 12.44
N LEU F 55 19.96 22.83 11.58
CA LEU F 55 19.93 22.26 10.24
C LEU F 55 21.11 22.77 9.43
N ASN F 56 21.39 22.07 8.35
CA ASN F 56 22.46 22.50 7.44
C ASN F 56 22.05 23.80 6.77
N PRO F 57 22.92 24.80 6.70
CA PRO F 57 22.56 26.03 5.96
C PRO F 57 22.09 25.77 4.55
N GLY F 58 22.70 24.81 3.85
CA GLY F 58 22.29 24.53 2.48
C GLY F 58 20.88 23.98 2.39
N LEU F 59 20.53 23.07 3.29
CA LEU F 59 19.18 22.52 3.30
C LEU F 59 18.15 23.62 3.57
N ILE F 60 18.43 24.49 4.54
CA ILE F 60 17.52 25.59 4.83
C ILE F 60 17.33 26.45 3.59
N SER F 61 18.41 26.69 2.84
CA SER F 61 18.33 27.54 1.65
C SER F 61 17.50 26.87 0.57
N ALA F 62 17.68 25.57 0.35
CA ALA F 62 16.92 24.88 -0.69
C ALA F 62 15.46 24.77 -0.32
N ILE F 63 15.15 24.56 0.96
CA ILE F 63 13.76 24.50 1.41
C ILE F 63 13.08 25.85 1.20
N GLN F 64 13.77 26.94 1.57
CA GLN F 64 13.20 28.27 1.37
C GLN F 64 13.02 28.57 -0.11
N ALA F 65 13.88 28.01 -0.97
CA ALA F 65 13.72 28.18 -2.41
C ALA F 65 12.60 27.31 -2.97
N GLY F 66 11.94 26.50 -2.14
CA GLY F 66 10.80 25.73 -2.57
C GLY F 66 11.10 24.38 -3.16
N ALA F 67 12.18 23.72 -2.72
CA ALA F 67 12.56 22.42 -3.25
C ALA F 67 11.87 21.31 -2.47
N ARG F 68 11.32 20.33 -3.19
CA ARG F 68 10.64 19.22 -2.54
C ARG F 68 11.66 18.28 -1.89
N VAL F 69 11.35 17.83 -0.69
CA VAL F 69 12.26 17.03 0.13
C VAL F 69 11.67 15.63 0.27
N VAL F 70 12.28 14.65 -0.39
CA VAL F 70 11.81 13.27 -0.35
C VAL F 70 12.73 12.44 0.52
N PRO F 71 12.36 12.12 1.77
CA PRO F 71 13.24 11.29 2.60
C PRO F 71 13.24 9.84 2.14
N THR F 72 14.44 9.29 1.98
CA THR F 72 14.64 7.90 1.56
C THR F 72 15.47 7.17 2.60
N ALA F 73 15.49 5.85 2.50
CA ALA F 73 16.17 5.00 3.48
C ALA F 73 17.63 4.79 3.10
N MSE F 74 18.50 4.85 4.10
CA MSE F 74 19.92 4.55 3.90
C MSE F 74 20.16 3.07 4.20
O MSE F 74 19.78 2.57 5.26
CB MSE F 74 20.80 5.42 4.80
CG MSE F 74 22.31 5.21 4.65
SE MSE F 74 23.38 6.46 5.71
CE MSE F 74 25.18 5.85 5.20
H MSE F 74 18.31 5.07 4.90
HA MSE F 74 20.17 4.74 2.99
HB2 MSE F 74 20.61 6.35 4.60
HB3 MSE F 74 20.57 5.24 5.73
HG2 MSE F 74 22.52 4.31 4.94
HG3 MSE F 74 22.55 5.32 3.72
HE1 MSE F 74 25.83 6.45 5.59
HE2 MSE F 74 25.30 4.95 5.53
HE3 MSE F 74 25.24 5.87 4.23
N THR F 75 20.78 2.37 3.25
CA THR F 75 21.18 0.99 3.41
C THR F 75 22.70 0.89 3.46
N ASP F 76 23.18 -0.16 4.11
CA ASP F 76 24.60 -0.30 4.42
C ASP F 76 25.21 -1.36 3.52
N GLY F 77 25.98 -0.91 2.52
CA GLY F 77 26.72 -1.79 1.64
C GLY F 77 27.93 -1.08 1.11
N THR F 78 28.23 -1.30 -0.17
CA THR F 78 29.29 -0.58 -0.86
C THR F 78 28.69 0.21 -2.01
N CYS F 79 29.20 1.42 -2.21
CA CYS F 79 28.66 2.31 -3.23
C CYS F 79 29.09 1.85 -4.62
N CYS F 80 28.12 1.75 -5.53
CA CYS F 80 28.38 1.31 -6.89
C CYS F 80 27.47 2.08 -7.84
N ARG F 81 27.52 1.71 -9.12
CA ARG F 81 26.62 2.26 -10.12
C ARG F 81 26.63 1.32 -11.32
N VAL F 82 25.68 1.55 -12.22
CA VAL F 82 25.63 0.85 -13.50
C VAL F 82 25.99 1.86 -14.58
N PHE F 83 27.04 1.54 -15.34
CA PHE F 83 27.61 2.46 -16.33
C PHE F 83 27.90 1.68 -17.59
N ASN F 84 27.10 1.92 -18.64
CA ASN F 84 27.23 1.21 -19.92
C ASN F 84 27.10 -0.29 -19.72
N GLY F 85 26.06 -0.70 -18.99
CA GLY F 85 25.75 -2.10 -18.80
C GLY F 85 26.71 -2.86 -17.92
N LYS F 86 27.56 -2.17 -17.17
CA LYS F 86 28.51 -2.82 -16.29
C LYS F 86 28.42 -2.22 -14.90
N ILE F 87 28.76 -3.01 -13.90
CA ILE F 87 28.83 -2.53 -12.52
C ILE F 87 30.17 -1.85 -12.31
N GLN F 88 30.14 -0.68 -11.67
CA GLN F 88 31.35 0.03 -11.28
C GLN F 88 31.32 0.25 -9.77
N LYS F 89 32.46 0.08 -9.13
CA LYS F 89 32.61 0.33 -7.70
C LYS F 89 33.20 1.70 -7.49
N ARG F 90 32.65 2.43 -6.52
CA ARG F 90 33.20 3.72 -6.17
C ARG F 90 34.59 3.58 -5.55
N ARG F 91 35.43 4.58 -5.79
CA ARG F 91 36.74 4.64 -5.14
C ARG F 91 37.18 6.09 -5.07
N ASP F 92 37.44 6.57 -3.86
CA ASP F 92 37.95 7.92 -3.65
C ASP F 92 39.47 7.88 -3.68
N ILE F 93 40.06 8.80 -4.44
CA ILE F 93 41.51 8.91 -4.54
C ILE F 93 41.92 10.30 -4.05
N LYS F 94 43.17 10.40 -3.63
CA LYS F 94 43.70 11.71 -3.28
C LYS F 94 44.19 12.42 -4.54
N PRO F 95 44.12 13.75 -4.58
CA PRO F 95 44.35 14.47 -5.85
C PRO F 95 45.68 14.16 -6.52
N GLY F 96 46.72 13.79 -5.78
CA GLY F 96 48.00 13.54 -6.38
C GLY F 96 48.21 12.11 -6.83
N ARG F 97 47.37 11.20 -6.34
CA ARG F 97 47.58 9.78 -6.53
C ARG F 97 47.24 9.35 -7.96
N GLU F 98 47.62 8.11 -8.28
CA GLU F 98 47.39 7.57 -9.62
C GLU F 98 45.93 7.23 -9.82
N VAL F 99 45.42 7.54 -11.01
CA VAL F 99 44.04 7.24 -11.38
C VAL F 99 43.89 5.74 -11.54
N PRO F 100 43.05 5.07 -10.77
CA PRO F 100 42.88 3.63 -10.93
C PRO F 100 42.42 3.27 -12.34
N GLU F 101 42.52 1.98 -12.65
CA GLU F 101 42.16 1.49 -13.97
C GLU F 101 40.64 1.48 -14.14
N GLY F 102 40.17 2.16 -15.18
CA GLY F 102 38.74 2.27 -15.44
C GLY F 102 38.01 3.29 -14.60
N TRP F 103 38.74 4.18 -13.93
CA TRP F 103 38.17 5.15 -13.01
C TRP F 103 37.73 6.40 -13.74
N ILE F 104 36.57 6.93 -13.35
CA ILE F 104 36.02 8.17 -13.89
C ILE F 104 35.58 9.02 -12.72
N GLN F 105 36.08 10.26 -12.67
CA GLN F 105 35.70 11.16 -11.60
C GLN F 105 34.25 11.62 -11.76
N THR F 106 33.57 11.79 -10.63
CA THR F 106 32.19 12.27 -10.61
C THR F 106 31.95 13.43 -9.65
N GLY F 107 32.89 13.72 -8.76
CA GLY F 107 32.77 14.85 -7.85
C GLY F 107 34.05 15.02 -7.06
N SER F 108 34.04 16.01 -6.18
CA SER F 108 35.17 16.28 -5.31
C SER F 108 34.68 16.86 -3.99
N ASP F 109 35.47 16.64 -2.94
CA ASP F 109 35.14 17.14 -1.61
C ASP F 109 36.27 18.00 -1.05
N HIS F 114 39.79 14.88 -1.28
CA HIS F 114 39.53 13.60 -1.92
C HIS F 114 38.70 13.77 -3.19
N LEU F 115 39.01 12.97 -4.21
CA LEU F 115 38.27 12.94 -5.46
C LEU F 115 37.36 11.73 -5.48
N ILE F 116 36.08 11.95 -5.78
CA ILE F 116 35.07 10.90 -5.79
C ILE F 116 34.88 10.42 -7.22
N GLY F 117 34.80 9.10 -7.40
CA GLY F 117 34.66 8.53 -8.72
C GLY F 117 34.23 7.08 -8.67
N PHE F 118 34.05 6.50 -9.86
CA PHE F 118 33.60 5.12 -10.02
C PHE F 118 34.49 4.41 -11.03
N MSE F 119 34.78 3.14 -10.78
CA MSE F 119 35.69 2.39 -11.61
C MSE F 119 35.21 0.99 -11.95
O MSE F 119 34.34 0.44 -11.29
CB MSE F 119 37.06 2.30 -10.93
CG MSE F 119 37.03 1.52 -9.64
SE MSE F 119 38.77 1.42 -8.80
CE MSE F 119 39.72 0.39 -10.16
H MSE F 119 34.45 2.69 -10.12
HA MSE F 119 35.77 2.89 -12.46
HB2 MSE F 119 37.68 1.87 -11.53
HB3 MSE F 119 37.37 3.20 -10.72
HG2 MSE F 119 36.42 1.95 -9.01
HG3 MSE F 119 36.72 0.61 -9.83
HE1 MSE F 119 40.61 0.18 -9.84
HE2 MSE F 119 39.23 -0.43 -10.34
HE3 MSE F 119 39.78 0.92 -10.97
N ASP F 120 35.82 0.41 -12.98
CA ASP F 120 35.47 -0.93 -13.42
C ASP F 120 35.91 -1.96 -12.38
N LEU F 121 35.15 -3.04 -12.28
CA LEU F 121 35.42 -4.07 -11.28
C LEU F 121 36.75 -4.76 -11.60
N GLU F 122 37.53 -5.04 -10.56
CA GLU F 122 38.80 -5.72 -10.68
C GLU F 122 38.57 -7.23 -10.60
N LYS F 123 39.60 -8.01 -10.93
CA LYS F 123 39.43 -9.46 -11.07
C LYS F 123 39.02 -10.11 -9.75
N GLY F 124 39.56 -9.62 -8.65
CA GLY F 124 39.29 -10.20 -7.34
C GLY F 124 38.02 -9.73 -6.66
N ASP F 125 37.19 -8.93 -7.34
CA ASP F 125 35.92 -8.47 -6.76
C ASP F 125 34.86 -9.56 -6.90
N LYS F 126 35.18 -10.72 -6.32
CA LYS F 126 34.32 -11.89 -6.44
C LYS F 126 32.88 -11.57 -6.07
N TRP F 127 32.68 -10.91 -4.94
CA TRP F 127 31.34 -10.67 -4.42
C TRP F 127 30.64 -9.51 -5.11
N HIS F 128 31.37 -8.63 -5.80
CA HIS F 128 30.73 -7.68 -6.69
C HIS F 128 30.08 -8.41 -7.86
N TYR F 129 30.86 -9.24 -8.56
CA TYR F 129 30.33 -10.04 -9.65
C TYR F 129 29.28 -11.04 -9.19
N ASP F 130 29.30 -11.42 -7.91
CA ASP F 130 28.38 -12.42 -7.40
C ASP F 130 26.93 -11.97 -7.39
N CYS F 131 26.65 -10.70 -7.68
CA CYS F 131 25.26 -10.25 -7.77
C CYS F 131 24.68 -10.42 -9.17
N HIS F 132 25.49 -10.76 -10.15
CA HIS F 132 24.98 -11.24 -11.42
C HIS F 132 24.41 -12.64 -11.26
N VAL F 133 23.32 -12.93 -11.96
CA VAL F 133 22.70 -14.25 -11.89
C VAL F 133 23.56 -15.24 -12.66
N LYS F 134 23.75 -16.42 -12.09
CA LYS F 134 24.66 -17.41 -12.66
C LYS F 134 24.07 -17.99 -13.94
N ASP F 135 24.94 -18.36 -14.87
CA ASP F 135 24.52 -18.73 -16.21
C ASP F 135 25.36 -19.89 -16.77
N PRO F 136 24.81 -21.10 -16.87
CA PRO F 136 25.60 -22.21 -17.40
C PRO F 136 26.07 -22.01 -18.84
N SER F 137 25.47 -21.10 -19.61
CA SER F 137 25.79 -20.93 -21.02
C SER F 137 26.77 -19.76 -21.26
N SER F 138 27.64 -19.47 -20.29
CA SER F 138 28.65 -18.44 -20.45
C SER F 138 29.97 -18.97 -19.94
N PRO F 139 31.09 -18.62 -20.60
CA PRO F 139 32.40 -19.07 -20.10
C PRO F 139 32.80 -18.37 -18.81
N SER F 140 32.10 -17.31 -18.42
CA SER F 140 32.36 -16.63 -17.16
C SER F 140 31.52 -17.17 -16.01
N GLY F 141 30.60 -18.09 -16.28
CA GLY F 141 29.66 -18.53 -15.28
C GLY F 141 28.62 -17.51 -14.87
N LEU F 142 28.62 -16.32 -15.49
CA LEU F 142 27.74 -15.24 -15.12
C LEU F 142 26.94 -14.75 -16.31
N ASP F 143 25.70 -14.34 -16.05
CA ASP F 143 24.90 -13.60 -17.03
C ASP F 143 25.22 -12.12 -16.85
N ILE F 144 26.10 -11.59 -17.69
CA ILE F 144 26.55 -10.21 -17.54
C ILE F 144 25.42 -9.21 -17.74
N ASN F 145 24.28 -9.65 -18.27
CA ASN F 145 23.15 -8.78 -18.55
C ASN F 145 22.07 -8.80 -17.48
N LYS F 146 22.20 -9.65 -16.46
CA LYS F 146 21.19 -9.77 -15.42
C LYS F 146 21.86 -9.70 -14.06
N VAL F 147 21.29 -8.90 -13.17
CA VAL F 147 21.75 -8.78 -11.79
C VAL F 147 20.55 -9.02 -10.88
N LEU F 148 20.82 -9.55 -9.69
CA LEU F 148 19.79 -9.63 -8.66
C LEU F 148 19.72 -8.30 -7.92
N CYS F 149 18.52 -7.75 -7.80
CA CYS F 149 18.31 -6.52 -7.08
C CYS F 149 17.22 -6.72 -6.04
N ILE F 150 17.12 -5.77 -5.12
CA ILE F 150 16.03 -5.70 -4.16
C ILE F 150 15.32 -4.39 -4.39
N THR F 151 13.99 -4.43 -4.51
CA THR F 151 13.24 -3.26 -4.93
C THR F 151 11.81 -3.37 -4.43
N THR F 152 11.01 -2.36 -4.79
CA THR F 152 9.60 -2.31 -4.41
C THR F 152 8.78 -3.18 -5.34
N ASN F 153 7.85 -3.94 -4.76
CA ASN F 153 7.02 -4.86 -5.53
C ASN F 153 5.95 -4.07 -6.29
N LYS F 154 5.00 -4.78 -6.89
CA LYS F 154 3.98 -4.11 -7.70
C LYS F 154 3.15 -3.14 -6.87
N ALA F 155 2.80 -3.54 -5.65
CA ALA F 155 2.33 -2.58 -4.66
C ALA F 155 3.51 -1.87 -4.04
N GLY F 156 3.23 -0.87 -3.21
CA GLY F 156 4.29 -0.20 -2.49
C GLY F 156 4.31 -0.60 -1.03
N ASP F 157 4.14 -1.90 -0.76
CA ASP F 157 3.97 -2.38 0.60
C ASP F 157 5.09 -3.28 1.09
N ALA F 158 6.05 -3.64 0.24
CA ALA F 158 7.11 -4.54 0.66
C ALA F 158 8.28 -4.45 -0.32
N LEU F 159 9.37 -5.11 0.05
CA LEU F 159 10.53 -5.29 -0.81
C LEU F 159 10.57 -6.73 -1.31
N VAL F 160 11.01 -6.92 -2.55
CA VAL F 160 11.15 -8.23 -3.15
C VAL F 160 12.48 -8.31 -3.88
N TYR F 161 13.09 -9.49 -3.84
CA TYR F 161 14.25 -9.76 -4.68
C TYR F 161 13.76 -10.04 -6.10
N GLU F 162 14.41 -9.42 -7.09
CA GLU F 162 14.01 -9.57 -8.48
C GLU F 162 15.25 -9.63 -9.35
N GLU F 163 15.28 -10.60 -10.27
CA GLU F 163 16.31 -10.68 -11.29
C GLU F 163 15.92 -9.73 -12.41
N VAL F 164 16.72 -8.68 -12.63
CA VAL F 164 16.38 -7.63 -13.57
C VAL F 164 17.50 -7.49 -14.61
N ASN F 165 17.12 -6.97 -15.77
CA ASN F 165 18.11 -6.64 -16.80
C ASN F 165 18.93 -5.46 -16.32
N ILE F 166 20.26 -5.64 -16.27
CA ILE F 166 21.12 -4.60 -15.71
C ILE F 166 20.92 -3.28 -16.45
N ALA F 167 20.57 -3.34 -17.74
CA ALA F 167 20.34 -2.12 -18.51
C ALA F 167 19.20 -1.28 -17.95
N ASP F 168 18.31 -1.88 -17.16
CA ASP F 168 17.26 -1.13 -16.49
C ASP F 168 17.81 -0.23 -15.38
N LEU F 169 19.09 -0.36 -15.04
CA LEU F 169 19.72 0.47 -14.02
C LEU F 169 20.80 1.37 -14.58
N ASN F 170 20.96 1.42 -15.90
CA ASN F 170 22.04 2.21 -16.50
C ASN F 170 21.94 3.67 -16.06
N GLY F 171 23.09 4.26 -15.73
CA GLY F 171 23.17 5.64 -15.34
C GLY F 171 22.88 5.93 -13.88
N HIS F 172 22.39 4.95 -13.13
CA HIS F 172 21.98 5.15 -11.74
C HIS F 172 23.01 4.57 -10.79
N THR F 173 23.14 5.22 -9.64
CA THR F 173 23.96 4.71 -8.55
C THR F 173 23.14 3.73 -7.71
N VAL F 174 23.83 2.73 -7.15
CA VAL F 174 23.17 1.65 -6.43
C VAL F 174 24.00 1.30 -5.20
N GLU F 175 23.37 0.56 -4.29
CA GLU F 175 24.03 0.03 -3.11
C GLU F 175 24.12 -1.48 -3.26
N LEU F 176 25.34 -2.00 -3.29
CA LEU F 176 25.57 -3.44 -3.30
C LEU F 176 25.68 -3.93 -1.86
N MSE F 177 24.85 -4.91 -1.51
CA MSE F 177 24.76 -5.40 -0.14
C MSE F 177 24.76 -6.92 -0.11
O MSE F 177 24.55 -7.57 -1.13
CB MSE F 177 23.49 -4.88 0.53
CG MSE F 177 23.29 -3.38 0.47
SE MSE F 177 21.39 -2.96 0.37
CE MSE F 177 20.82 -3.70 2.07
H MSE F 177 24.33 -5.33 -2.06
HA MSE F 177 25.52 -5.06 0.35
HB2 MSE F 177 22.73 -5.29 0.10
HB3 MSE F 177 23.51 -5.13 1.47
HG2 MSE F 177 23.66 -2.97 1.27
HG3 MSE F 177 23.73 -3.03 -0.32
HE1 MSE F 177 20.11 -4.35 1.91
HE2 MSE F 177 21.57 -4.13 2.49
HE3 MSE F 177 20.48 -2.99 2.63
N GLY F 178 24.95 -7.49 1.08
CA GLY F 178 24.83 -8.92 1.25
C GLY F 178 25.85 -9.53 2.20
N PRO F 179 25.89 -10.87 2.22
CA PRO F 179 26.69 -11.58 3.23
C PRO F 179 28.11 -11.07 3.42
N LYS F 180 28.76 -10.60 2.35
CA LYS F 180 30.17 -10.26 2.39
C LYS F 180 30.43 -8.76 2.41
N PHE F 181 29.40 -7.96 2.71
CA PHE F 181 29.52 -6.50 2.72
C PHE F 181 29.05 -5.97 4.06
N GLN F 182 29.97 -5.39 4.83
CA GLN F 182 29.70 -4.77 6.12
C GLN F 182 29.08 -5.73 7.11
N SER F 183 29.32 -7.03 6.95
CA SER F 183 28.80 -8.07 7.85
C SER F 183 27.30 -8.25 7.72
N ASN F 184 26.72 -7.84 6.60
CA ASN F 184 25.33 -8.14 6.26
C ASN F 184 24.37 -7.76 7.38
N PRO F 185 24.43 -6.51 7.86
CA PRO F 185 23.49 -6.11 8.93
C PRO F 185 22.03 -6.20 8.51
N HIS F 186 21.75 -6.16 7.21
CA HIS F 186 20.38 -6.20 6.72
C HIS F 186 19.85 -7.61 6.55
N GLY F 187 20.63 -8.63 6.89
CA GLY F 187 20.14 -10.00 6.83
C GLY F 187 19.71 -10.44 5.45
N LEU F 188 20.29 -9.86 4.40
CA LEU F 188 19.92 -10.24 3.04
C LEU F 188 20.35 -11.68 2.76
N LYS F 189 19.56 -12.36 1.93
CA LYS F 189 19.79 -13.75 1.60
C LYS F 189 20.65 -13.95 0.36
N ALA F 190 21.17 -12.87 -0.21
CA ALA F 190 22.03 -12.96 -1.40
C ALA F 190 22.60 -11.58 -1.67
N HIS F 191 23.74 -11.55 -2.35
CA HIS F 191 24.32 -10.30 -2.81
C HIS F 191 23.40 -9.68 -3.86
N CYS F 192 22.94 -8.46 -3.61
CA CYS F 192 22.01 -7.79 -4.50
C CYS F 192 22.35 -6.31 -4.57
N LEU F 193 21.70 -5.63 -5.53
CA LEU F 193 21.84 -4.20 -5.71
C LEU F 193 20.52 -3.52 -5.39
N MSE F 194 20.59 -2.34 -4.79
CA MSE F 194 19.40 -1.53 -4.55
C MSE F 194 19.62 -0.11 -5.07
O MSE F 194 20.60 0.54 -4.72
CB MSE F 194 19.02 -1.51 -3.08
CG MSE F 194 17.67 -0.86 -2.82
SE MSE F 194 17.20 -0.70 -0.92
CE MSE F 194 15.62 -1.85 -0.89
H MSE F 194 21.33 -1.99 -4.50
HA MSE F 194 18.65 -1.94 -5.03
HB2 MSE F 194 18.99 -2.42 -2.75
HB3 MSE F 194 19.70 -1.00 -2.59
HG2 MSE F 194 17.67 0.03 -3.19
HG3 MSE F 194 16.97 -1.40 -3.24
HE1 MSE F 194 15.07 -1.62 -0.13
HE2 MSE F 194 15.11 -1.73 -1.71
HE3 MSE F 194 15.91 -2.78 -0.82
N ARG F 195 18.69 0.36 -5.90
CA ARG F 195 18.76 1.73 -6.41
C ARG F 195 18.60 2.71 -5.24
N HIS F 196 19.51 3.67 -5.18
CA HIS F 196 19.44 4.68 -4.13
C HIS F 196 18.14 5.47 -4.25
N GLY F 197 17.40 5.54 -3.15
CA GLY F 197 16.12 6.21 -3.13
C GLY F 197 14.93 5.33 -3.37
N THR F 198 15.14 4.04 -3.64
CA THR F 198 14.02 3.12 -3.85
C THR F 198 13.02 3.18 -2.71
N VAL F 199 13.50 3.23 -1.48
CA VAL F 199 12.67 3.13 -0.29
C VAL F 199 12.38 4.54 0.20
N LYS F 200 11.16 5.01 -0.04
CA LYS F 200 10.70 6.29 0.46
C LYS F 200 10.14 6.11 1.87
N LEU F 201 10.63 6.91 2.81
CA LEU F 201 10.24 6.75 4.19
C LEU F 201 8.81 7.27 4.43
N THR F 202 8.16 6.70 5.44
CA THR F 202 6.82 7.11 5.84
C THR F 202 6.87 7.74 7.22
N ASP F 203 6.06 8.78 7.42
CA ASP F 203 5.94 9.46 8.71
C ASP F 203 7.29 10.01 9.19
N PHE F 204 8.20 10.30 8.26
CA PHE F 204 9.46 10.91 8.64
C PHE F 204 9.26 12.41 8.85
N PRO F 205 9.93 13.01 9.84
CA PRO F 205 9.72 14.43 10.11
C PRO F 205 9.86 15.29 8.87
N ASP F 206 8.84 16.10 8.61
CA ASP F 206 8.88 17.05 7.50
C ASP F 206 9.82 18.18 7.86
N LEU F 207 11.03 18.16 7.29
CA LEU F 207 12.05 19.11 7.66
C LEU F 207 11.72 20.53 7.24
N ARG F 208 10.62 20.75 6.51
CA ARG F 208 10.19 22.12 6.23
C ARG F 208 9.63 22.78 7.48
N ASP F 209 9.12 21.99 8.43
CA ASP F 209 8.54 22.55 9.65
C ASP F 209 9.59 23.12 10.58
N TYR F 210 10.88 22.96 10.27
CA TYR F 210 11.96 23.43 11.14
C TYR F 210 12.75 24.57 10.50
N VAL F 211 12.13 25.30 9.58
CA VAL F 211 12.83 26.36 8.85
C VAL F 211 12.14 27.70 9.07
N PRO F 218 9.47 29.11 12.63
CA PRO F 218 9.58 27.65 12.60
C PRO F 218 8.44 26.96 13.33
N LEU F 219 7.67 26.15 12.61
CA LEU F 219 6.58 25.41 13.24
C LEU F 219 7.09 24.41 14.27
N LYS F 220 8.35 24.00 14.17
CA LYS F 220 8.94 23.07 15.13
C LYS F 220 10.41 23.45 15.30
N GLU F 221 10.99 22.98 16.41
CA GLU F 221 12.36 23.35 16.74
C GLU F 221 13.29 22.18 17.03
N ASN F 222 12.78 21.12 17.69
CA ASN F 222 13.62 19.96 18.03
C ASN F 222 13.61 18.99 16.87
N ALA F 223 14.49 19.25 15.89
CA ALA F 223 14.65 18.32 14.78
C ALA F 223 15.52 17.14 15.18
N LEU F 224 16.55 17.38 15.99
CA LEU F 224 17.42 16.29 16.42
C LEU F 224 16.66 15.25 17.22
N ALA F 225 15.70 15.69 18.03
CA ALA F 225 14.97 14.76 18.87
C ALA F 225 13.83 14.10 18.11
N ASP F 226 13.18 14.83 17.21
CA ASP F 226 12.07 14.25 16.46
C ASP F 226 12.57 13.23 15.44
N ILE F 227 13.75 13.45 14.86
CA ILE F 227 14.31 12.47 13.94
C ILE F 227 14.81 11.25 14.71
N ARG F 228 15.53 11.48 15.80
CA ARG F 228 15.98 10.36 16.64
C ARG F 228 14.79 9.54 17.12
N ASN F 229 13.71 10.20 17.53
CA ASN F 229 12.52 9.48 17.96
C ASN F 229 11.93 8.65 16.82
N TRP F 230 12.13 9.08 15.57
CA TRP F 230 11.61 8.33 14.43
C TRP F 230 12.40 7.04 14.21
N PHE F 231 13.73 7.12 14.33
CA PHE F 231 14.55 5.92 14.17
C PHE F 231 14.32 4.93 15.31
N LEU F 232 14.09 5.44 16.51
CA LEU F 232 13.91 4.54 17.66
C LEU F 232 12.54 3.88 17.65
N ASN F 233 11.49 4.60 17.22
CA ASN F 233 10.13 4.16 17.47
C ASN F 233 9.25 4.00 16.24
N SER F 234 9.75 4.30 15.04
CA SER F 234 8.92 4.15 13.86
C SER F 234 8.92 2.69 13.39
N LYS F 235 8.09 2.41 12.38
CA LYS F 235 8.00 1.06 11.86
C LYS F 235 9.17 0.71 10.93
N GLN F 236 9.73 1.71 10.25
CA GLN F 236 10.83 1.50 9.32
C GLN F 236 12.20 1.72 9.96
N GLY F 237 12.32 2.71 10.85
CA GLY F 237 13.57 3.07 11.47
C GLY F 237 14.43 1.89 11.90
N PRO F 238 13.85 0.96 12.65
CA PRO F 238 14.62 -0.23 13.07
C PRO F 238 15.20 -1.02 11.91
N HIS F 239 14.76 -0.79 10.67
CA HIS F 239 15.29 -1.50 9.52
C HIS F 239 16.41 -0.75 8.81
N LEU F 240 16.72 0.48 9.21
CA LEU F 240 17.50 1.40 8.40
C LEU F 240 18.78 1.83 9.11
N GLU F 241 19.87 1.92 8.33
CA GLU F 241 21.11 2.50 8.83
C GLU F 241 20.98 4.00 9.03
N GLY F 242 20.18 4.67 8.21
CA GLY F 242 20.02 6.10 8.33
C GLY F 242 18.98 6.60 7.36
N VAL F 243 19.08 7.88 7.02
CA VAL F 243 18.16 8.51 6.07
C VAL F 243 18.98 9.40 5.13
N VAL F 244 18.51 9.50 3.90
CA VAL F 244 19.09 10.41 2.91
C VAL F 244 17.93 11.17 2.25
N LEU F 245 17.98 12.50 2.32
CA LEU F 245 16.96 13.32 1.68
C LEU F 245 17.34 13.56 0.22
N HIS F 246 16.39 13.30 -0.68
CA HIS F 246 16.56 13.56 -2.10
C HIS F 246 15.68 14.76 -2.45
N LEU F 247 16.31 15.81 -2.99
CA LEU F 247 15.62 17.05 -3.30
C LEU F 247 15.48 17.24 -4.80
N ASP F 248 14.55 18.12 -5.18
CA ASP F 248 14.37 18.45 -6.59
C ASP F 248 15.59 19.13 -7.16
N ASN F 249 16.30 19.93 -6.37
CA ASN F 249 17.48 20.63 -6.85
C ASN F 249 18.65 19.69 -7.13
N GLY F 250 18.49 18.39 -6.90
CA GLY F 250 19.56 17.44 -7.13
C GLY F 250 20.57 17.34 -6.01
N GLU F 251 20.25 17.86 -4.83
CA GLU F 251 21.11 17.74 -3.66
C GLU F 251 20.65 16.59 -2.78
N MSE F 252 21.51 16.21 -1.84
CA MSE F 252 21.17 15.21 -0.85
C MSE F 252 21.73 15.59 0.52
O MSE F 252 22.75 16.29 0.61
CB MSE F 252 21.71 13.84 -1.26
CG MSE F 252 20.95 13.19 -2.41
SE MSE F 252 21.80 11.53 -3.03
CE MSE F 252 23.49 12.27 -3.65
H MSE F 252 22.30 16.54 -1.75
HA MSE F 252 20.20 15.13 -0.80
HB2 MSE F 252 22.63 13.94 -1.54
HB3 MSE F 252 21.65 13.24 -0.50
HG2 MSE F 252 20.05 12.98 -2.12
HG3 MSE F 252 20.92 13.80 -3.16
HE1 MSE F 252 24.21 11.97 -3.06
HE2 MSE F 252 23.65 11.95 -4.56
HE3 MSE F 252 23.43 13.24 -3.65
N TYR F 253 21.05 15.15 1.57
CA TYR F 253 21.48 15.39 2.93
C TYR F 253 21.17 14.15 3.75
N LYS F 254 22.18 13.64 4.45
CA LYS F 254 22.12 12.34 5.10
C LYS F 254 22.12 12.48 6.62
N LEU F 255 21.74 11.38 7.28
CA LEU F 255 21.96 11.22 8.72
C LEU F 255 22.09 9.73 9.01
N HIS F 256 23.28 9.33 9.44
CA HIS F 256 23.53 7.99 9.91
C HIS F 256 23.02 7.83 11.34
N ARG F 257 22.79 6.58 11.75
CA ARG F 257 22.40 6.33 13.14
C ARG F 257 23.43 6.89 14.11
N HIS F 258 24.72 6.76 13.78
CA HIS F 258 25.76 7.24 14.68
C HIS F 258 25.62 8.72 14.96
N HIS F 259 25.14 9.50 13.98
CA HIS F 259 24.87 10.91 14.22
C HIS F 259 23.82 11.09 15.31
N LEU F 260 22.84 10.19 15.38
CA LEU F 260 21.77 10.26 16.35
C LEU F 260 22.10 9.54 17.65
N ASP F 261 23.36 9.18 17.87
CA ASP F 261 23.78 8.45 19.07
C ASP F 261 23.00 7.14 19.20
N LEU F 262 22.91 6.41 18.09
CA LEU F 262 22.27 5.11 18.05
C LEU F 262 23.23 4.07 17.49
N GLU F 263 23.00 2.82 17.87
CA GLU F 263 23.82 1.71 17.40
C GLU F 263 23.37 1.26 16.02
N TRP F 264 24.35 0.90 15.18
CA TRP F 264 24.07 0.24 13.91
C TRP F 264 24.84 -1.08 13.87
N SER F 265 24.11 -2.18 13.76
CA SER F 265 24.66 -3.52 13.70
C SER F 265 23.52 -4.48 13.36
N ALA F 266 23.89 -5.73 13.07
CA ALA F 266 22.88 -6.74 12.79
C ALA F 266 21.99 -6.99 14.01
N LYS F 267 22.54 -6.81 15.22
CA LYS F 267 21.76 -7.05 16.43
C LYS F 267 20.74 -5.94 16.70
N SER F 268 21.04 -4.71 16.26
CA SER F 268 20.12 -3.58 16.43
C SER F 268 19.35 -3.29 15.15
N ALA F 269 19.35 -4.22 14.19
CA ALA F 269 18.70 -4.03 12.90
C ALA F 269 17.71 -5.16 12.65
N ARG F 270 16.52 -4.79 12.18
CA ARG F 270 15.57 -5.76 11.65
C ARG F 270 15.86 -6.02 10.18
N PRO F 271 15.63 -7.24 9.70
CA PRO F 271 15.98 -7.55 8.31
C PRO F 271 15.36 -6.55 7.34
N LEU F 272 16.15 -6.14 6.36
CA LEU F 272 15.67 -5.15 5.40
C LEU F 272 14.50 -5.71 4.58
N ASP F 273 14.56 -6.99 4.20
CA ASP F 273 13.52 -7.55 3.36
C ASP F 273 12.20 -7.71 4.09
N GLN F 274 12.13 -7.34 5.38
CA GLN F 274 10.90 -7.32 6.14
C GLN F 274 10.39 -5.91 6.44
N ILE F 275 11.04 -4.88 5.90
CA ILE F 275 10.68 -3.50 6.24
C ILE F 275 9.27 -3.21 5.75
N PRO F 276 8.43 -2.50 6.52
CA PRO F 276 7.12 -2.10 6.01
C PRO F 276 7.23 -0.88 5.12
N LEU F 277 6.49 -0.91 4.01
CA LEU F 277 6.49 0.21 3.07
C LEU F 277 5.10 0.82 2.95
PG ATP G . -31.47 5.54 7.34
O1G ATP G . -30.28 6.43 7.20
O2G ATP G . -31.39 4.61 8.56
O3G ATP G . -32.80 6.29 7.35
PB ATP G . -30.74 3.39 5.37
O1B ATP G . -31.37 2.92 4.13
O2B ATP G . -29.30 3.89 5.24
O3B ATP G . -31.58 4.55 6.08
PA ATP G . -29.79 1.04 6.89
O1A ATP G . -30.46 -0.26 6.70
O2A ATP G . -29.27 1.30 8.31
O3A ATP G . -30.72 2.26 6.50
O5' ATP G . -28.59 1.28 5.89
C5' ATP G . -27.60 0.26 5.65
C4' ATP G . -27.62 -0.11 4.18
O4' ATP G . -26.25 -0.12 3.76
C3' ATP G . -28.08 -1.56 4.02
O3' ATP G . -29.28 -1.49 3.27
C2' ATP G . -27.01 -2.19 3.09
O2' ATP G . -27.68 -2.53 1.88
C1' ATP G . -26.15 -1.00 2.69
N9 ATP G . -24.74 -1.37 2.62
C8 ATP G . -23.87 -1.09 1.60
N7 ATP G . -22.63 -1.50 1.81
C5 ATP G . -22.71 -2.08 3.08
C6 ATP G . -21.74 -2.72 3.88
N6 ATP G . -20.46 -2.88 3.53
N1 ATP G . -22.14 -3.20 5.08
C2 ATP G . -23.42 -3.04 5.44
N3 ATP G . -24.42 -2.46 4.77
C4 ATP G . -23.99 -2.00 3.58
H5'1 ATP G . -27.80 -0.52 6.18
H5'2 ATP G . -26.72 0.59 5.89
H4' ATP G . -28.14 0.49 3.64
H3' ATP G . -28.11 -2.03 4.87
HO3' ATP G . -29.08 -1.13 2.52
H2' ATP G . -26.53 -2.89 3.55
HO2' ATP G . -27.12 -2.95 1.40
H1' ATP G . -26.45 -0.61 1.87
H8 ATP G . -24.12 -0.64 0.82
HN61 ATP G . -20.18 -2.58 2.77
HN62 ATP G . -19.92 -3.28 4.07
H2 ATP G . -23.65 -3.38 6.27
PG ATP H . -17.56 37.64 -17.97
O1G ATP H . -16.62 37.06 -18.97
O2G ATP H . -17.10 38.99 -17.40
O3G ATP H . -19.00 37.77 -18.48
PB ATP H . -16.92 36.41 -15.32
O1B ATP H . -17.82 35.89 -14.26
O2B ATP H . -15.70 35.53 -15.64
O3B ATP H . -17.68 36.70 -16.68
PA ATP H . -15.16 38.43 -14.08
O1A ATP H . -15.63 38.94 -12.78
O2A ATP H . -14.43 39.46 -14.94
O3A ATP H . -16.36 37.85 -14.94
O5' ATP H . -14.28 37.12 -13.95
C5' ATP H . -13.46 36.88 -12.79
C4' ATP H . -14.16 35.92 -11.84
O4' ATP H . -13.36 34.73 -11.84
C3' ATP H . -14.02 36.43 -10.43
O3' ATP H . -15.31 36.95 -10.09
C2' ATP H . -13.87 35.15 -9.59
O2' ATP H . -15.16 34.83 -9.10
C1' ATP H . -13.56 34.06 -10.62
N9 ATP H . -12.30 33.39 -10.31
C8 ATP H . -12.08 32.05 -10.17
N7 ATP H . -10.83 31.74 -9.91
C5 ATP H . -10.18 32.97 -9.88
C6 ATP H . -8.84 33.33 -9.65
N6 ATP H . -7.87 32.46 -9.39
N1 ATP H . -8.53 34.64 -9.68
C2 ATP H . -9.50 35.52 -9.94
N3 ATP H . -10.80 35.31 -10.17
C4 ATP H . -11.07 33.99 -10.12
H5'1 ATP H . -13.30 37.71 -12.33
H5'2 ATP H . -12.62 36.49 -13.07
H4' ATP H . -15.07 35.72 -12.10
H3' ATP H . -13.26 37.02 -10.32
HO3' ATP H . -15.87 36.32 -10.18
H2' ATP H . -13.15 35.24 -8.95
HO2' ATP H . -15.08 34.13 -8.61
H1' ATP H . -14.30 33.44 -10.69
H8 ATP H . -12.75 31.41 -10.25
HN61 ATP H . -8.04 31.62 -9.35
HN62 ATP H . -7.06 32.73 -9.27
H2 ATP H . -9.24 36.42 -9.95
PG ATP I . -26.45 -0.30 -35.40
O1G ATP I . -25.58 -0.04 -34.22
O2G ATP I . -26.59 -1.79 -35.78
O3G ATP I . -27.84 0.35 -35.28
PB ATP I . -25.11 1.76 -37.10
O1B ATP I . -26.07 2.72 -37.68
O2B ATP I . -24.38 2.24 -35.85
O3B ATP I . -25.81 0.40 -36.69
PA ATP I . -22.67 0.47 -38.08
O1A ATP I . -21.78 0.82 -39.20
O2A ATP I . -23.12 -0.99 -37.97
O3A ATP I . -24.00 1.31 -38.13
O5' ATP I . -22.04 0.88 -36.69
C5' ATP I . -20.62 1.07 -36.53
C4' ATP I . -20.34 2.55 -36.38
O4' ATP I . -19.29 2.68 -35.41
C3' ATP I . -19.69 3.13 -37.62
O3' ATP I . -20.74 3.71 -38.40
C2' ATP I . -18.87 4.31 -37.06
O2' ATP I . -19.73 5.45 -37.02
C1' ATP I . -18.66 3.92 -35.59
N9 ATP I . -17.24 3.70 -35.32
C8 ATP I . -16.48 4.27 -34.33
N7 ATP I . -15.23 3.87 -34.30
C5 ATP I . -15.16 2.97 -35.36
C6 ATP I . -14.10 2.19 -35.87
N6 ATP I . -12.86 2.19 -35.36
N1 ATP I . -14.36 1.39 -36.93
C2 ATP I . -15.60 1.39 -37.43
N3 ATP I . -16.67 2.08 -37.04
C4 ATP I . -16.39 2.85 -35.99
H5'1 ATP I . -20.15 0.74 -37.32
H5'2 ATP I . -20.30 0.59 -35.76
H4' ATP I . -21.14 3.04 -36.10
H3' ATP I . -19.14 2.47 -38.06
HO3' ATP I . -21.10 4.30 -37.92
H2' ATP I . -18.04 4.41 -37.55
HO2' ATP I . -19.28 6.08 -36.69
H1' ATP I . -19.05 4.59 -35.00
H8 ATP I . -16.82 4.89 -33.72
HN61 ATP I . -12.68 2.68 -34.68
HN62 ATP I . -12.25 1.69 -35.71
H2 ATP I . -15.73 0.83 -38.17
PG ATP J . 21.70 -15.73 40.45
O1G ATP J . 20.75 -16.49 39.59
O2G ATP J . 21.14 -15.38 41.83
O3G ATP J . 23.07 -16.40 40.61
PB ATP J . 21.41 -12.83 39.66
O1B ATP J . 22.43 -11.81 39.37
O2B ATP J . 20.25 -12.92 38.67
O3B ATP J . 22.03 -14.30 39.79
PA ATP J . 19.62 -11.73 41.74
O1A ATP J . 20.16 -10.47 42.32
O2A ATP J . 18.86 -12.61 42.73
O3A ATP J . 20.77 -12.63 41.11
O5' ATP J . 18.70 -11.45 40.48
C5' ATP J . 17.91 -10.25 40.38
C4' ATP J . 18.36 -9.44 39.18
O4' ATP J . 17.26 -9.44 38.26
C3' ATP J . 18.53 -7.98 39.57
O3' ATP J . 19.92 -7.71 39.40
C2' ATP J . 17.79 -7.21 38.47
O2' ATP J . 18.77 -6.44 37.78
C1' ATP J . 17.42 -8.29 37.47
N9 ATP J . 16.13 -8.03 36.86
C8 ATP J . 15.86 -7.93 35.51
N7 ATP J . 14.59 -7.69 35.23
C5 ATP J . 13.99 -7.64 36.48
C6 ATP J . 12.65 -7.42 36.87
N6 ATP J . 11.64 -7.21 36.01
N1 ATP J . 12.38 -7.42 38.20
C2 ATP J . 13.38 -7.63 39.05
N3 ATP J . 14.67 -7.85 38.80
C4 ATP J . 14.92 -7.84 37.49
H5'1 ATP J . 18.02 -9.72 41.18
H5'2 ATP J . 16.97 -10.50 40.27
H4' ATP J . 19.16 -9.81 38.75
H3' ATP J . 18.15 -7.80 40.44
HO3' ATP J . 20.09 -7.82 38.57
H2' ATP J . 17.02 -6.74 38.83
HO2' ATP J . 18.35 -5.94 37.23
H1' ATP J . 18.11 -8.42 36.80
H8 ATP J . 16.51 -8.02 34.86
HN61 ATP J . 11.80 -7.19 35.17
HN62 ATP J . 10.85 -7.09 36.31
H2 ATP J . 13.14 -7.62 39.95
PG ATP K . 26.23 -33.43 0.87
O1G ATP K . 26.12 -31.97 0.67
O2G ATP K . 25.37 -34.26 -0.10
O3G ATP K . 27.67 -33.96 0.83
PB ATP K . 24.35 -33.84 3.16
O1B ATP K . 24.59 -33.86 4.61
O2B ATP K . 23.50 -32.68 2.65
O3B ATP K . 25.69 -33.85 2.32
PA ATP K . 22.16 -35.73 2.49
O1A ATP K . 21.88 -36.87 3.38
O2A ATP K . 21.94 -36.00 1.00
O3A ATP K . 23.65 -35.19 2.65
O5' ATP K . 21.34 -34.44 2.91
C5' ATP K . 19.99 -34.54 3.40
C4' ATP K . 19.95 -34.18 4.87
O4' ATP K . 18.90 -33.22 5.02
C3' ATP K . 19.45 -35.35 5.69
O3' ATP K . 20.60 -35.96 6.24
C2' ATP K . 18.71 -34.68 6.85
O2' ATP K . 19.66 -34.56 7.91
C1' ATP K . 18.50 -33.24 6.37
N9 ATP K . 17.08 -32.87 6.38
C8 ATP K . 16.51 -31.81 7.02
N7 ATP K . 15.22 -31.70 6.85
C5 ATP K . 14.91 -32.78 6.02
C6 ATP K . 13.71 -33.23 5.46
N6 ATP K . 12.52 -32.64 5.65
N1 ATP K . 13.75 -34.33 4.68
C2 ATP K . 14.92 -34.93 4.48
N3 ATP K . 16.13 -34.60 4.95
C4 ATP K . 16.05 -33.50 5.72
H5'1 ATP K . 19.66 -35.44 3.28
H5'2 ATP K . 19.42 -33.92 2.90
H4' ATP K . 20.80 -33.83 5.18
H3' ATP K . 18.86 -35.93 5.17
HO3' ATP K . 21.00 -35.36 6.71
H2' ATP K . 17.87 -35.12 7.05
HO2' ATP K . 19.26 -34.18 8.55
H1' ATP K . 19.04 -32.62 6.88
H8 ATP K . 17.00 -31.21 7.55
HN61 ATP K . 12.47 -31.93 6.15
HN62 ATP K . 11.81 -32.95 5.27
H2 ATP K . 14.91 -35.69 3.93
PG ATP L . 31.59 9.84 5.91
O1G ATP L . 30.77 9.95 7.15
O2G ATP L . 31.25 10.92 4.87
O3G ATP L . 33.10 9.83 6.16
PB ATP L . 30.29 7.83 4.06
O1B ATP L . 30.84 6.60 3.45
O2B ATP L . 28.93 7.68 4.74
O3B ATP L . 31.30 8.45 5.16
PA ATP L . 29.06 9.56 2.02
O1A ATP L . 29.46 9.36 0.60
O2A ATP L . 28.79 11.02 2.38
O3A ATP L . 30.17 9.02 3.02
O5' ATP L . 27.80 8.69 2.42
C5' ATP L . 26.70 8.49 1.52
C4' ATP L . 26.65 7.03 1.14
O4' ATP L . 25.36 6.55 1.53
C3' ATP L . 26.59 6.87 -0.37
O3' ATP L . 27.93 6.60 -0.77
C2' ATP L . 25.81 5.56 -0.56
O2' ATP L . 26.77 4.51 -0.59
C1' ATP L . 25.10 5.38 0.79
N9 ATP L . 23.65 5.31 0.63
C8 ATP L . 22.81 4.31 1.08
N7 ATP L . 21.56 4.51 0.81
C5 ATP L . 21.54 5.72 0.12
C6 ATP L . 20.51 6.49 -0.45
N6 ATP L . 19.22 6.14 -0.43
N1 ATP L . 20.86 7.65 -1.07
C2 ATP L . 22.14 8.00 -1.10
N3 ATP L . 23.20 7.36 -0.60
C4 ATP L . 22.84 6.22 0.01
H5'1 ATP L . 26.83 9.03 0.72
H5'2 ATP L . 25.88 8.75 1.95
H4' ATP L . 27.36 6.52 1.55
H3' ATP L . 26.16 7.62 -0.80
HO3' ATP L . 28.16 5.88 -0.38
H2' ATP L . 25.18 5.63 -1.29
HO2' ATP L . 26.33 3.79 -0.68
H1' ATP L . 25.46 4.61 1.27
H8 ATP L . 23.12 3.57 1.55
HN61 ATP L . 18.98 5.40 -0.04
HN62 ATP L . 18.63 6.65 -0.77
H2 ATP L . 22.32 8.80 -1.53
#